data_4BWG
#
_entry.id   4BWG
#
_cell.length_a   59.212
_cell.length_b   81.712
_cell.length_c   227.791
_cell.angle_alpha   90.00
_cell.angle_beta   100.24
_cell.angle_gamma   90.00
#
_symmetry.space_group_name_H-M   'P 1 21 1'
#
loop_
_entity.id
_entity.type
_entity.pdbx_description
1 polymer SUBA
2 polymer 'SUBTILASE CYTOTOXIN, SUBUNIT B'
3 non-polymer GLYCEROL
4 non-polymer 'SULFATE ION'
5 water water
#
loop_
_entity_poly.entity_id
_entity_poly.type
_entity_poly.pdbx_seq_one_letter_code
_entity_poly.pdbx_strand_id
1 'polypeptide(L)'
;MLKILWTYILFLLFISASARAEKPWYFDAIGLTETTMSLTDKNTPVVVSVVDSGVAFIGGLSDSEFAKFSFTQDGSPFPV
KKSEALYIHGTAMASLIASRYGIYGVYPHALISSRRVIPDGVQDSWIRAIESIMSNVFLAPGEEKIINISGGQKGVASAS
VWTELLSRMGRNNDRLIVAAVGNDGADIRKLSAQQRIWPAAYHPVSSVNKKQDPVIRVAALAQYRKGETPVLHGGGITGS
RFGNNWVDIAAPGQNITFLRPDAKTGTGSGTSEATAIVSGVLAAMTSCNPRATATELKRTLLESADKYPSLVDKVTEGRV
LNAEKAISMFCKKNYIPVRQGRMSEEL
;
A,G
2 'polypeptide(L)'
;EWTGDARDGMFSGVVITQFHTGQIDNKPYFCIEGKQSAGSSISACSMKNSSVWGASFSTLYNQALYFYTTGQPVRIYYEP
GVWTYPPFVKALTSNALVGLSTCTTSTECFGPDRKKNSLE
;
B,C,D,E,F,H,I,J,K,L
#
loop_
_chem_comp.id
_chem_comp.type
_chem_comp.name
_chem_comp.formula
GOL non-polymer GLYCEROL 'C3 H8 O3'
SO4 non-polymer 'SULFATE ION' 'O4 S -2'
#
# COMPACT_ATOMS: atom_id res chain seq x y z
N LYS A 23 4.93 24.80 -14.60
CA LYS A 23 4.09 25.08 -13.44
C LYS A 23 2.71 25.57 -13.91
N PRO A 24 1.59 25.42 -13.14
CA PRO A 24 0.29 25.88 -13.65
C PRO A 24 0.02 27.37 -13.48
N TRP A 25 -0.82 27.93 -14.36
CA TRP A 25 -1.13 29.37 -14.40
C TRP A 25 -1.60 29.93 -13.04
N TYR A 26 -2.41 29.16 -12.29
CA TYR A 26 -3.02 29.62 -11.06
C TYR A 26 -2.03 29.84 -9.92
N PHE A 27 -0.79 29.31 -10.03
CA PHE A 27 0.25 29.52 -9.02
C PHE A 27 0.64 30.99 -8.95
N ASP A 28 0.77 31.69 -10.09
CA ASP A 28 1.10 33.11 -10.08
C ASP A 28 -0.12 33.96 -9.71
N ALA A 29 -1.30 33.59 -10.24
CA ALA A 29 -2.57 34.28 -10.01
C ALA A 29 -2.96 34.40 -8.51
N ILE A 30 -2.65 33.35 -7.71
CA ILE A 30 -2.96 33.32 -6.27
C ILE A 30 -1.69 33.56 -5.43
N GLY A 31 -0.54 33.65 -6.10
CA GLY A 31 0.75 33.92 -5.47
C GLY A 31 1.33 32.79 -4.63
N LEU A 32 1.50 31.59 -5.21
CA LEU A 32 2.13 30.47 -4.54
C LEU A 32 3.61 30.54 -4.81
N THR A 33 4.22 31.63 -4.39
CA THR A 33 5.64 31.95 -4.61
C THR A 33 6.52 31.05 -3.75
N GLU A 34 7.83 31.00 -4.10
CA GLU A 34 8.87 30.26 -3.39
C GLU A 34 8.95 30.72 -1.95
N THR A 35 8.91 32.07 -1.72
CA THR A 35 9.01 32.67 -0.39
C THR A 35 7.79 32.32 0.47
N THR A 36 6.56 32.46 -0.06
CA THR A 36 5.33 32.10 0.66
C THR A 36 5.36 30.66 1.16
N MET A 37 5.69 29.74 0.24
CA MET A 37 5.76 28.32 0.49
C MET A 37 6.89 27.96 1.42
N SER A 38 7.93 28.80 1.47
CA SER A 38 9.05 28.56 2.39
C SER A 38 8.67 28.81 3.87
N LEU A 39 7.51 29.44 4.12
CA LEU A 39 7.01 29.80 5.46
C LEU A 39 6.39 28.64 6.21
N THR A 40 5.84 27.66 5.46
CA THR A 40 5.18 26.45 5.93
C THR A 40 6.17 25.54 6.71
N ASP A 41 5.67 24.82 7.73
CA ASP A 41 6.40 23.91 8.59
C ASP A 41 6.36 22.49 8.03
N LYS A 42 7.56 21.94 7.72
CA LYS A 42 7.73 20.60 7.15
C LYS A 42 7.34 19.50 8.15
N ASN A 43 7.52 19.75 9.44
CA ASN A 43 7.34 18.76 10.50
C ASN A 43 5.92 18.40 10.80
N THR A 44 4.99 19.30 10.51
CA THR A 44 3.58 19.10 10.84
C THR A 44 2.92 18.05 9.95
N PRO A 45 2.42 16.92 10.53
CA PRO A 45 1.62 15.98 9.74
C PRO A 45 0.31 16.64 9.28
N VAL A 46 0.19 16.85 7.99
CA VAL A 46 -1.01 17.51 7.40
C VAL A 46 -1.66 16.53 6.47
N VAL A 47 -2.93 16.19 6.72
CA VAL A 47 -3.67 15.22 5.92
C VAL A 47 -4.97 15.84 5.49
N VAL A 48 -5.19 15.93 4.18
CA VAL A 48 -6.47 16.47 3.71
C VAL A 48 -7.39 15.30 3.44
N SER A 49 -8.65 15.46 3.89
CA SER A 49 -9.73 14.50 3.67
C SER A 49 -10.35 14.75 2.31
N VAL A 50 -10.16 13.81 1.40
CA VAL A 50 -10.72 13.98 0.06
C VAL A 50 -11.99 13.11 0.03
N VAL A 51 -13.13 13.73 0.32
CA VAL A 51 -14.45 13.05 0.36
C VAL A 51 -14.98 13.17 -1.08
N ASP A 52 -14.86 12.06 -1.82
CA ASP A 52 -15.09 12.01 -3.25
C ASP A 52 -15.36 10.55 -3.77
N SER A 53 -14.93 10.28 -5.01
CA SER A 53 -15.11 9.02 -5.74
C SER A 53 -13.95 8.03 -5.64
N GLY A 54 -13.01 8.29 -4.73
CA GLY A 54 -11.90 7.40 -4.48
C GLY A 54 -10.68 7.94 -5.17
N VAL A 55 -9.52 7.75 -4.55
CA VAL A 55 -8.25 8.22 -5.07
C VAL A 55 -7.39 7.04 -5.46
N ALA A 56 -6.78 7.14 -6.67
CA ALA A 56 -5.77 6.23 -7.21
C ALA A 56 -4.41 6.85 -6.85
N PHE A 57 -3.70 6.24 -5.90
CA PHE A 57 -2.42 6.79 -5.42
C PHE A 57 -1.34 6.32 -6.36
N ILE A 58 -1.29 7.02 -7.50
CA ILE A 58 -0.41 6.75 -8.64
C ILE A 58 0.34 7.98 -9.02
N GLY A 59 1.43 7.82 -9.78
CA GLY A 59 2.26 8.92 -10.30
C GLY A 59 2.69 9.86 -9.19
N GLY A 60 2.33 11.14 -9.31
CA GLY A 60 2.62 12.17 -8.32
C GLY A 60 1.94 11.99 -6.98
N LEU A 61 0.91 11.12 -6.90
CA LEU A 61 0.13 10.79 -5.69
C LEU A 61 0.60 9.46 -5.10
N SER A 62 1.61 8.81 -5.70
CA SER A 62 2.09 7.50 -5.25
C SER A 62 2.64 7.52 -3.84
N ASP A 63 3.17 8.65 -3.33
CA ASP A 63 3.68 8.72 -1.95
C ASP A 63 2.70 9.46 -1.01
N SER A 64 1.55 9.91 -1.54
CA SER A 64 0.58 10.76 -0.84
C SER A 64 -0.44 10.04 0.06
N GLU A 65 -0.48 8.72 0.09
CA GLU A 65 -1.50 8.06 0.91
C GLU A 65 -1.20 8.07 2.40
N PHE A 66 -2.24 8.39 3.19
CA PHE A 66 -2.32 8.34 4.64
C PHE A 66 -3.31 7.24 5.05
N ALA A 67 -4.50 7.21 4.39
CA ALA A 67 -5.58 6.27 4.67
C ALA A 67 -6.56 6.29 3.55
N LYS A 68 -7.28 5.15 3.36
CA LYS A 68 -8.33 5.01 2.37
C LYS A 68 -9.54 4.31 3.00
N PHE A 69 -10.76 4.82 2.69
CA PHE A 69 -12.05 4.37 3.20
C PHE A 69 -13.07 4.16 2.09
N SER A 70 -14.09 3.33 2.38
CA SER A 70 -15.20 3.11 1.47
C SER A 70 -16.52 3.28 2.20
N PHE A 71 -17.39 4.14 1.65
CA PHE A 71 -18.75 4.36 2.13
C PHE A 71 -19.67 4.05 0.93
N THR A 72 -19.32 2.98 0.25
CA THR A 72 -20.01 2.51 -0.95
C THR A 72 -20.34 1.05 -0.78
N GLN A 73 -21.45 0.63 -1.40
CA GLN A 73 -22.00 -0.71 -1.33
C GLN A 73 -21.04 -1.82 -1.82
N ASP A 74 -20.11 -1.51 -2.73
CA ASP A 74 -19.13 -2.45 -3.29
C ASP A 74 -17.97 -2.73 -2.32
N GLY A 75 -17.75 -1.79 -1.39
CA GLY A 75 -16.75 -1.87 -0.34
C GLY A 75 -15.33 -1.47 -0.68
N SER A 76 -15.06 -1.12 -1.94
CA SER A 76 -13.77 -0.73 -2.47
C SER A 76 -13.44 0.71 -2.19
N PRO A 77 -12.22 0.98 -1.69
CA PRO A 77 -11.81 2.39 -1.50
C PRO A 77 -11.29 3.06 -2.78
N PHE A 78 -11.08 2.24 -3.85
N PHE A 78 -11.14 2.26 -3.85
CA PHE A 78 -10.56 2.61 -5.17
CA PHE A 78 -10.62 2.70 -5.13
C PHE A 78 -11.71 3.04 -6.11
C PHE A 78 -11.74 3.08 -6.09
N PRO A 79 -11.52 4.04 -7.02
CA PRO A 79 -12.62 4.45 -7.92
C PRO A 79 -13.06 3.34 -8.90
N VAL A 80 -14.28 3.46 -9.41
CA VAL A 80 -14.83 2.48 -10.36
C VAL A 80 -15.10 3.17 -11.72
N LYS A 81 -15.09 2.36 -12.81
CA LYS A 81 -15.27 2.86 -14.18
C LYS A 81 -16.77 2.97 -14.59
N LYS A 82 -17.71 3.27 -13.64
CA LYS A 82 -19.15 3.52 -13.93
C LYS A 82 -19.26 4.62 -15.01
N SER A 83 -18.56 5.75 -14.81
CA SER A 83 -18.41 6.84 -15.74
C SER A 83 -16.97 7.30 -15.66
N GLU A 84 -16.40 7.82 -16.76
CA GLU A 84 -15.02 8.33 -16.76
C GLU A 84 -14.89 9.48 -15.76
N ALA A 85 -15.89 10.38 -15.71
CA ALA A 85 -15.93 11.50 -14.76
C ALA A 85 -15.79 11.01 -13.33
N LEU A 86 -16.50 9.94 -12.95
CA LEU A 86 -16.44 9.41 -11.58
C LEU A 86 -15.21 8.60 -11.30
N TYR A 87 -14.65 7.99 -12.33
CA TYR A 87 -13.43 7.21 -12.15
C TYR A 87 -12.28 8.16 -11.83
N ILE A 88 -12.24 9.32 -12.51
CA ILE A 88 -11.13 10.26 -12.41
C ILE A 88 -11.28 11.31 -11.34
N HIS A 89 -12.52 11.58 -10.87
CA HIS A 89 -12.80 12.68 -9.98
C HIS A 89 -11.94 12.79 -8.69
N GLY A 90 -11.91 11.74 -7.86
CA GLY A 90 -11.12 11.73 -6.62
C GLY A 90 -9.64 11.93 -6.83
N THR A 91 -9.05 11.28 -7.85
CA THR A 91 -7.63 11.35 -8.21
C THR A 91 -7.30 12.76 -8.67
N ALA A 92 -8.12 13.33 -9.57
CA ALA A 92 -8.00 14.71 -10.06
C ALA A 92 -7.88 15.70 -8.87
N MET A 93 -8.84 15.65 -7.93
CA MET A 93 -8.93 16.52 -6.76
C MET A 93 -7.73 16.39 -5.84
N ALA A 94 -7.31 15.16 -5.51
CA ALA A 94 -6.15 14.88 -4.66
C ALA A 94 -4.84 15.38 -5.33
N SER A 95 -4.74 15.30 -6.68
CA SER A 95 -3.56 15.71 -7.38
C SER A 95 -3.36 17.25 -7.33
N LEU A 96 -4.45 18.03 -7.35
CA LEU A 96 -4.43 19.49 -7.24
C LEU A 96 -4.00 19.94 -5.86
N ILE A 97 -4.29 19.10 -4.86
CA ILE A 97 -3.99 19.38 -3.49
C ILE A 97 -2.52 19.06 -3.17
N ALA A 98 -2.06 17.84 -3.46
CA ALA A 98 -0.80 17.38 -2.94
C ALA A 98 0.14 16.64 -3.92
N SER A 99 -0.10 16.63 -5.24
CA SER A 99 0.79 15.88 -6.17
C SER A 99 2.23 16.43 -6.10
N ARG A 100 3.21 15.51 -6.03
CA ARG A 100 4.63 15.81 -5.82
C ARG A 100 5.44 15.92 -7.12
N TYR A 101 4.94 15.35 -8.22
CA TYR A 101 5.54 15.43 -9.55
C TYR A 101 4.46 15.19 -10.58
N GLY A 102 4.69 15.70 -11.78
CA GLY A 102 3.71 15.67 -12.87
C GLY A 102 2.84 16.89 -12.66
N ILE A 103 1.68 16.70 -12.00
CA ILE A 103 0.83 17.82 -11.63
C ILE A 103 1.48 18.52 -10.41
N TYR A 104 1.33 19.84 -10.35
CA TYR A 104 1.83 20.64 -9.25
C TYR A 104 0.74 20.83 -8.21
N GLY A 105 0.83 20.05 -7.11
CA GLY A 105 -0.07 20.17 -5.97
C GLY A 105 0.18 21.48 -5.25
N VAL A 106 -0.86 22.09 -4.67
CA VAL A 106 -0.74 23.39 -3.99
C VAL A 106 0.17 23.24 -2.77
N TYR A 107 0.00 22.12 -2.03
CA TYR A 107 0.79 21.78 -0.86
C TYR A 107 1.33 20.36 -1.00
N PRO A 108 2.39 20.13 -1.77
CA PRO A 108 2.86 18.75 -1.99
C PRO A 108 3.27 17.98 -0.71
N HIS A 109 3.54 18.66 0.43
CA HIS A 109 3.92 17.96 1.67
C HIS A 109 2.75 17.29 2.35
N ALA A 110 1.52 17.67 1.99
CA ALA A 110 0.31 17.11 2.55
C ALA A 110 0.12 15.67 2.11
N LEU A 111 -0.50 14.87 3.00
CA LEU A 111 -0.90 13.51 2.67
C LEU A 111 -2.39 13.56 2.43
N ILE A 112 -2.95 12.49 1.87
CA ILE A 112 -4.36 12.47 1.50
C ILE A 112 -5.02 11.30 2.17
N SER A 113 -6.19 11.55 2.77
CA SER A 113 -7.05 10.52 3.34
C SER A 113 -8.25 10.39 2.39
N SER A 114 -8.34 9.31 1.63
CA SER A 114 -9.44 9.13 0.67
C SER A 114 -10.64 8.46 1.32
N ARG A 115 -11.81 9.12 1.22
CA ARG A 115 -13.11 8.63 1.72
C ARG A 115 -14.07 8.55 0.55
N ARG A 116 -14.18 7.37 -0.03
CA ARG A 116 -15.00 7.16 -1.22
C ARG A 116 -16.49 7.06 -0.82
N VAL A 117 -17.30 8.05 -1.26
CA VAL A 117 -18.73 8.18 -0.98
C VAL A 117 -19.60 7.89 -2.23
N ILE A 118 -19.01 7.90 -3.45
CA ILE A 118 -19.73 7.76 -4.71
C ILE A 118 -18.91 7.02 -5.76
N PRO A 119 -19.52 6.45 -6.84
CA PRO A 119 -20.95 6.15 -6.99
C PRO A 119 -21.26 4.88 -6.19
N ASP A 120 -22.53 4.42 -6.20
CA ASP A 120 -22.94 3.21 -5.49
C ASP A 120 -22.66 3.41 -4.00
N GLY A 121 -22.90 4.64 -3.52
CA GLY A 121 -22.73 4.99 -2.12
C GLY A 121 -23.74 4.30 -1.23
N VAL A 122 -23.38 4.10 0.04
CA VAL A 122 -24.31 3.55 1.02
C VAL A 122 -25.36 4.65 1.34
N GLN A 123 -26.37 4.35 2.17
CA GLN A 123 -27.35 5.38 2.54
C GLN A 123 -26.62 6.51 3.27
N ASP A 124 -26.80 7.75 2.76
CA ASP A 124 -26.21 8.99 3.26
C ASP A 124 -24.71 8.83 3.37
N SER A 125 -24.10 8.35 2.28
CA SER A 125 -22.67 8.08 2.20
C SER A 125 -21.88 9.31 2.62
N TRP A 126 -22.27 10.52 2.13
CA TRP A 126 -21.59 11.79 2.48
C TRP A 126 -21.57 12.04 3.99
N ILE A 127 -22.71 11.83 4.69
CA ILE A 127 -22.89 11.97 6.13
C ILE A 127 -21.98 10.99 6.87
N ARG A 128 -22.02 9.69 6.49
CA ARG A 128 -21.24 8.62 7.13
C ARG A 128 -19.75 8.91 7.11
N ALA A 129 -19.24 9.49 6.00
CA ALA A 129 -17.83 9.86 5.81
C ALA A 129 -17.47 11.00 6.73
N ILE A 130 -18.34 12.02 6.85
CA ILE A 130 -18.05 13.15 7.73
C ILE A 130 -18.14 12.69 9.17
N GLU A 131 -19.08 11.79 9.50
CA GLU A 131 -19.22 11.23 10.84
C GLU A 131 -17.99 10.40 11.23
N SER A 132 -17.36 9.71 10.25
CA SER A 132 -16.15 8.92 10.48
C SER A 132 -14.95 9.85 10.74
N ILE A 133 -14.86 10.99 9.98
CA ILE A 133 -13.84 12.03 10.18
C ILE A 133 -13.96 12.54 11.62
N MET A 134 -15.20 12.89 12.04
CA MET A 134 -15.54 13.46 13.33
C MET A 134 -15.40 12.47 14.50
N SER A 135 -15.08 11.19 14.23
CA SER A 135 -14.90 10.20 15.31
C SER A 135 -13.47 10.31 15.87
N ASN A 136 -12.66 11.21 15.30
CA ASN A 136 -11.30 11.58 15.70
C ASN A 136 -10.42 10.36 16.15
N VAL A 137 -10.21 9.39 15.24
CA VAL A 137 -9.38 8.19 15.43
C VAL A 137 -7.89 8.62 15.37
N PHE A 138 -7.56 9.56 14.47
CA PHE A 138 -6.23 10.14 14.25
C PHE A 138 -6.01 11.24 15.24
N LEU A 139 -4.95 11.15 16.03
CA LEU A 139 -4.68 12.10 17.12
C LEU A 139 -4.09 13.43 16.71
N ALA A 140 -3.22 13.47 15.66
CA ALA A 140 -2.55 14.70 15.27
C ALA A 140 -3.56 15.77 14.86
N PRO A 141 -3.40 17.02 15.37
CA PRO A 141 -4.36 18.09 15.03
C PRO A 141 -4.56 18.34 13.49
N GLY A 142 -3.51 18.16 12.67
CA GLY A 142 -3.58 18.38 11.22
C GLY A 142 -4.01 17.22 10.34
N GLU A 143 -4.45 16.13 10.95
CA GLU A 143 -4.93 14.96 10.22
C GLU A 143 -6.44 15.08 10.07
N GLU A 144 -6.88 15.39 8.83
CA GLU A 144 -8.29 15.58 8.42
C GLU A 144 -8.93 16.80 9.11
N LYS A 145 -8.13 17.87 9.31
CA LYS A 145 -8.57 19.15 9.83
C LYS A 145 -9.28 19.88 8.69
N ILE A 146 -8.82 19.62 7.45
CA ILE A 146 -9.34 20.18 6.20
C ILE A 146 -9.99 19.05 5.43
N ILE A 147 -11.31 19.23 5.17
CA ILE A 147 -12.12 18.24 4.48
C ILE A 147 -12.55 18.83 3.15
N ASN A 148 -12.05 18.26 2.05
CA ASN A 148 -12.36 18.73 0.72
C ASN A 148 -13.58 17.98 0.17
N ILE A 149 -14.66 18.70 -0.15
CA ILE A 149 -15.88 18.12 -0.74
C ILE A 149 -16.10 18.82 -2.09
N SER A 150 -15.44 18.33 -3.12
CA SER A 150 -15.52 18.87 -4.48
C SER A 150 -16.79 18.35 -5.15
N GLY A 151 -17.92 18.66 -4.51
CA GLY A 151 -19.23 18.23 -4.94
C GLY A 151 -20.17 18.17 -3.78
N GLY A 152 -20.89 17.07 -3.68
CA GLY A 152 -21.86 16.89 -2.62
C GLY A 152 -23.18 16.35 -3.06
N GLN A 153 -24.19 16.58 -2.24
CA GLN A 153 -25.55 16.07 -2.37
C GLN A 153 -26.62 17.11 -2.76
N LYS A 154 -27.37 16.82 -3.83
CA LYS A 154 -28.56 17.53 -4.31
C LYS A 154 -29.76 16.71 -3.85
N GLY A 155 -30.97 17.29 -3.91
CA GLY A 155 -32.20 16.60 -3.52
C GLY A 155 -32.40 16.42 -2.03
N VAL A 156 -31.77 17.31 -1.23
CA VAL A 156 -31.87 17.29 0.22
C VAL A 156 -33.21 17.90 0.62
N ALA A 157 -34.07 17.11 1.25
CA ALA A 157 -35.40 17.55 1.66
C ALA A 157 -35.47 17.76 3.17
N SER A 158 -34.83 16.86 3.94
CA SER A 158 -34.83 16.94 5.40
C SER A 158 -33.94 18.07 5.87
N ALA A 159 -32.67 18.05 5.41
CA ALA A 159 -31.60 19.00 5.77
C ALA A 159 -31.29 18.99 7.29
N SER A 160 -32.13 18.28 8.07
CA SER A 160 -32.03 18.10 9.51
C SER A 160 -30.70 17.38 9.89
N VAL A 161 -30.32 16.35 9.10
CA VAL A 161 -29.11 15.54 9.29
C VAL A 161 -27.85 16.38 9.11
N TRP A 162 -27.77 17.11 7.97
CA TRP A 162 -26.68 17.97 7.61
C TRP A 162 -26.50 19.09 8.61
N THR A 163 -27.57 19.83 8.92
CA THR A 163 -27.53 20.97 9.84
C THR A 163 -27.11 20.54 11.27
N GLU A 164 -27.56 19.37 11.75
CA GLU A 164 -27.21 18.91 13.10
C GLU A 164 -25.72 18.51 13.18
N LEU A 165 -25.17 18.01 12.08
CA LEU A 165 -23.76 17.60 11.98
C LEU A 165 -22.85 18.82 11.79
N LEU A 166 -23.25 19.74 10.92
CA LEU A 166 -22.46 20.93 10.63
C LEU A 166 -22.45 21.91 11.79
N SER A 167 -23.53 21.96 12.60
CA SER A 167 -23.59 22.86 13.77
C SER A 167 -22.68 22.35 14.90
N ARG A 168 -22.61 21.01 15.09
CA ARG A 168 -21.74 20.29 16.04
C ARG A 168 -20.29 20.53 15.69
N MET A 169 -19.97 20.52 14.38
CA MET A 169 -18.62 20.75 13.87
C MET A 169 -18.17 22.18 14.14
N GLY A 170 -19.08 23.14 13.99
CA GLY A 170 -18.79 24.54 14.27
C GLY A 170 -18.61 24.79 15.76
N ARG A 171 -19.39 24.06 16.61
CA ARG A 171 -19.28 24.19 18.07
C ARG A 171 -17.97 23.57 18.54
N ASN A 172 -17.53 22.47 17.90
CA ASN A 172 -16.27 21.81 18.24
C ASN A 172 -15.07 22.62 17.76
N ASN A 173 -15.28 23.51 16.77
CA ASN A 173 -14.36 24.50 16.19
C ASN A 173 -12.97 23.93 15.81
N ASP A 174 -12.88 22.69 15.34
CA ASP A 174 -11.53 22.23 15.01
C ASP A 174 -11.32 21.95 13.49
N ARG A 175 -12.38 21.52 12.74
CA ARG A 175 -12.32 21.17 11.33
C ARG A 175 -13.08 22.15 10.44
N LEU A 176 -12.63 22.20 9.17
CA LEU A 176 -13.22 23.01 8.11
C LEU A 176 -13.62 22.16 6.93
N ILE A 177 -14.81 22.41 6.39
CA ILE A 177 -15.27 21.73 5.20
C ILE A 177 -15.14 22.70 4.06
N VAL A 178 -14.38 22.31 3.03
CA VAL A 178 -14.22 23.15 1.84
C VAL A 178 -15.15 22.52 0.85
N ALA A 179 -16.23 23.24 0.54
CA ALA A 179 -17.33 22.71 -0.28
C ALA A 179 -17.53 23.46 -1.60
N ALA A 180 -17.65 22.70 -2.70
CA ALA A 180 -18.00 23.22 -4.03
C ALA A 180 -19.48 23.61 -4.01
N VAL A 181 -19.79 24.81 -4.57
CA VAL A 181 -21.16 25.35 -4.67
C VAL A 181 -21.89 24.75 -5.90
N GLY A 182 -21.17 23.97 -6.70
CA GLY A 182 -21.70 23.29 -7.86
C GLY A 182 -21.60 24.09 -9.13
N ASN A 183 -21.64 23.36 -10.26
CA ASN A 183 -21.66 23.91 -11.63
C ASN A 183 -23.10 23.89 -12.12
N ASP A 184 -23.41 24.54 -13.28
CA ASP A 184 -24.69 24.71 -14.03
C ASP A 184 -24.95 26.20 -14.26
N GLY A 185 -24.08 27.05 -13.69
CA GLY A 185 -24.08 28.50 -13.81
C GLY A 185 -25.26 29.24 -13.23
N ALA A 186 -26.06 28.55 -12.39
CA ALA A 186 -27.29 29.01 -11.74
C ALA A 186 -27.06 29.97 -10.55
N ASP A 187 -27.98 30.92 -10.35
CA ASP A 187 -27.96 31.85 -9.23
C ASP A 187 -28.54 31.07 -8.06
N ILE A 188 -27.69 30.59 -7.12
CA ILE A 188 -28.08 29.77 -5.96
C ILE A 188 -29.30 30.39 -5.22
N ARG A 189 -29.42 31.73 -5.18
CA ARG A 189 -30.53 32.44 -4.53
C ARG A 189 -31.88 32.12 -5.21
N LYS A 190 -31.86 31.91 -6.54
CA LYS A 190 -33.05 31.61 -7.33
C LYS A 190 -33.29 30.11 -7.45
N LEU A 191 -32.37 29.26 -6.98
CA LEU A 191 -32.55 27.80 -7.05
C LEU A 191 -33.53 27.27 -6.01
N SER A 192 -34.17 26.15 -6.32
CA SER A 192 -35.05 25.44 -5.41
C SER A 192 -34.17 24.70 -4.42
N ALA A 193 -34.59 24.59 -3.15
CA ALA A 193 -33.86 23.89 -2.09
C ALA A 193 -33.33 22.53 -2.58
N GLN A 194 -34.18 21.77 -3.31
CA GLN A 194 -33.89 20.47 -3.90
C GLN A 194 -32.75 20.50 -4.96
N GLN A 195 -32.48 21.65 -5.61
CA GLN A 195 -31.47 21.75 -6.67
C GLN A 195 -30.11 22.20 -6.13
N ARG A 196 -30.07 22.66 -4.86
CA ARG A 196 -28.87 23.14 -4.16
C ARG A 196 -28.05 21.98 -3.59
N ILE A 197 -26.70 22.08 -3.74
CA ILE A 197 -25.70 21.10 -3.30
C ILE A 197 -25.31 21.32 -1.85
N TRP A 198 -25.27 20.20 -1.09
CA TRP A 198 -24.91 20.15 0.32
C TRP A 198 -23.51 19.54 0.43
N PRO A 199 -22.63 20.00 1.37
CA PRO A 199 -22.90 20.90 2.52
C PRO A 199 -22.87 22.40 2.21
N ALA A 200 -22.46 22.82 1.00
CA ALA A 200 -22.42 24.23 0.57
C ALA A 200 -23.74 24.97 0.81
N ALA A 201 -24.88 24.32 0.63
CA ALA A 201 -26.20 24.96 0.78
C ALA A 201 -26.51 25.27 2.24
N TYR A 202 -25.69 24.76 3.20
CA TYR A 202 -25.91 25.07 4.62
C TYR A 202 -26.07 26.58 4.77
N HIS A 203 -27.22 27.01 5.32
CA HIS A 203 -27.45 28.44 5.48
C HIS A 203 -27.71 28.72 6.98
N PRO A 204 -26.61 28.83 7.78
CA PRO A 204 -26.78 29.06 9.23
C PRO A 204 -27.68 30.24 9.51
N VAL A 205 -28.52 30.14 10.56
CA VAL A 205 -29.54 31.13 10.87
C VAL A 205 -29.14 32.13 12.00
N SER A 206 -28.82 31.62 13.21
CA SER A 206 -28.46 32.41 14.39
C SER A 206 -27.06 33.04 14.25
N SER A 207 -26.77 34.09 15.07
CA SER A 207 -25.48 34.80 15.10
C SER A 207 -24.37 33.82 15.51
N VAL A 208 -24.70 32.92 16.46
CA VAL A 208 -23.83 31.87 16.98
C VAL A 208 -23.44 30.92 15.84
N ASN A 209 -24.42 30.30 15.14
CA ASN A 209 -24.20 29.36 14.03
C ASN A 209 -23.56 30.00 12.78
N LYS A 210 -23.71 31.33 12.60
CA LYS A 210 -23.12 32.04 11.46
C LYS A 210 -21.61 32.24 11.67
N LYS A 211 -21.19 32.55 12.91
CA LYS A 211 -19.80 32.75 13.32
C LYS A 211 -19.04 31.42 13.43
N GLN A 212 -19.72 30.39 13.96
CA GLN A 212 -19.19 29.02 14.13
C GLN A 212 -19.15 28.20 12.80
N ASP A 213 -19.85 28.66 11.75
CA ASP A 213 -19.99 27.98 10.46
C ASP A 213 -18.66 27.33 9.98
N PRO A 214 -18.60 25.97 9.85
CA PRO A 214 -17.32 25.33 9.45
C PRO A 214 -17.17 25.15 7.92
N VAL A 215 -18.14 25.63 7.16
CA VAL A 215 -18.14 25.44 5.71
C VAL A 215 -17.57 26.68 5.01
N ILE A 216 -16.69 26.44 4.02
CA ILE A 216 -16.13 27.44 3.11
C ILE A 216 -16.66 27.09 1.70
N ARG A 217 -17.66 27.87 1.22
CA ARG A 217 -18.36 27.71 -0.06
C ARG A 217 -17.55 28.35 -1.17
N VAL A 218 -17.04 27.51 -2.11
CA VAL A 218 -16.11 27.94 -3.17
C VAL A 218 -16.76 27.92 -4.59
N ALA A 219 -16.66 29.08 -5.31
CA ALA A 219 -17.06 29.31 -6.70
C ALA A 219 -15.80 29.33 -7.60
N ALA A 220 -15.97 29.10 -8.93
CA ALA A 220 -14.87 29.02 -9.87
C ALA A 220 -14.63 30.32 -10.67
N LEU A 221 -13.36 30.73 -10.82
CA LEU A 221 -12.97 31.90 -11.60
C LEU A 221 -12.41 31.49 -12.95
N ALA A 222 -12.53 32.38 -13.95
CA ALA A 222 -11.95 32.11 -15.25
C ALA A 222 -10.47 32.46 -15.19
N GLN A 223 -9.64 31.94 -16.11
CA GLN A 223 -8.20 32.21 -16.14
C GLN A 223 -7.90 33.73 -16.15
N TYR A 224 -6.96 34.12 -15.31
CA TYR A 224 -6.51 35.50 -15.15
C TYR A 224 -5.04 35.51 -14.70
N ARG A 225 -4.45 36.72 -14.70
CA ARG A 225 -3.10 37.03 -14.24
C ARG A 225 -3.24 37.83 -12.94
N LYS A 226 -2.35 37.63 -11.92
CA LYS A 226 -2.44 38.41 -10.66
C LYS A 226 -2.49 39.91 -10.96
N GLY A 227 -3.48 40.61 -10.42
CA GLY A 227 -3.63 42.05 -10.59
C GLY A 227 -4.76 42.43 -11.50
N GLU A 228 -5.13 41.49 -12.40
CA GLU A 228 -6.22 41.59 -13.36
C GLU A 228 -7.50 41.26 -12.59
N THR A 229 -8.61 41.96 -12.91
CA THR A 229 -9.94 41.77 -12.29
C THR A 229 -10.54 40.39 -12.75
N PRO A 230 -10.60 39.36 -11.88
CA PRO A 230 -11.14 38.07 -12.31
C PRO A 230 -12.66 38.08 -12.42
N VAL A 231 -13.20 37.07 -13.12
CA VAL A 231 -14.64 36.91 -13.36
C VAL A 231 -14.97 35.48 -13.09
N LEU A 232 -16.25 35.17 -12.82
CA LEU A 232 -16.63 33.79 -12.58
C LEU A 232 -16.55 33.00 -13.86
N HIS A 233 -16.24 31.70 -13.76
CA HIS A 233 -16.22 30.86 -14.94
C HIS A 233 -17.65 30.61 -15.34
N GLY A 234 -17.94 30.84 -16.62
CA GLY A 234 -19.25 30.65 -17.21
C GLY A 234 -19.43 29.36 -17.98
N GLY A 235 -20.57 29.22 -18.65
CA GLY A 235 -20.88 28.01 -19.41
C GLY A 235 -22.06 27.25 -18.82
N GLY A 236 -22.80 26.56 -19.68
CA GLY A 236 -24.00 25.87 -19.25
C GLY A 236 -23.73 24.61 -18.47
N ILE A 237 -22.53 24.02 -18.68
CA ILE A 237 -22.18 22.75 -18.07
C ILE A 237 -21.18 22.94 -16.93
N THR A 238 -20.03 23.60 -17.19
CA THR A 238 -18.97 23.76 -16.17
C THR A 238 -19.05 25.14 -15.47
N GLY A 239 -20.02 25.94 -15.86
CA GLY A 239 -20.23 27.27 -15.29
C GLY A 239 -20.48 27.27 -13.80
N SER A 240 -19.76 28.12 -13.10
CA SER A 240 -19.92 28.24 -11.67
C SER A 240 -21.29 28.80 -11.26
N ARG A 241 -21.90 28.16 -10.23
CA ARG A 241 -23.09 28.68 -9.56
C ARG A 241 -22.62 29.87 -8.76
N PHE A 242 -23.50 30.83 -8.44
CA PHE A 242 -23.11 32.04 -7.73
C PHE A 242 -24.24 32.60 -6.90
N GLY A 243 -23.91 33.63 -6.13
CA GLY A 243 -24.86 34.38 -5.33
C GLY A 243 -24.29 34.82 -4.01
N ASN A 244 -24.43 36.13 -3.70
CA ASN A 244 -24.04 36.74 -2.44
C ASN A 244 -24.78 36.04 -1.29
N ASN A 245 -24.07 35.73 -0.18
CA ASN A 245 -24.55 35.05 1.04
C ASN A 245 -24.70 33.51 0.84
N TRP A 246 -24.28 32.95 -0.34
CA TRP A 246 -24.31 31.52 -0.67
C TRP A 246 -22.92 31.06 -1.16
N VAL A 247 -22.01 32.02 -1.43
CA VAL A 247 -20.63 31.79 -1.86
C VAL A 247 -19.71 32.66 -0.98
N ASP A 248 -18.75 32.03 -0.25
CA ASP A 248 -17.81 32.70 0.66
C ASP A 248 -16.57 33.25 -0.07
N ILE A 249 -16.01 32.47 -1.00
CA ILE A 249 -14.80 32.84 -1.73
C ILE A 249 -14.83 32.27 -3.16
N ALA A 250 -14.09 32.91 -4.08
CA ALA A 250 -13.93 32.45 -5.45
C ALA A 250 -12.46 32.13 -5.67
N ALA A 251 -12.19 30.99 -6.34
CA ALA A 251 -10.82 30.55 -6.57
C ALA A 251 -10.67 30.03 -8.00
N PRO A 252 -9.42 29.91 -8.55
CA PRO A 252 -9.26 29.43 -9.95
C PRO A 252 -10.03 28.14 -10.28
N GLY A 253 -10.77 28.16 -11.38
CA GLY A 253 -11.52 26.98 -11.80
C GLY A 253 -11.75 26.91 -13.29
N GLN A 254 -10.69 27.17 -14.07
CA GLN A 254 -10.73 27.10 -15.53
C GLN A 254 -9.36 26.70 -16.05
N ASN A 255 -9.31 25.86 -17.11
CA ASN A 255 -8.08 25.36 -17.76
C ASN A 255 -7.09 24.81 -16.69
N ILE A 256 -7.58 23.86 -15.88
CA ILE A 256 -6.89 23.22 -14.77
C ILE A 256 -6.48 21.78 -15.14
N THR A 257 -5.16 21.53 -15.13
CA THR A 257 -4.55 20.25 -15.44
C THR A 257 -4.54 19.42 -14.14
N PHE A 258 -5.05 18.21 -14.20
CA PHE A 258 -5.15 17.30 -13.05
C PHE A 258 -4.71 15.89 -13.46
N LEU A 259 -4.50 14.99 -12.49
CA LEU A 259 -4.06 13.62 -12.74
C LEU A 259 -5.25 12.68 -12.90
N ARG A 260 -5.08 11.65 -13.75
CA ARG A 260 -6.07 10.61 -14.01
C ARG A 260 -5.51 9.28 -13.48
N PRO A 261 -6.37 8.28 -13.07
CA PRO A 261 -5.83 6.99 -12.56
C PRO A 261 -4.87 6.24 -13.53
N ASP A 262 -5.04 6.44 -14.86
CA ASP A 262 -4.19 5.83 -15.88
C ASP A 262 -2.80 6.49 -15.95
N ALA A 263 -2.55 7.52 -15.10
CA ALA A 263 -1.34 8.33 -14.98
C ALA A 263 -1.25 9.42 -16.06
N LYS A 264 -2.22 9.53 -16.95
CA LYS A 264 -2.17 10.62 -17.90
C LYS A 264 -2.82 11.82 -17.23
N THR A 265 -2.76 12.98 -17.88
CA THR A 265 -3.36 14.18 -17.35
C THR A 265 -4.60 14.56 -18.16
N GLY A 266 -5.46 15.34 -17.52
CA GLY A 266 -6.67 15.90 -18.08
C GLY A 266 -6.73 17.37 -17.75
N THR A 267 -7.64 18.07 -18.39
CA THR A 267 -7.83 19.51 -18.22
C THR A 267 -9.31 19.73 -17.96
N GLY A 268 -9.61 20.54 -16.97
CA GLY A 268 -10.99 20.79 -16.61
C GLY A 268 -11.21 22.14 -15.97
N SER A 269 -12.48 22.52 -15.88
CA SER A 269 -13.02 23.74 -15.31
C SER A 269 -14.12 23.40 -14.33
N GLY A 270 -14.45 24.35 -13.46
CA GLY A 270 -15.52 24.13 -12.50
C GLY A 270 -15.16 24.33 -11.04
N THR A 271 -16.19 24.33 -10.19
CA THR A 271 -16.10 24.56 -8.76
C THR A 271 -15.33 23.42 -8.03
N SER A 272 -15.22 22.21 -8.62
CA SER A 272 -14.51 21.06 -8.03
C SER A 272 -13.03 21.38 -7.89
N GLU A 273 -12.44 21.87 -9.00
CA GLU A 273 -11.05 22.31 -9.16
C GLU A 273 -10.76 23.43 -8.18
N ALA A 274 -11.60 24.49 -8.18
CA ALA A 274 -11.52 25.67 -7.31
C ALA A 274 -11.49 25.30 -5.85
N THR A 275 -12.34 24.32 -5.42
CA THR A 275 -12.42 23.78 -4.03
C THR A 275 -11.10 23.11 -3.67
N ALA A 276 -10.56 22.25 -4.58
CA ALA A 276 -9.31 21.55 -4.34
C ALA A 276 -8.14 22.53 -4.14
N ILE A 277 -8.13 23.63 -4.88
CA ILE A 277 -7.09 24.66 -4.76
C ILE A 277 -7.20 25.38 -3.37
N VAL A 278 -8.43 25.75 -2.92
CA VAL A 278 -8.65 26.34 -1.59
C VAL A 278 -8.19 25.34 -0.49
N SER A 279 -8.59 24.07 -0.61
CA SER A 279 -8.19 23.03 0.35
C SER A 279 -6.64 22.95 0.49
N GLY A 280 -5.90 23.05 -0.61
CA GLY A 280 -4.45 23.03 -0.64
C GLY A 280 -3.86 24.23 0.07
N VAL A 281 -4.46 25.42 -0.15
CA VAL A 281 -4.02 26.67 0.48
C VAL A 281 -4.17 26.52 1.99
N LEU A 282 -5.36 26.10 2.46
CA LEU A 282 -5.67 25.85 3.89
C LEU A 282 -4.76 24.84 4.52
N ALA A 283 -4.40 23.75 3.76
CA ALA A 283 -3.45 22.69 4.21
C ALA A 283 -2.09 23.29 4.51
N ALA A 284 -1.60 24.15 3.57
CA ALA A 284 -0.34 24.90 3.72
C ALA A 284 -0.37 25.78 4.97
N MET A 285 -1.52 26.41 5.26
CA MET A 285 -1.71 27.28 6.43
C MET A 285 -1.67 26.43 7.68
N THR A 286 -2.47 25.36 7.70
CA THR A 286 -2.55 24.39 8.79
C THR A 286 -1.13 23.96 9.28
N SER A 287 -0.17 23.75 8.37
CA SER A 287 1.17 23.30 8.73
C SER A 287 1.87 24.25 9.73
N CYS A 288 1.55 25.54 9.67
CA CYS A 288 2.14 26.54 10.54
C CYS A 288 1.64 26.47 12.00
N ASN A 289 0.45 25.93 12.24
CA ASN A 289 -0.17 25.73 13.56
C ASN A 289 -1.50 24.99 13.39
N PRO A 290 -1.47 23.63 13.42
CA PRO A 290 -2.73 22.88 13.30
C PRO A 290 -3.57 22.93 14.58
N ARG A 291 -3.09 23.60 15.63
CA ARG A 291 -3.83 23.73 16.90
C ARG A 291 -4.77 24.91 16.86
N ALA A 292 -4.57 25.80 15.85
CA ALA A 292 -5.43 26.95 15.60
C ALA A 292 -6.85 26.47 15.29
N THR A 293 -7.87 27.18 15.78
CA THR A 293 -9.26 26.80 15.56
C THR A 293 -9.66 26.97 14.07
N ALA A 294 -10.81 26.36 13.67
CA ALA A 294 -11.40 26.47 12.34
C ALA A 294 -11.75 27.93 12.05
N THR A 295 -12.23 28.66 13.08
CA THR A 295 -12.56 30.08 13.04
C THR A 295 -11.30 30.90 12.73
N GLU A 296 -10.15 30.58 13.36
CA GLU A 296 -8.90 31.29 13.11
C GLU A 296 -8.46 31.16 11.65
N LEU A 297 -8.49 29.94 11.09
CA LEU A 297 -8.08 29.69 9.71
C LEU A 297 -9.05 30.24 8.70
N LYS A 298 -10.37 30.12 8.94
CA LYS A 298 -11.40 30.62 8.03
C LYS A 298 -11.34 32.15 7.99
N ARG A 299 -11.22 32.81 9.15
CA ARG A 299 -11.13 34.26 9.22
C ARG A 299 -9.87 34.76 8.55
N THR A 300 -8.74 33.99 8.58
CA THR A 300 -7.51 34.45 7.96
C THR A 300 -7.64 34.36 6.44
N LEU A 301 -8.10 33.21 5.91
CA LEU A 301 -8.30 32.93 4.49
C LEU A 301 -9.18 33.97 3.81
N LEU A 302 -10.34 34.28 4.43
CA LEU A 302 -11.35 35.20 3.91
C LEU A 302 -10.94 36.66 4.09
N GLU A 303 -10.32 37.05 5.24
CA GLU A 303 -9.86 38.43 5.48
C GLU A 303 -8.70 38.78 4.59
N SER A 304 -7.86 37.78 4.22
CA SER A 304 -6.71 37.95 3.34
C SER A 304 -7.12 37.93 1.87
N ALA A 305 -8.40 37.58 1.59
CA ALA A 305 -8.90 37.52 0.23
C ALA A 305 -9.05 38.91 -0.34
N ASP A 306 -8.72 39.03 -1.62
CA ASP A 306 -8.88 40.24 -2.40
C ASP A 306 -10.36 40.46 -2.59
N LYS A 307 -10.84 41.71 -2.44
CA LYS A 307 -12.25 42.07 -2.56
C LYS A 307 -12.42 42.93 -3.77
N TYR A 308 -13.22 42.43 -4.74
CA TYR A 308 -13.50 43.13 -6.00
C TYR A 308 -14.94 43.65 -6.05
N PRO A 309 -15.13 44.92 -6.50
CA PRO A 309 -16.49 45.49 -6.58
C PRO A 309 -17.38 44.76 -7.58
N SER A 310 -16.79 44.30 -8.69
CA SER A 310 -17.46 43.59 -9.78
C SER A 310 -17.96 42.18 -9.40
N LEU A 311 -17.44 41.58 -8.30
CA LEU A 311 -17.84 40.22 -7.93
C LEU A 311 -18.69 40.18 -6.65
N VAL A 312 -19.19 41.32 -6.19
CA VAL A 312 -19.98 41.43 -4.96
C VAL A 312 -21.34 40.67 -5.08
N ASP A 313 -22.06 40.79 -6.22
CA ASP A 313 -23.35 40.10 -6.41
C ASP A 313 -23.18 38.56 -6.47
N LYS A 314 -22.02 38.10 -6.96
CA LYS A 314 -21.73 36.70 -7.17
C LYS A 314 -21.13 36.01 -5.92
N VAL A 315 -20.17 36.66 -5.23
CA VAL A 315 -19.47 36.14 -4.03
C VAL A 315 -19.66 37.11 -2.85
N THR A 316 -19.88 36.58 -1.61
CA THR A 316 -20.00 37.41 -0.40
C THR A 316 -18.75 38.28 -0.28
N GLU A 317 -18.94 39.61 -0.32
CA GLU A 317 -17.91 40.65 -0.28
C GLU A 317 -16.94 40.58 -1.48
N GLY A 318 -17.27 39.83 -2.52
CA GLY A 318 -16.49 39.72 -3.76
C GLY A 318 -15.07 39.22 -3.57
N ARG A 319 -14.93 38.20 -2.73
CA ARG A 319 -13.68 37.60 -2.32
C ARG A 319 -13.04 36.69 -3.36
N VAL A 320 -11.72 36.85 -3.55
CA VAL A 320 -10.90 36.07 -4.46
C VAL A 320 -9.67 35.58 -3.68
N LEU A 321 -9.43 34.26 -3.76
CA LEU A 321 -8.33 33.58 -3.08
C LEU A 321 -6.97 34.26 -3.32
N ASN A 322 -6.35 34.75 -2.22
CA ASN A 322 -4.99 35.26 -2.22
C ASN A 322 -4.21 34.30 -1.37
N ALA A 323 -3.51 33.32 -1.99
CA ALA A 323 -2.74 32.31 -1.24
C ALA A 323 -1.52 32.96 -0.58
N GLU A 324 -0.87 33.91 -1.26
CA GLU A 324 0.26 34.62 -0.71
C GLU A 324 -0.14 35.34 0.58
N LYS A 325 -1.25 36.10 0.58
CA LYS A 325 -1.70 36.84 1.77
C LYS A 325 -2.22 35.89 2.84
N ALA A 326 -3.02 34.87 2.50
CA ALA A 326 -3.56 33.86 3.46
C ALA A 326 -2.46 33.09 4.21
N ILE A 327 -1.52 32.47 3.47
CA ILE A 327 -0.43 31.68 4.04
C ILE A 327 0.56 32.58 4.76
N SER A 328 0.97 33.70 4.17
CA SER A 328 1.97 34.55 4.87
C SER A 328 1.37 35.19 6.13
N MET A 329 0.11 35.70 6.08
CA MET A 329 -0.58 36.25 7.26
C MET A 329 -0.60 35.23 8.39
N PHE A 330 -1.03 33.99 8.08
CA PHE A 330 -1.19 32.91 9.05
C PHE A 330 0.14 32.42 9.61
N CYS A 331 1.17 32.29 8.78
CA CYS A 331 2.46 31.79 9.24
C CYS A 331 3.24 32.81 10.06
N LYS A 332 3.01 34.12 9.81
CA LYS A 332 3.62 35.25 10.54
C LYS A 332 3.01 35.36 11.93
N LYS A 333 1.68 35.31 12.04
CA LYS A 333 0.92 35.36 13.30
C LYS A 333 1.42 34.25 14.25
N ASN A 334 1.81 33.10 13.72
CA ASN A 334 2.29 31.97 14.53
C ASN A 334 3.81 31.90 14.68
N TYR A 335 4.55 32.80 14.02
CA TYR A 335 6.01 32.82 14.08
C TYR A 335 6.52 32.86 15.53
N ILE A 336 6.13 33.84 16.33
CA ILE A 336 6.63 33.92 17.68
C ILE A 336 6.10 32.77 18.55
N PRO A 337 4.78 32.48 18.67
CA PRO A 337 4.38 31.38 19.58
C PRO A 337 4.93 29.98 19.18
N VAL A 338 5.01 29.66 17.89
CA VAL A 338 5.46 28.36 17.38
C VAL A 338 6.96 28.27 17.03
N ARG A 339 7.55 29.27 16.35
CA ARG A 339 8.96 29.18 15.92
C ARG A 339 9.91 29.73 16.93
N GLN A 340 9.46 30.72 17.74
CA GLN A 340 10.34 31.40 18.70
C GLN A 340 9.73 31.51 20.09
N GLY A 341 9.40 30.37 20.66
CA GLY A 341 8.87 30.32 22.02
C GLY A 341 9.84 30.87 23.04
N ARG A 342 11.12 30.41 23.00
CA ARG A 342 12.21 30.78 23.93
C ARG A 342 12.20 32.28 24.31
N MET A 343 12.03 32.53 25.64
CA MET A 343 11.92 33.83 26.33
C MET A 343 12.46 33.76 27.76
N VAL B 14 18.06 45.79 1.48
CA VAL B 14 18.80 44.52 1.51
C VAL B 14 17.89 43.33 1.91
N VAL B 15 17.99 42.25 1.17
CA VAL B 15 17.34 41.01 1.54
C VAL B 15 18.41 40.14 2.23
N ILE B 16 18.13 39.67 3.47
CA ILE B 16 19.02 38.77 4.21
C ILE B 16 18.85 37.40 3.57
N THR B 17 19.92 36.87 2.98
CA THR B 17 19.89 35.65 2.18
C THR B 17 20.65 34.52 2.78
N GLN B 18 21.59 34.83 3.67
CA GLN B 18 22.40 33.80 4.30
C GLN B 18 22.47 34.05 5.80
N PHE B 19 22.62 32.98 6.57
CA PHE B 19 22.69 33.03 8.00
C PHE B 19 23.71 32.02 8.47
N HIS B 20 24.63 32.44 9.36
CA HIS B 20 25.63 31.56 9.95
C HIS B 20 25.68 31.78 11.44
N THR B 21 25.82 30.71 12.20
CA THR B 21 25.97 30.80 13.65
C THR B 21 27.14 29.91 14.05
N GLY B 22 27.91 30.38 15.01
CA GLY B 22 29.02 29.61 15.57
C GLY B 22 29.44 30.16 16.93
N GLN B 23 30.65 29.81 17.35
CA GLN B 23 31.25 30.26 18.61
C GLN B 23 32.72 30.53 18.40
N ILE B 24 33.25 31.56 19.07
CA ILE B 24 34.68 31.87 19.08
C ILE B 24 35.05 32.38 20.47
N ASP B 25 36.09 31.80 21.07
CA ASP B 25 36.63 32.19 22.38
C ASP B 25 35.49 32.41 23.41
N ASN B 26 34.73 31.34 23.60
CA ASN B 26 33.62 31.22 24.56
C ASN B 26 32.45 32.21 24.30
N LYS B 27 32.38 32.81 23.09
CA LYS B 27 31.29 33.70 22.76
C LYS B 27 30.50 33.23 21.53
N PRO B 28 29.17 32.97 21.65
CA PRO B 28 28.39 32.66 20.45
C PRO B 28 28.30 33.89 19.55
N TYR B 29 28.18 33.70 18.24
CA TYR B 29 28.03 34.82 17.31
C TYR B 29 27.13 34.37 16.16
N PHE B 30 26.57 35.31 15.41
CA PHE B 30 25.88 34.94 14.18
C PHE B 30 26.35 35.88 13.11
N CYS B 31 26.31 35.40 11.86
N CYS B 31 26.34 35.42 11.85
CA CYS B 31 26.65 36.14 10.65
CA CYS B 31 26.72 36.21 10.69
C CYS B 31 25.45 36.16 9.75
C CYS B 31 25.59 36.13 9.68
N ILE B 32 25.31 37.25 9.01
CA ILE B 32 24.28 37.39 7.99
C ILE B 32 24.93 37.96 6.75
N GLU B 33 24.35 37.61 5.61
CA GLU B 33 24.74 38.19 4.36
C GLU B 33 23.48 38.66 3.69
N GLY B 34 23.53 39.87 3.19
CA GLY B 34 22.42 40.41 2.43
C GLY B 34 22.88 40.92 1.08
N LYS B 35 21.96 40.98 0.12
CA LYS B 35 22.20 41.51 -1.22
C LYS B 35 21.22 42.64 -1.49
N SER B 40 25.07 44.84 -4.76
CA SER B 40 26.24 44.50 -3.96
C SER B 40 25.84 43.70 -2.71
N SER B 41 26.79 42.91 -2.17
CA SER B 41 26.56 42.09 -0.98
C SER B 41 27.35 42.61 0.24
N ILE B 42 26.75 42.46 1.41
CA ILE B 42 27.31 42.88 2.69
C ILE B 42 27.22 41.74 3.70
N SER B 43 28.28 41.53 4.49
CA SER B 43 28.30 40.58 5.59
C SER B 43 28.52 41.35 6.87
N ALA B 44 27.88 40.92 7.97
CA ALA B 44 28.02 41.53 9.29
C ALA B 44 27.77 40.46 10.34
N CYS B 45 28.54 40.49 11.44
N CYS B 45 28.54 40.45 11.44
CA CYS B 45 28.42 39.50 12.52
CA CYS B 45 28.33 39.47 12.51
C CYS B 45 28.22 40.18 13.86
C CYS B 45 28.24 40.13 13.86
N SER B 46 27.31 39.63 14.68
CA SER B 46 27.07 40.11 16.04
C SER B 46 27.57 39.01 16.95
N MET B 47 28.28 39.39 18.02
CA MET B 47 28.85 38.44 18.96
C MET B 47 28.39 38.74 20.35
N LYS B 48 27.91 37.71 21.07
CA LYS B 48 27.41 37.87 22.43
C LYS B 48 28.55 38.30 23.35
N ASN B 49 28.27 39.30 24.19
CA ASN B 49 29.20 39.84 25.19
C ASN B 49 30.51 40.34 24.58
N SER B 50 30.53 40.65 23.26
CA SER B 50 31.74 41.18 22.64
C SER B 50 31.58 42.63 22.37
N SER B 51 32.09 43.46 23.31
CA SER B 51 32.03 44.92 23.33
C SER B 51 32.49 45.52 22.01
N VAL B 52 32.00 46.68 21.59
CA VAL B 52 31.05 47.60 22.23
C VAL B 52 29.61 47.21 21.96
N TRP B 53 29.38 46.35 20.97
CA TRP B 53 28.04 46.04 20.47
C TRP B 53 27.41 44.74 20.96
N GLY B 54 28.02 44.08 21.95
CA GLY B 54 27.53 42.81 22.47
C GLY B 54 26.22 42.85 23.21
N ALA B 55 25.90 44.01 23.81
CA ALA B 55 24.66 44.21 24.55
C ALA B 55 23.44 43.98 23.66
N SER B 56 23.60 44.16 22.34
CA SER B 56 22.57 44.07 21.31
C SER B 56 22.46 42.70 20.65
N PHE B 57 23.33 41.74 20.98
CA PHE B 57 23.31 40.42 20.35
C PHE B 57 21.93 39.75 20.28
N SER B 58 21.21 39.62 21.41
CA SER B 58 19.93 38.90 21.42
C SER B 58 18.81 39.57 20.63
N THR B 59 18.71 40.89 20.69
CA THR B 59 17.70 41.67 19.95
C THR B 59 17.96 41.55 18.44
N LEU B 60 19.24 41.74 18.03
CA LEU B 60 19.62 41.64 16.63
C LEU B 60 19.47 40.21 16.08
N TYR B 61 19.77 39.17 16.89
CA TYR B 61 19.62 37.79 16.44
C TYR B 61 18.18 37.53 16.08
N ASN B 62 17.28 37.90 17.01
CA ASN B 62 15.84 37.72 16.89
C ASN B 62 15.30 38.40 15.64
N GLN B 63 15.65 39.68 15.47
CA GLN B 63 15.23 40.55 14.36
C GLN B 63 15.74 40.01 13.01
N ALA B 64 17.05 39.73 12.91
CA ALA B 64 17.70 39.18 11.71
C ALA B 64 17.08 37.84 11.28
N LEU B 65 16.84 36.92 12.23
CA LEU B 65 16.21 35.65 11.92
C LEU B 65 14.77 35.84 11.41
N TYR B 66 14.06 36.80 12.01
CA TYR B 66 12.70 37.12 11.56
C TYR B 66 12.74 37.64 10.11
N PHE B 67 13.64 38.61 9.83
CA PHE B 67 13.77 39.20 8.50
C PHE B 67 14.31 38.20 7.50
N TYR B 68 15.19 37.29 7.91
CA TYR B 68 15.62 36.21 7.03
C TYR B 68 14.41 35.34 6.60
N THR B 69 13.49 35.06 7.56
CA THR B 69 12.29 34.25 7.33
C THR B 69 11.36 34.96 6.34
N THR B 70 11.02 36.24 6.57
CA THR B 70 10.08 36.93 5.67
C THR B 70 10.71 37.26 4.28
N GLY B 71 12.01 37.56 4.25
CA GLY B 71 12.70 37.91 3.02
C GLY B 71 12.46 39.36 2.60
N GLN B 72 11.86 40.16 3.51
CA GLN B 72 11.59 41.56 3.27
C GLN B 72 12.89 42.38 3.22
N PRO B 73 12.88 43.48 2.40
CA PRO B 73 14.07 44.34 2.34
C PRO B 73 14.26 45.11 3.65
N VAL B 74 15.51 45.17 4.13
CA VAL B 74 15.84 45.81 5.40
C VAL B 74 17.14 46.62 5.27
N ARG B 75 17.37 47.49 6.24
CA ARG B 75 18.60 48.25 6.34
C ARG B 75 19.51 47.55 7.34
N ILE B 76 20.76 47.33 6.95
CA ILE B 76 21.80 46.76 7.82
C ILE B 76 22.73 47.88 8.22
N TYR B 77 22.88 48.11 9.52
CA TYR B 77 23.84 49.06 10.09
C TYR B 77 25.06 48.26 10.53
N TYR B 78 26.27 48.67 10.15
CA TYR B 78 27.47 47.90 10.48
C TYR B 78 28.62 48.81 10.89
N GLU B 79 29.63 48.22 11.53
CA GLU B 79 30.86 48.90 11.86
C GLU B 79 32.04 48.05 11.35
N PRO B 80 32.79 48.56 10.34
CA PRO B 80 33.94 47.79 9.83
C PRO B 80 35.10 47.72 10.82
N GLY B 81 35.91 46.66 10.70
CA GLY B 81 37.13 46.50 11.49
C GLY B 81 36.98 46.14 12.96
N VAL B 82 35.80 45.62 13.38
CA VAL B 82 35.58 45.26 14.78
C VAL B 82 36.22 43.89 15.10
N TRP B 83 36.01 42.88 14.24
CA TRP B 83 36.55 41.53 14.44
C TRP B 83 37.98 41.50 13.90
N THR B 84 38.93 40.96 14.66
CA THR B 84 40.34 41.05 14.28
C THR B 84 41.10 39.70 14.16
N TYR B 85 40.50 38.57 14.62
CA TYR B 85 41.13 37.24 14.48
C TYR B 85 41.25 36.95 12.97
N PRO B 86 42.50 36.89 12.43
CA PRO B 86 42.67 36.78 10.96
C PRO B 86 41.91 35.63 10.28
N PRO B 87 41.90 34.35 10.77
CA PRO B 87 41.13 33.31 10.07
C PRO B 87 39.62 33.62 10.04
N PHE B 88 39.08 34.26 11.11
CA PHE B 88 37.67 34.68 11.18
C PHE B 88 37.38 35.76 10.14
N VAL B 89 38.20 36.81 10.09
CA VAL B 89 38.04 37.92 9.15
C VAL B 89 38.12 37.39 7.69
N LYS B 90 39.05 36.45 7.44
CA LYS B 90 39.26 35.81 6.13
C LYS B 90 38.03 35.04 5.68
N ALA B 91 37.48 34.17 6.55
CA ALA B 91 36.34 33.30 6.27
C ALA B 91 35.01 34.03 6.25
N LEU B 92 34.88 35.05 7.11
CA LEU B 92 33.64 35.80 7.26
C LEU B 92 33.82 37.28 6.98
N THR B 93 34.00 38.10 8.01
CA THR B 93 34.13 39.55 7.88
C THR B 93 34.71 40.15 9.18
N SER B 94 35.12 41.42 9.12
CA SER B 94 35.51 42.20 10.30
C SER B 94 34.33 43.09 10.74
N ASN B 95 33.26 43.13 9.93
CA ASN B 95 32.10 43.99 10.18
C ASN B 95 31.26 43.54 11.36
N ALA B 96 30.96 44.47 12.27
CA ALA B 96 30.03 44.17 13.35
C ALA B 96 28.62 44.64 12.95
N LEU B 97 27.57 43.82 13.22
CA LEU B 97 26.17 44.22 12.99
C LEU B 97 25.76 45.09 14.16
N VAL B 98 25.31 46.33 13.89
CA VAL B 98 25.04 47.30 14.97
C VAL B 98 23.58 47.80 14.98
N GLY B 99 22.79 47.39 14.01
CA GLY B 99 21.39 47.79 13.92
C GLY B 99 20.68 47.20 12.71
N LEU B 100 19.34 47.24 12.74
CA LEU B 100 18.45 46.75 11.65
C LEU B 100 17.20 47.62 11.56
N SER B 101 16.70 47.84 10.34
CA SER B 101 15.46 48.59 10.16
C SER B 101 14.60 47.99 9.09
N THR B 102 13.30 48.17 9.20
CA THR B 102 12.39 47.85 8.12
C THR B 102 12.53 48.95 7.06
N CYS B 103 12.19 48.64 5.79
CA CYS B 103 12.26 49.60 4.69
C CYS B 103 10.93 49.78 4.04
N THR B 104 10.67 50.98 3.51
CA THR B 104 9.45 51.30 2.77
C THR B 104 9.77 51.16 1.26
N THR B 105 10.95 51.66 0.83
CA THR B 105 11.48 51.54 -0.54
C THR B 105 12.91 50.97 -0.47
N SER B 106 13.59 50.89 -1.62
CA SER B 106 14.96 50.38 -1.69
C SER B 106 15.94 51.34 -1.02
N THR B 107 15.54 52.60 -0.80
CA THR B 107 16.39 53.63 -0.20
C THR B 107 15.81 54.22 1.11
N GLU B 108 14.46 54.27 1.22
CA GLU B 108 13.77 54.83 2.39
C GLU B 108 13.48 53.72 3.40
N CYS B 109 14.16 53.79 4.56
CA CYS B 109 14.02 52.84 5.65
C CYS B 109 13.82 53.60 6.95
N PHE B 110 13.24 52.96 7.95
CA PHE B 110 12.97 53.56 9.25
C PHE B 110 14.24 53.70 10.09
N GLY B 111 14.44 54.82 10.77
CA GLY B 111 15.60 55.00 11.63
C GLY B 111 16.63 56.00 11.15
N PRO B 112 17.78 56.10 11.85
CA PRO B 112 18.80 57.09 11.45
C PRO B 112 19.49 56.80 10.10
N ASP B 113 19.96 57.77 9.46
N GLU C 1 23.25 11.25 36.29
CA GLU C 1 21.97 10.92 35.68
C GLU C 1 22.02 11.20 34.18
N TRP C 2 21.22 10.46 33.42
CA TRP C 2 21.13 10.63 31.99
C TRP C 2 19.76 10.18 31.53
N THR C 3 19.19 10.92 30.56
CA THR C 3 17.94 10.60 29.86
C THR C 3 17.95 9.12 29.39
N GLY C 4 19.08 8.63 28.89
CA GLY C 4 19.23 7.26 28.42
C GLY C 4 19.57 6.19 29.45
N ASP C 5 19.46 6.50 30.76
CA ASP C 5 19.65 5.51 31.84
C ASP C 5 18.56 4.43 31.75
N ALA C 6 18.88 3.19 32.16
CA ALA C 6 17.94 2.06 32.13
C ALA C 6 16.66 2.29 32.98
N ARG C 7 16.79 2.84 34.22
CA ARG C 7 15.67 3.11 35.16
C ARG C 7 14.52 3.88 34.49
N ASP C 8 14.86 4.97 33.78
CA ASP C 8 13.89 5.82 33.07
C ASP C 8 13.14 5.02 31.99
N GLY C 9 11.84 5.25 31.86
CA GLY C 9 11.01 4.59 30.85
C GLY C 9 10.81 5.44 29.61
N MET C 10 10.25 4.85 28.54
CA MET C 10 9.98 5.54 27.29
C MET C 10 8.61 5.19 26.77
N PHE C 11 8.06 6.03 25.88
CA PHE C 11 6.84 5.77 25.12
C PHE C 11 7.12 6.30 23.74
N SER C 12 7.19 5.43 22.71
CA SER C 12 7.49 5.81 21.31
C SER C 12 6.25 6.00 20.49
N GLY C 13 6.35 6.81 19.44
CA GLY C 13 5.25 7.12 18.51
C GLY C 13 4.02 7.73 19.13
N VAL C 14 4.26 8.64 20.06
CA VAL C 14 3.24 9.32 20.83
C VAL C 14 2.94 10.69 20.23
N VAL C 15 1.69 11.08 20.23
CA VAL C 15 1.28 12.43 19.84
C VAL C 15 1.02 13.18 21.17
N ILE C 16 1.66 14.34 21.41
CA ILE C 16 1.39 15.13 22.64
C ILE C 16 0.00 15.77 22.45
N THR C 17 -0.97 15.37 23.27
CA THR C 17 -2.36 15.78 23.08
C THR C 17 -2.89 16.80 24.09
N GLN C 18 -2.23 16.92 25.26
CA GLN C 18 -2.67 17.82 26.32
C GLN C 18 -1.47 18.56 26.90
N PHE C 19 -1.73 19.78 27.39
CA PHE C 19 -0.72 20.65 27.99
C PHE C 19 -1.31 21.41 29.19
N HIS C 20 -0.58 21.46 30.29
CA HIS C 20 -0.97 22.18 31.51
C HIS C 20 0.25 22.86 32.07
N THR C 21 0.09 24.06 32.58
CA THR C 21 1.16 24.82 33.22
C THR C 21 0.64 25.37 34.52
N GLY C 22 1.46 25.33 35.55
CA GLY C 22 1.11 25.88 36.85
C GLY C 22 2.34 26.20 37.66
N GLN C 23 2.16 26.32 38.98
CA GLN C 23 3.22 26.58 39.93
C GLN C 23 2.93 25.83 41.20
N ILE C 24 3.99 25.34 41.85
CA ILE C 24 3.89 24.70 43.17
C ILE C 24 5.16 25.04 43.95
N ASP C 25 5.00 25.51 45.18
CA ASP C 25 6.09 25.85 46.10
C ASP C 25 7.21 26.68 45.40
N ASN C 26 6.77 27.82 44.83
CA ASN C 26 7.58 28.82 44.14
C ASN C 26 8.29 28.28 42.88
N LYS C 27 7.88 27.12 42.37
CA LYS C 27 8.48 26.55 41.17
C LYS C 27 7.47 26.40 40.03
N PRO C 28 7.68 27.04 38.86
CA PRO C 28 6.80 26.77 37.72
C PRO C 28 6.99 25.34 37.24
N TYR C 29 5.94 24.74 36.71
CA TYR C 29 6.00 23.40 36.11
C TYR C 29 5.08 23.34 34.92
N PHE C 30 5.24 22.32 34.11
CA PHE C 30 4.30 22.04 33.05
C PHE C 30 4.11 20.56 32.99
N CYS C 31 2.94 20.14 32.51
N CYS C 31 2.93 20.12 32.56
CA CYS C 31 2.56 18.75 32.33
CA CYS C 31 2.61 18.71 32.40
C CYS C 31 2.16 18.54 30.90
C CYS C 31 2.08 18.49 31.00
N ILE C 32 2.39 17.33 30.41
CA ILE C 32 1.96 16.94 29.08
C ILE C 32 1.30 15.58 29.17
N GLU C 33 0.43 15.29 28.21
CA GLU C 33 -0.13 13.97 28.06
C GLU C 33 0.07 13.61 26.61
N GLY C 34 0.53 12.40 26.37
CA GLY C 34 0.69 11.87 25.03
C GLY C 34 -0.03 10.54 24.86
N LYS C 35 -0.59 10.27 23.65
CA LYS C 35 -1.30 9.03 23.33
C LYS C 35 -0.69 8.33 22.13
N GLN C 36 -0.58 6.99 22.16
CA GLN C 36 -0.13 6.21 20.99
C GLN C 36 -1.30 5.99 20.07
N SER C 37 -2.49 5.77 20.65
CA SER C 37 -3.79 5.57 20.00
C SER C 37 -4.86 5.68 21.09
N ALA C 38 -5.91 4.82 21.02
CA ALA C 38 -6.95 4.69 22.05
C ALA C 38 -6.21 4.19 23.27
N GLY C 39 -5.48 3.09 23.05
CA GLY C 39 -4.51 2.50 23.96
C GLY C 39 -3.16 2.92 23.38
N SER C 40 -2.31 3.64 24.12
CA SER C 40 -2.43 3.99 25.53
C SER C 40 -1.85 5.41 25.79
N SER C 41 -2.04 5.96 27.02
CA SER C 41 -1.62 7.30 27.35
C SER C 41 -0.56 7.35 28.44
N ILE C 42 0.29 8.37 28.35
CA ILE C 42 1.38 8.65 29.30
C ILE C 42 1.33 10.14 29.70
N SER C 43 1.51 10.43 31.01
CA SER C 43 1.64 11.78 31.55
C SER C 43 3.01 11.95 32.15
N ALA C 44 3.60 13.16 32.02
CA ALA C 44 4.91 13.49 32.52
C ALA C 44 5.00 14.97 32.76
N CYS C 45 5.64 15.37 33.87
N CYS C 45 5.66 15.37 33.85
CA CYS C 45 5.79 16.76 34.30
CA CYS C 45 5.77 16.73 34.31
C CYS C 45 7.24 17.18 34.40
C CYS C 45 7.22 17.18 34.46
N SER C 46 7.52 18.46 34.09
CA SER C 46 8.85 19.04 34.29
C SER C 46 8.69 20.23 35.24
N MET C 47 9.51 20.28 36.29
CA MET C 47 9.49 21.41 37.24
C MET C 47 10.80 22.18 37.19
N LYS C 48 10.72 23.53 37.15
CA LYS C 48 11.91 24.38 37.13
C LYS C 48 12.60 24.33 38.48
N ASN C 49 13.94 24.23 38.47
CA ASN C 49 14.80 24.21 39.67
C ASN C 49 14.44 23.06 40.66
N SER C 50 13.74 22.02 40.19
CA SER C 50 13.41 20.83 40.97
C SER C 50 14.22 19.69 40.44
N SER C 51 15.41 19.52 41.05
CA SER C 51 16.42 18.50 40.79
C SER C 51 15.77 17.10 40.76
N VAL C 52 16.34 16.11 40.08
CA VAL C 52 17.59 16.08 39.32
C VAL C 52 17.38 16.65 37.91
N TRP C 53 16.12 16.68 37.44
CA TRP C 53 15.77 17.05 36.08
C TRP C 53 15.37 18.52 35.88
N GLY C 54 15.51 19.34 36.93
CA GLY C 54 15.18 20.77 36.93
C GLY C 54 15.88 21.65 35.91
N ALA C 55 17.15 21.30 35.57
CA ALA C 55 18.01 22.02 34.64
C ALA C 55 17.48 21.99 33.20
N SER C 56 16.67 20.99 32.85
CA SER C 56 16.14 20.83 31.49
C SER C 56 14.72 21.40 31.32
N PHE C 57 14.17 22.06 32.32
CA PHE C 57 12.83 22.64 32.29
C PHE C 57 12.58 23.53 31.04
N SER C 58 13.43 24.50 30.80
CA SER C 58 13.31 25.47 29.71
C SER C 58 13.38 24.83 28.34
N THR C 59 14.34 23.93 28.13
CA THR C 59 14.53 23.20 26.87
C THR C 59 13.31 22.30 26.62
N LEU C 60 12.91 21.52 27.65
CA LEU C 60 11.78 20.59 27.55
C LEU C 60 10.47 21.35 27.32
N TYR C 61 10.25 22.49 27.98
CA TYR C 61 9.06 23.32 27.80
C TYR C 61 8.93 23.76 26.33
N ASN C 62 9.98 24.36 25.79
CA ASN C 62 10.05 24.84 24.44
C ASN C 62 9.80 23.68 23.42
N GLN C 63 10.53 22.59 23.59
CA GLN C 63 10.43 21.41 22.73
C GLN C 63 9.05 20.75 22.80
N ALA C 64 8.51 20.50 24.02
CA ALA C 64 7.18 19.92 24.24
C ALA C 64 6.08 20.80 23.66
N LEU C 65 6.17 22.13 23.82
CA LEU C 65 5.15 23.01 23.25
C LEU C 65 5.19 22.95 21.72
N TYR C 66 6.41 22.88 21.16
CA TYR C 66 6.60 22.73 19.71
C TYR C 66 5.94 21.43 19.20
N PHE C 67 6.24 20.31 19.83
CA PHE C 67 5.71 19.01 19.41
C PHE C 67 4.20 18.90 19.64
N TYR C 68 3.67 19.60 20.69
CA TYR C 68 2.23 19.71 20.92
C TYR C 68 1.60 20.39 19.74
N THR C 69 2.27 21.47 19.22
CA THR C 69 1.78 22.25 18.09
C THR C 69 1.74 21.42 16.81
N THR C 70 2.85 20.73 16.45
CA THR C 70 2.89 19.99 15.20
C THR C 70 1.99 18.74 15.23
N GLY C 71 1.89 18.10 16.38
CA GLY C 71 1.15 16.87 16.49
C GLY C 71 1.92 15.68 15.91
N GLN C 72 3.21 15.86 15.58
CA GLN C 72 4.08 14.81 15.08
C GLN C 72 4.31 13.74 16.13
N PRO C 73 4.51 12.47 15.70
CA PRO C 73 4.76 11.39 16.68
C PRO C 73 6.13 11.55 17.30
N VAL C 74 6.23 11.44 18.62
CA VAL C 74 7.48 11.65 19.35
C VAL C 74 7.67 10.55 20.43
N ARG C 75 8.89 10.44 20.93
CA ARG C 75 9.22 9.58 22.05
C ARG C 75 9.30 10.46 23.28
N ILE C 76 8.60 10.08 24.33
CA ILE C 76 8.60 10.73 25.62
C ILE C 76 9.45 9.86 26.55
N TYR C 77 10.50 10.46 27.13
CA TYR C 77 11.35 9.86 28.16
C TYR C 77 10.89 10.36 29.51
N TYR C 78 10.66 9.47 30.44
CA TYR C 78 10.16 9.85 31.76
C TYR C 78 10.83 9.06 32.88
N GLU C 79 10.71 9.57 34.10
CA GLU C 79 11.18 8.88 35.28
C GLU C 79 10.03 8.79 36.27
N PRO C 80 9.54 7.57 36.56
CA PRO C 80 8.45 7.44 37.56
C PRO C 80 8.85 7.81 39.00
N GLY C 81 7.88 8.16 39.83
CA GLY C 81 8.07 8.43 41.26
C GLY C 81 8.88 9.65 41.65
N VAL C 82 9.10 10.58 40.71
CA VAL C 82 9.90 11.76 41.00
C VAL C 82 9.10 12.75 41.87
N TRP C 83 7.84 13.06 41.50
CA TRP C 83 7.01 14.00 42.28
C TRP C 83 6.35 13.26 43.40
N THR C 84 6.29 13.90 44.59
CA THR C 84 5.83 13.20 45.80
C THR C 84 4.62 13.83 46.51
N TYR C 85 4.29 15.12 46.26
CA TYR C 85 3.13 15.76 46.91
C TYR C 85 1.86 15.00 46.49
N PRO C 86 1.17 14.31 47.44
CA PRO C 86 0.04 13.42 47.08
C PRO C 86 -1.09 14.08 46.26
N PRO C 87 -1.63 15.28 46.60
CA PRO C 87 -2.66 15.88 45.75
C PRO C 87 -2.16 16.14 44.32
N PHE C 88 -0.87 16.52 44.17
CA PHE C 88 -0.26 16.75 42.87
C PHE C 88 -0.17 15.44 42.10
N VAL C 89 0.29 14.39 42.74
CA VAL C 89 0.42 13.07 42.12
C VAL C 89 -0.98 12.53 41.68
N LYS C 90 -2.03 12.77 42.48
CA LYS C 90 -3.41 12.32 42.24
C LYS C 90 -4.01 13.02 41.00
N ALA C 91 -3.90 14.36 40.95
CA ALA C 91 -4.42 15.20 39.86
C ALA C 91 -3.62 15.05 38.58
N LEU C 92 -2.29 14.91 38.70
CA LEU C 92 -1.41 14.90 37.54
C LEU C 92 -0.63 13.59 37.45
N THR C 93 0.63 13.56 37.90
CA THR C 93 1.48 12.36 37.81
C THR C 93 2.71 12.48 38.70
N SER C 94 3.36 11.33 38.98
CA SER C 94 4.62 11.29 39.70
C SER C 94 5.79 11.33 38.71
N ASN C 95 5.49 11.18 37.39
CA ASN C 95 6.51 11.10 36.36
C ASN C 95 7.15 12.42 36.03
N ALA C 96 8.49 12.43 36.02
CA ALA C 96 9.25 13.55 35.52
C ALA C 96 9.45 13.32 34.03
N LEU C 97 9.35 14.39 33.24
CA LEU C 97 9.73 14.42 31.84
C LEU C 97 11.25 14.64 31.82
N VAL C 98 11.97 13.75 31.11
CA VAL C 98 13.42 13.76 31.16
C VAL C 98 14.02 13.82 29.75
N GLY C 99 13.19 13.82 28.72
CA GLY C 99 13.67 13.88 27.36
C GLY C 99 12.59 13.73 26.29
N LEU C 100 12.93 14.08 25.05
CA LEU C 100 12.02 14.04 23.89
C LEU C 100 12.81 13.75 22.64
N SER C 101 12.19 13.03 21.70
CA SER C 101 12.80 12.70 20.42
C SER C 101 11.80 12.67 19.33
N THR C 102 12.25 12.95 18.13
CA THR C 102 11.44 12.82 16.92
C THR C 102 11.41 11.31 16.58
N CYS C 103 10.37 10.86 15.85
CA CYS C 103 10.26 9.45 15.44
C CYS C 103 10.19 9.33 13.96
N THR C 104 10.69 8.21 13.43
CA THR C 104 10.61 7.87 12.01
C THR C 104 9.38 6.97 11.82
N THR C 105 9.17 6.01 12.75
CA THR C 105 8.00 5.12 12.76
C THR C 105 7.37 5.17 14.16
N SER C 106 6.33 4.37 14.40
CA SER C 106 5.67 4.32 15.70
C SER C 106 6.57 3.69 16.79
N THR C 107 7.64 3.00 16.36
CA THR C 107 8.56 2.29 17.25
C THR C 107 10.02 2.76 17.11
N GLU C 108 10.41 3.25 15.90
CA GLU C 108 11.77 3.75 15.62
C GLU C 108 11.85 5.26 15.81
N CYS C 109 12.59 5.69 16.84
CA CYS C 109 12.77 7.10 17.17
C CYS C 109 14.26 7.42 17.35
N PHE C 110 14.62 8.70 17.25
CA PHE C 110 16.00 9.16 17.37
C PHE C 110 16.43 9.25 18.85
N GLY C 111 17.64 8.84 19.18
CA GLY C 111 18.09 8.95 20.56
C GLY C 111 18.29 7.63 21.26
N PRO C 112 18.60 7.66 22.57
CA PRO C 112 18.85 6.40 23.31
C PRO C 112 17.60 5.57 23.53
N ASP C 113 17.79 4.25 23.63
CA ASP C 113 16.74 3.27 23.91
C ASP C 113 16.80 2.81 25.37
N ARG C 114 16.22 3.63 26.31
CA ARG C 114 16.06 3.35 27.75
C ARG C 114 15.20 4.44 28.41
N SER D 12 -4.74 54.65 19.99
CA SER D 12 -5.58 53.46 19.81
C SER D 12 -5.79 53.13 18.33
N GLY D 13 -6.02 51.84 18.06
CA GLY D 13 -6.28 51.31 16.72
C GLY D 13 -5.14 51.53 15.74
N VAL D 14 -3.92 51.33 16.19
CA VAL D 14 -2.70 51.55 15.40
C VAL D 14 -2.16 50.22 14.86
N VAL D 15 -1.74 50.21 13.60
CA VAL D 15 -1.04 49.04 13.05
C VAL D 15 0.44 49.35 13.19
N ILE D 16 1.20 48.43 13.77
CA ILE D 16 2.65 48.61 13.87
C ILE D 16 3.25 48.27 12.52
N THR D 17 3.77 49.30 11.84
CA THR D 17 4.25 49.14 10.46
C THR D 17 5.76 49.20 10.30
N GLN D 18 6.48 49.75 11.29
CA GLN D 18 7.95 49.86 11.22
C GLN D 18 8.58 49.40 12.52
N PHE D 19 9.80 48.88 12.41
CA PHE D 19 10.56 48.33 13.54
C PHE D 19 12.02 48.63 13.31
N HIS D 20 12.69 49.11 14.35
CA HIS D 20 14.11 49.40 14.33
C HIS D 20 14.73 48.92 15.64
N THR D 21 15.91 48.33 15.55
CA THR D 21 16.65 47.90 16.73
C THR D 21 18.09 48.39 16.65
N GLY D 22 18.63 48.80 17.78
CA GLY D 22 20.01 49.25 17.88
C GLY D 22 20.53 49.15 19.30
N GLN D 23 21.60 49.91 19.57
CA GLN D 23 22.23 50.01 20.88
C GLN D 23 22.72 51.43 21.08
N ILE D 24 22.62 51.92 22.31
CA ILE D 24 23.15 53.23 22.70
C ILE D 24 23.68 53.15 24.13
N ASP D 25 24.94 53.55 24.31
CA ASP D 25 25.62 53.60 25.60
C ASP D 25 25.43 52.27 26.39
N ASN D 26 25.79 51.17 25.72
CA ASN D 26 25.78 49.78 26.20
C ASN D 26 24.37 49.23 26.51
N LYS D 27 23.31 49.89 26.03
CA LYS D 27 21.96 49.43 26.25
C LYS D 27 21.24 49.16 24.92
N PRO D 28 20.77 47.90 24.68
CA PRO D 28 19.95 47.64 23.49
C PRO D 28 18.62 48.38 23.59
N TYR D 29 18.04 48.75 22.44
CA TYR D 29 16.73 49.37 22.36
C TYR D 29 16.03 48.94 21.08
N PHE D 30 14.74 49.19 21.03
CA PHE D 30 13.97 48.99 19.83
C PHE D 30 12.99 50.15 19.71
N CYS D 31 12.64 50.49 18.46
N CYS D 31 12.65 50.50 18.46
CA CYS D 31 11.73 51.56 18.12
CA CYS D 31 11.72 51.56 18.10
C CYS D 31 10.65 51.03 17.20
C CYS D 31 10.62 51.00 17.23
N ILE D 32 9.38 51.42 17.48
CA ILE D 32 8.25 51.01 16.64
C ILE D 32 7.56 52.25 16.13
N GLU D 33 6.95 52.14 14.97
CA GLU D 33 6.15 53.21 14.40
C GLU D 33 4.83 52.61 14.00
N GLY D 34 3.78 53.29 14.35
CA GLY D 34 2.45 52.86 14.00
C GLY D 34 1.64 53.98 13.38
N LYS D 35 0.71 53.61 12.49
CA LYS D 35 -0.20 54.54 11.82
C LYS D 35 -1.64 54.18 12.17
N SER D 40 -2.72 59.41 11.02
CA SER D 40 -1.70 60.02 11.88
C SER D 40 -0.71 58.95 12.46
N SER D 41 0.56 59.35 12.69
CA SER D 41 1.59 58.40 13.11
C SER D 41 2.20 58.67 14.51
N ILE D 42 2.60 57.58 15.18
CA ILE D 42 3.22 57.59 16.51
C ILE D 42 4.48 56.71 16.52
N SER D 43 5.56 57.20 17.15
CA SER D 43 6.80 56.45 17.36
C SER D 43 7.05 56.32 18.85
N ALA D 44 7.63 55.20 19.31
CA ALA D 44 7.95 54.96 20.72
C ALA D 44 9.05 53.94 20.82
N CYS D 45 10.00 54.20 21.72
N CYS D 45 10.00 54.20 21.74
CA CYS D 45 11.20 53.40 21.92
CA CYS D 45 11.17 53.37 21.94
C CYS D 45 11.27 52.82 23.33
C CYS D 45 11.21 52.79 23.34
N SER D 46 11.72 51.56 23.45
CA SER D 46 11.95 50.91 24.74
C SER D 46 13.43 50.57 24.79
N MET D 47 14.11 50.93 25.90
CA MET D 47 15.53 50.64 26.11
C MET D 47 15.72 49.73 27.31
N LYS D 48 16.57 48.72 27.16
CA LYS D 48 16.87 47.78 28.22
C LYS D 48 17.62 48.46 29.35
N ASN D 49 17.19 48.20 30.60
CA ASN D 49 17.83 48.72 31.82
C ASN D 49 17.89 50.26 31.88
N SER D 50 17.13 50.96 31.02
CA SER D 50 17.18 52.41 31.01
C SER D 50 15.81 52.98 31.18
N SER D 51 15.76 54.01 32.04
CA SER D 51 14.60 54.75 32.54
C SER D 51 13.89 53.87 33.58
N VAL D 52 12.77 54.36 34.10
CA VAL D 52 11.94 53.64 35.04
C VAL D 52 11.25 52.49 34.29
N TRP D 53 11.12 52.63 32.97
CA TRP D 53 10.46 51.66 32.11
C TRP D 53 11.37 50.56 31.56
N GLY D 54 12.64 50.55 31.97
CA GLY D 54 13.60 49.55 31.52
C GLY D 54 13.24 48.10 31.83
N ALA D 55 12.51 47.86 32.94
CA ALA D 55 12.11 46.55 33.43
C ALA D 55 11.21 45.80 32.44
N SER D 56 10.47 46.54 31.61
CA SER D 56 9.51 45.98 30.65
C SER D 56 10.06 45.77 29.24
N PHE D 57 11.34 46.11 28.97
CA PHE D 57 11.96 45.97 27.64
C PHE D 57 11.68 44.60 26.97
N SER D 58 12.03 43.48 27.63
CA SER D 58 11.91 42.13 27.06
C SER D 58 10.47 41.76 26.72
N THR D 59 9.52 42.03 27.64
CA THR D 59 8.09 41.78 27.47
C THR D 59 7.55 42.63 26.31
N LEU D 60 7.91 43.93 26.28
CA LEU D 60 7.46 44.84 25.24
C LEU D 60 8.06 44.48 23.88
N TYR D 61 9.36 44.10 23.81
CA TYR D 61 9.99 43.69 22.55
C TYR D 61 9.24 42.52 21.93
N ASN D 62 9.01 41.48 22.75
CA ASN D 62 8.30 40.29 22.37
C ASN D 62 6.90 40.59 21.90
N GLN D 63 6.16 41.40 22.66
CA GLN D 63 4.77 41.78 22.34
C GLN D 63 4.73 42.71 21.12
N ALA D 64 5.67 43.64 20.99
CA ALA D 64 5.72 44.53 19.83
C ALA D 64 6.04 43.74 18.55
N LEU D 65 7.04 42.84 18.57
CA LEU D 65 7.37 42.03 17.39
C LEU D 65 6.20 41.10 17.02
N TYR D 66 5.48 40.55 18.03
CA TYR D 66 4.26 39.75 17.82
C TYR D 66 3.24 40.58 17.05
N PHE D 67 2.94 41.79 17.52
CA PHE D 67 1.94 42.64 16.87
C PHE D 67 2.41 43.13 15.50
N TYR D 68 3.71 43.34 15.33
CA TYR D 68 4.23 43.69 14.01
C TYR D 68 4.02 42.50 13.05
N THR D 69 4.17 41.26 13.54
CA THR D 69 3.98 40.05 12.75
C THR D 69 2.50 39.84 12.36
N THR D 70 1.53 40.01 13.30
CA THR D 70 0.10 39.85 12.94
C THR D 70 -0.45 41.02 12.12
N GLY D 71 0.04 42.22 12.41
CA GLY D 71 -0.43 43.44 11.76
C GLY D 71 -1.76 43.94 12.29
N GLN D 72 -2.23 43.37 13.42
CA GLN D 72 -3.50 43.75 14.01
C GLN D 72 -3.46 45.14 14.62
N PRO D 73 -4.63 45.84 14.68
CA PRO D 73 -4.66 47.17 15.34
C PRO D 73 -4.51 47.01 16.86
N VAL D 74 -3.64 47.84 17.44
CA VAL D 74 -3.31 47.80 18.87
C VAL D 74 -3.33 49.20 19.47
N ARG D 75 -3.21 49.26 20.80
CA ARG D 75 -3.05 50.51 21.51
C ARG D 75 -1.59 50.64 21.94
N ILE D 76 -0.96 51.78 21.65
CA ILE D 76 0.39 52.07 22.06
C ILE D 76 0.33 53.06 23.22
N TYR D 77 0.87 52.66 24.38
CA TYR D 77 1.03 53.51 25.56
C TYR D 77 2.42 54.07 25.54
N TYR D 78 2.56 55.39 25.67
CA TYR D 78 3.88 56.01 25.61
C TYR D 78 4.04 57.10 26.65
N GLU D 79 5.30 57.49 26.91
CA GLU D 79 5.62 58.60 27.77
C GLU D 79 6.57 59.54 27.01
N PRO D 80 6.12 60.75 26.65
CA PRO D 80 7.01 61.70 25.96
C PRO D 80 8.13 62.24 26.85
N GLY D 81 9.24 62.62 26.22
CA GLY D 81 10.37 63.29 26.87
C GLY D 81 11.35 62.43 27.65
N VAL D 82 11.23 61.12 27.56
CA VAL D 82 12.10 60.20 28.29
C VAL D 82 13.52 60.13 27.69
N TRP D 83 13.64 60.00 26.35
CA TRP D 83 14.96 59.91 25.72
C TRP D 83 15.43 61.33 25.45
N THR D 84 16.68 61.64 25.86
CA THR D 84 17.17 63.02 25.83
C THR D 84 18.34 63.30 24.88
N TYR D 85 19.10 62.28 24.43
CA TYR D 85 20.25 62.46 23.51
C TYR D 85 19.73 63.07 22.20
N PRO D 86 20.10 64.35 21.90
CA PRO D 86 19.51 65.07 20.75
C PRO D 86 19.60 64.36 19.39
N PRO D 87 20.74 63.75 18.95
CA PRO D 87 20.74 63.04 17.66
C PRO D 87 19.77 61.84 17.65
N PHE D 88 19.64 61.09 18.79
CA PHE D 88 18.69 59.99 18.93
C PHE D 88 17.27 60.53 18.81
N VAL D 89 16.92 61.60 19.57
CA VAL D 89 15.58 62.21 19.54
C VAL D 89 15.21 62.70 18.09
N LYS D 90 16.18 63.30 17.36
CA LYS D 90 16.02 63.82 15.99
C LYS D 90 15.72 62.71 14.99
N ALA D 91 16.52 61.64 15.03
CA ALA D 91 16.41 60.46 14.18
C ALA D 91 15.18 59.60 14.52
N LEU D 92 14.79 59.53 15.81
CA LEU D 92 13.70 58.63 16.22
C LEU D 92 12.55 59.37 16.95
N THR D 93 12.59 59.38 18.30
CA THR D 93 11.57 60.00 19.16
C THR D 93 12.09 60.14 20.59
N SER D 94 11.40 60.96 21.38
CA SER D 94 11.69 61.07 22.80
C SER D 94 10.76 60.11 23.56
N ASN D 95 9.70 59.61 22.91
CA ASN D 95 8.69 58.72 23.49
C ASN D 95 9.23 57.36 23.97
N ALA D 96 9.02 57.05 25.26
CA ALA D 96 9.26 55.72 25.79
C ALA D 96 8.01 54.89 25.57
N LEU D 97 8.18 53.61 25.17
CA LEU D 97 7.06 52.66 25.05
C LEU D 97 6.80 52.12 26.43
N VAL D 98 5.55 52.22 26.94
CA VAL D 98 5.27 51.85 28.33
C VAL D 98 4.15 50.80 28.49
N GLY D 99 3.57 50.34 27.38
CA GLY D 99 2.54 49.31 27.40
C GLY D 99 1.97 49.09 26.03
N LEU D 100 1.21 48.00 25.83
CA LEU D 100 0.57 47.60 24.58
C LEU D 100 -0.74 46.87 24.87
N SER D 101 -1.76 47.05 24.01
CA SER D 101 -3.06 46.36 24.12
C SER D 101 -3.64 45.99 22.80
N THR D 102 -4.41 44.91 22.80
CA THR D 102 -5.22 44.48 21.66
C THR D 102 -6.43 45.42 21.60
N CYS D 103 -7.02 45.61 20.41
CA CYS D 103 -8.17 46.48 20.23
C CYS D 103 -9.36 45.71 19.68
N THR D 104 -10.57 46.12 20.08
CA THR D 104 -11.82 45.56 19.58
C THR D 104 -12.31 46.45 18.39
N THR D 105 -12.21 47.79 18.54
CA THR D 105 -12.52 48.78 17.50
C THR D 105 -11.32 49.73 17.38
N SER D 106 -11.43 50.77 16.55
CA SER D 106 -10.33 51.73 16.38
C SER D 106 -10.14 52.62 17.62
N THR D 107 -11.14 52.66 18.53
CA THR D 107 -11.11 53.47 19.75
C THR D 107 -11.22 52.60 21.02
N GLU D 108 -11.92 51.45 20.94
CA GLU D 108 -12.10 50.53 22.08
C GLU D 108 -11.00 49.44 22.12
N CYS D 109 -10.12 49.52 23.12
CA CYS D 109 -9.02 48.59 23.31
C CYS D 109 -9.03 48.08 24.76
N PHE D 110 -8.34 46.95 25.01
CA PHE D 110 -8.26 46.33 26.34
C PHE D 110 -7.23 47.08 27.20
N GLY D 111 -7.57 47.34 28.46
CA GLY D 111 -6.66 48.00 29.37
C GLY D 111 -7.08 49.38 29.84
N PRO D 112 -6.19 50.06 30.60
CA PRO D 112 -6.53 51.39 31.14
C PRO D 112 -6.58 52.50 30.06
N ASP D 113 -7.32 53.50 30.25
N GLU E 1 1.87 26.72 48.27
CA GLU E 1 0.83 27.11 47.33
C GLU E 1 0.89 26.22 46.11
N TRP E 2 -0.25 26.02 45.43
CA TRP E 2 -0.34 25.22 44.23
C TRP E 2 -1.50 25.70 43.38
N THR E 3 -1.31 25.69 42.05
CA THR E 3 -2.33 25.99 41.04
C THR E 3 -3.65 25.26 41.40
N GLY E 4 -3.54 23.99 41.81
CA GLY E 4 -4.70 23.15 42.16
C GLY E 4 -5.29 23.30 43.55
N ASP E 5 -4.86 24.30 44.36
CA ASP E 5 -5.44 24.51 45.70
C ASP E 5 -6.91 24.87 45.59
N ALA E 6 -7.71 24.49 46.60
CA ALA E 6 -9.15 24.75 46.62
C ALA E 6 -9.50 26.26 46.58
N ARG E 7 -8.67 27.09 47.24
CA ARG E 7 -8.77 28.55 47.33
C ARG E 7 -8.90 29.25 45.95
N ASP E 8 -8.08 28.80 44.98
CA ASP E 8 -8.02 29.31 43.60
C ASP E 8 -9.23 28.87 42.82
N GLY E 9 -9.75 29.73 41.93
CA GLY E 9 -10.90 29.39 41.07
C GLY E 9 -10.48 29.02 39.66
N MET E 10 -11.42 28.51 38.85
CA MET E 10 -11.17 28.12 37.45
C MET E 10 -12.29 28.59 36.54
N PHE E 11 -11.99 28.73 35.27
CA PHE E 11 -12.99 28.96 34.23
C PHE E 11 -12.54 28.06 33.07
N SER E 12 -13.39 27.09 32.66
CA SER E 12 -13.09 26.13 31.60
C SER E 12 -13.74 26.49 30.27
N GLY E 13 -13.14 26.03 29.17
CA GLY E 13 -13.64 26.29 27.83
C GLY E 13 -13.65 27.76 27.44
N VAL E 14 -12.62 28.49 27.89
CA VAL E 14 -12.44 29.92 27.65
C VAL E 14 -11.50 30.17 26.47
N VAL E 15 -11.91 31.05 25.56
CA VAL E 15 -11.10 31.52 24.46
C VAL E 15 -10.49 32.84 24.94
N ILE E 16 -9.14 32.96 24.89
CA ILE E 16 -8.46 34.19 25.28
C ILE E 16 -8.64 35.15 24.12
N THR E 17 -9.41 36.21 24.34
CA THR E 17 -9.76 37.18 23.29
C THR E 17 -9.03 38.51 23.40
N GLN E 18 -8.53 38.88 24.60
CA GLN E 18 -7.83 40.16 24.79
C GLN E 18 -6.51 39.97 25.53
N PHE E 19 -5.55 40.86 25.25
CA PHE E 19 -4.21 40.80 25.83
C PHE E 19 -3.69 42.21 26.06
N HIS E 20 -3.11 42.44 27.24
CA HIS E 20 -2.51 43.72 27.63
C HIS E 20 -1.19 43.47 28.37
N THR E 21 -0.19 44.30 28.12
CA THR E 21 1.09 44.23 28.81
C THR E 21 1.49 45.64 29.26
N GLY E 22 2.03 45.75 30.47
CA GLY E 22 2.52 47.00 31.00
C GLY E 22 3.52 46.78 32.11
N GLN E 23 3.67 47.80 32.96
CA GLN E 23 4.57 47.78 34.12
C GLN E 23 3.95 48.57 35.26
N ILE E 24 4.13 48.08 36.48
CA ILE E 24 3.70 48.73 37.71
C ILE E 24 4.75 48.46 38.78
N ASP E 25 5.18 49.54 39.47
CA ASP E 25 6.15 49.50 40.55
C ASP E 25 7.38 48.62 40.21
N ASN E 26 7.98 48.93 39.04
CA ASN E 26 9.19 48.31 38.47
C ASN E 26 9.03 46.82 38.12
N LYS E 27 7.79 46.34 38.00
CA LYS E 27 7.53 44.96 37.64
C LYS E 27 6.67 44.87 36.36
N PRO E 28 7.17 44.22 35.29
CA PRO E 28 6.30 43.98 34.12
C PRO E 28 5.17 43.04 34.48
N TYR E 29 4.02 43.20 33.82
CA TYR E 29 2.86 42.34 34.00
C TYR E 29 2.14 42.17 32.67
N PHE E 30 1.28 41.17 32.60
CA PHE E 30 0.40 41.05 31.46
C PHE E 30 -0.99 40.68 31.99
N CYS E 31 -2.04 41.04 31.22
N CYS E 31 -2.04 41.04 31.22
CA CYS E 31 -3.45 40.80 31.53
CA CYS E 31 -3.45 40.77 31.51
C CYS E 31 -4.14 40.13 30.34
C CYS E 31 -4.09 40.09 30.32
N ILE E 32 -4.94 39.07 30.61
CA ILE E 32 -5.70 38.37 29.57
C ILE E 32 -7.17 38.43 29.92
N GLU E 33 -8.03 38.39 28.91
CA GLU E 33 -9.47 38.35 29.12
C GLU E 33 -10.01 37.25 28.23
N SER E 41 -17.34 36.58 30.87
CA SER E 41 -15.92 36.94 30.71
C SER E 41 -15.13 36.92 32.04
N ILE E 42 -13.86 36.52 31.96
CA ILE E 42 -12.92 36.43 33.08
C ILE E 42 -11.60 37.12 32.71
N SER E 43 -11.05 37.86 33.66
CA SER E 43 -9.76 38.54 33.56
C SER E 43 -8.81 38.04 34.61
N ALA E 44 -7.51 37.96 34.28
CA ALA E 44 -6.45 37.56 35.22
C ALA E 44 -5.14 38.11 34.75
N CYS E 45 -4.32 38.58 35.71
N CYS E 45 -4.32 38.56 35.71
CA CYS E 45 -3.00 39.18 35.47
CA CYS E 45 -3.03 39.20 35.48
C CYS E 45 -1.90 38.39 36.11
C CYS E 45 -1.89 38.43 36.13
N SER E 46 -0.73 38.38 35.47
CA SER E 46 0.49 37.77 36.02
C SER E 46 1.56 38.87 36.04
N MET E 47 2.22 39.07 37.20
CA MET E 47 3.28 40.07 37.39
C MET E 47 4.62 39.41 37.71
N LYS E 48 5.68 39.83 37.05
CA LYS E 48 7.02 39.30 37.29
C LYS E 48 7.53 39.67 38.67
N ASN E 49 8.17 38.70 39.37
CA ASN E 49 8.77 38.88 40.70
C ASN E 49 7.79 39.38 41.78
N SER E 50 6.49 39.24 41.56
CA SER E 50 5.46 39.62 42.54
C SER E 50 4.82 38.34 43.06
N SER E 51 5.33 37.89 44.22
CA SER E 51 4.93 36.70 44.97
C SER E 51 3.41 36.67 45.20
N VAL E 52 2.80 35.50 45.40
CA VAL E 52 3.38 34.16 45.45
C VAL E 52 3.54 33.55 44.06
N TRP E 53 2.89 34.13 43.05
CA TRP E 53 2.82 33.58 41.70
C TRP E 53 3.78 34.22 40.70
N GLY E 54 4.69 35.07 41.17
CA GLY E 54 5.66 35.79 40.33
C GLY E 54 6.64 34.92 39.56
N ALA E 55 6.97 33.73 40.11
CA ALA E 55 7.92 32.80 39.52
C ALA E 55 7.43 32.22 38.19
N SER E 56 6.11 32.18 37.98
CA SER E 56 5.52 31.59 36.77
C SER E 56 5.19 32.63 35.69
N PHE E 57 5.59 33.91 35.88
CA PHE E 57 5.31 34.99 34.92
C PHE E 57 5.69 34.61 33.45
N SER E 58 6.94 34.20 33.23
CA SER E 58 7.44 33.96 31.89
C SER E 58 6.81 32.75 31.23
N THR E 59 6.55 31.68 31.98
CA THR E 59 5.89 30.49 31.47
C THR E 59 4.46 30.84 31.07
N LEU E 60 3.71 31.54 31.94
CA LEU E 60 2.33 31.87 31.64
C LEU E 60 2.22 32.90 30.51
N TYR E 61 3.17 33.87 30.43
CA TYR E 61 3.16 34.84 29.34
C TYR E 61 3.24 34.09 28.02
N ASN E 62 4.21 33.19 27.92
CA ASN E 62 4.47 32.40 26.75
C ASN E 62 3.25 31.56 26.37
N GLN E 63 2.68 30.85 27.37
CA GLN E 63 1.55 29.98 27.19
C GLN E 63 0.28 30.76 26.81
N ALA E 64 0.00 31.87 27.52
CA ALA E 64 -1.16 32.72 27.25
C ALA E 64 -1.10 33.36 25.85
N LEU E 65 0.07 33.82 25.42
CA LEU E 65 0.22 34.38 24.07
C LEU E 65 0.01 33.28 23.02
N TYR E 66 0.52 32.07 23.30
CA TYR E 66 0.35 30.91 22.41
C TYR E 66 -1.16 30.63 22.25
N PHE E 67 -1.90 30.57 23.37
CA PHE E 67 -3.34 30.28 23.31
C PHE E 67 -4.15 31.43 22.75
N TYR E 68 -3.71 32.68 22.97
CA TYR E 68 -4.34 33.83 22.32
C TYR E 68 -4.24 33.67 20.78
N THR E 69 -3.06 33.19 20.30
CA THR E 69 -2.79 33.00 18.87
C THR E 69 -3.65 31.84 18.26
N THR E 70 -3.74 30.67 18.92
CA THR E 70 -4.51 29.55 18.39
C THR E 70 -6.02 29.80 18.51
N GLY E 71 -6.43 30.47 19.57
CA GLY E 71 -7.83 30.75 19.84
C GLY E 71 -8.56 29.54 20.39
N GLN E 72 -7.82 28.51 20.78
CA GLN E 72 -8.43 27.29 21.28
C GLN E 72 -9.02 27.49 22.67
N PRO E 73 -10.08 26.74 23.03
CA PRO E 73 -10.65 26.86 24.38
C PRO E 73 -9.71 26.26 25.41
N VAL E 74 -9.50 27.00 26.49
CA VAL E 74 -8.56 26.62 27.55
C VAL E 74 -9.18 26.84 28.93
N ARG E 75 -8.50 26.31 29.94
CA ARG E 75 -8.87 26.52 31.33
C ARG E 75 -7.97 27.56 31.92
N ILE E 76 -8.57 28.58 32.55
CA ILE E 76 -7.83 29.64 33.22
C ILE E 76 -7.96 29.42 34.73
N TYR E 77 -6.82 29.27 35.39
CA TYR E 77 -6.72 29.14 36.84
C TYR E 77 -6.37 30.50 37.38
N TYR E 78 -7.12 31.00 38.37
CA TYR E 78 -6.87 32.33 38.93
C TYR E 78 -6.98 32.33 40.45
N GLU E 79 -6.42 33.38 41.08
CA GLU E 79 -6.55 33.61 42.52
C GLU E 79 -7.07 35.06 42.69
N PRO E 80 -8.32 35.25 43.14
CA PRO E 80 -8.83 36.62 43.32
C PRO E 80 -8.17 37.33 44.52
N GLY E 81 -8.20 38.65 44.50
CA GLY E 81 -7.71 39.51 45.58
C GLY E 81 -6.21 39.61 45.74
N VAL E 82 -5.44 39.21 44.71
CA VAL E 82 -3.99 39.27 44.78
C VAL E 82 -3.50 40.73 44.51
N TRP E 83 -4.01 41.37 43.43
CA TRP E 83 -3.61 42.74 43.12
C TRP E 83 -4.49 43.68 43.92
N THR E 84 -3.85 44.64 44.63
CA THR E 84 -4.53 45.50 45.59
C THR E 84 -4.55 47.00 45.25
N TYR E 85 -3.67 47.48 44.35
CA TYR E 85 -3.66 48.90 43.95
C TYR E 85 -5.03 49.25 43.30
N PRO E 86 -5.83 50.13 43.96
CA PRO E 86 -7.21 50.35 43.50
C PRO E 86 -7.39 50.79 42.03
N PRO E 87 -6.62 51.77 41.48
CA PRO E 87 -6.83 52.12 40.06
C PRO E 87 -6.50 50.96 39.11
N PHE E 88 -5.54 50.08 39.49
CA PHE E 88 -5.17 48.90 38.70
C PHE E 88 -6.33 47.91 38.72
N VAL E 89 -6.85 47.59 39.92
CA VAL E 89 -7.97 46.67 40.09
C VAL E 89 -9.22 47.16 39.32
N LYS E 90 -9.46 48.48 39.35
CA LYS E 90 -10.59 49.12 38.66
C LYS E 90 -10.46 48.99 37.14
N ALA E 91 -9.29 49.30 36.59
CA ALA E 91 -9.04 49.23 35.15
C ALA E 91 -8.92 47.81 34.65
N LEU E 92 -8.33 46.91 35.47
CA LEU E 92 -8.06 45.55 35.04
C LEU E 92 -8.73 44.51 35.93
N THR E 93 -8.03 44.03 36.98
CA THR E 93 -8.55 42.97 37.84
C THR E 93 -7.63 42.72 39.03
N SER E 94 -8.20 42.18 40.10
CA SER E 94 -7.44 41.77 41.26
C SER E 94 -6.95 40.32 41.09
N ASN E 95 -7.51 39.59 40.10
CA ASN E 95 -7.17 38.18 39.88
C ASN E 95 -5.77 37.96 39.38
N ALA E 96 -5.05 37.06 40.04
CA ALA E 96 -3.75 36.58 39.59
C ALA E 96 -3.97 35.37 38.69
N LEU E 97 -3.27 35.32 37.57
CA LEU E 97 -3.25 34.16 36.70
C LEU E 97 -2.25 33.16 37.30
N VAL E 98 -2.72 31.93 37.58
CA VAL E 98 -1.94 30.94 38.32
C VAL E 98 -1.77 29.62 37.57
N GLY E 99 -2.38 29.50 36.39
CA GLY E 99 -2.23 28.29 35.60
C GLY E 99 -3.07 28.29 34.33
N LEU E 100 -2.75 27.39 33.40
CA LEU E 100 -3.42 27.27 32.11
C LEU E 100 -3.44 25.82 31.66
N SER E 101 -4.52 25.39 31.02
CA SER E 101 -4.67 24.04 30.47
C SER E 101 -5.37 24.00 29.14
N THR E 102 -5.05 22.99 28.35
CA THR E 102 -5.81 22.68 27.14
C THR E 102 -7.12 21.99 27.57
N CYS E 103 -8.16 22.06 26.75
CA CYS E 103 -9.45 21.46 27.06
C CYS E 103 -9.84 20.46 26.00
N THR E 104 -10.59 19.43 26.40
CA THR E 104 -11.15 18.42 25.48
C THR E 104 -12.59 18.84 25.12
N THR E 105 -13.34 19.34 26.11
CA THR E 105 -14.70 19.87 25.97
C THR E 105 -14.76 21.24 26.70
N SER E 106 -15.94 21.89 26.72
CA SER E 106 -16.12 23.16 27.38
C SER E 106 -15.99 23.05 28.92
N THR E 107 -16.09 21.80 29.46
CA THR E 107 -16.02 21.54 30.90
C THR E 107 -14.85 20.63 31.28
N GLU E 108 -14.42 19.71 30.37
CA GLU E 108 -13.32 18.77 30.62
C GLU E 108 -12.00 19.31 30.07
N CYS E 109 -11.06 19.64 30.97
CA CYS E 109 -9.75 20.17 30.64
C CYS E 109 -8.68 19.39 31.36
N PHE E 110 -7.45 19.44 30.86
CA PHE E 110 -6.31 18.71 31.43
C PHE E 110 -5.79 19.39 32.73
N GLY E 111 -5.51 18.62 33.77
CA GLY E 111 -5.00 19.18 35.01
C GLY E 111 -5.94 19.14 36.19
N PRO E 112 -5.55 19.78 37.32
CA PRO E 112 -6.38 19.72 38.54
C PRO E 112 -7.72 20.45 38.44
N ASP E 113 -8.74 19.94 39.18
CA ASP E 113 -10.09 20.49 39.37
C ASP E 113 -10.76 19.94 40.67
N ARG E 114 -11.88 19.38 40.60
N GLU F 1 39.55 28.74 20.48
CA GLU F 1 38.66 27.88 19.69
C GLU F 1 37.70 28.67 18.82
N TRP F 2 37.44 28.15 17.62
CA TRP F 2 36.54 28.79 16.66
C TRP F 2 35.85 27.72 15.80
N THR F 3 34.56 27.94 15.44
CA THR F 3 33.76 27.10 14.55
C THR F 3 34.55 26.78 13.26
N GLY F 4 35.24 27.78 12.73
CA GLY F 4 36.05 27.66 11.52
C GLY F 4 37.47 27.13 11.64
N ASP F 5 37.82 26.52 12.80
CA ASP F 5 39.14 25.90 12.98
C ASP F 5 39.22 24.66 12.06
N ALA F 6 40.42 24.36 11.51
CA ALA F 6 40.65 23.21 10.63
C ALA F 6 40.30 21.86 11.30
N ARG F 7 40.59 21.72 12.61
CA ARG F 7 40.33 20.56 13.47
C ARG F 7 38.88 20.05 13.38
N ASP F 8 37.88 20.98 13.37
CA ASP F 8 36.45 20.72 13.29
C ASP F 8 36.06 20.33 11.87
N GLY F 9 35.12 19.40 11.75
CA GLY F 9 34.64 18.92 10.46
C GLY F 9 33.33 19.56 10.03
N MET F 10 32.95 19.34 8.75
CA MET F 10 31.70 19.86 8.15
C MET F 10 30.96 18.81 7.37
N PHE F 11 29.65 19.04 7.19
CA PHE F 11 28.78 18.28 6.32
C PHE F 11 27.86 19.32 5.69
N SER F 12 28.02 19.57 4.38
CA SER F 12 27.26 20.57 3.62
C SER F 12 26.01 19.97 2.92
N GLY F 13 25.00 20.82 2.68
CA GLY F 13 23.74 20.48 2.00
C GLY F 13 22.96 19.40 2.71
N VAL F 14 22.78 19.59 4.01
CA VAL F 14 22.15 18.65 4.93
C VAL F 14 20.77 19.19 5.38
N VAL F 15 19.76 18.32 5.37
CA VAL F 15 18.44 18.64 5.91
C VAL F 15 18.36 17.99 7.30
N ILE F 16 18.18 18.80 8.36
CA ILE F 16 18.04 18.25 9.73
C ILE F 16 16.75 17.43 9.75
N THR F 17 16.88 16.09 9.88
CA THR F 17 15.72 15.18 9.85
C THR F 17 15.29 14.68 11.21
N GLN F 18 16.19 14.69 12.21
CA GLN F 18 15.90 14.19 13.56
C GLN F 18 16.37 15.18 14.64
N PHE F 19 15.69 15.16 15.79
CA PHE F 19 15.96 16.05 16.91
C PHE F 19 15.68 15.32 18.20
N HIS F 20 16.60 15.44 19.17
CA HIS F 20 16.48 14.84 20.49
C HIS F 20 16.96 15.81 21.54
N THR F 21 16.28 15.90 22.67
CA THR F 21 16.69 16.75 23.79
C THR F 21 16.63 15.93 25.07
N GLY F 22 17.63 16.09 25.93
CA GLY F 22 17.66 15.41 27.21
C GLY F 22 18.53 16.15 28.20
N GLN F 23 18.98 15.43 29.23
CA GLN F 23 19.86 15.95 30.28
C GLN F 23 20.84 14.86 30.69
N ILE F 24 22.10 15.28 30.97
CA ILE F 24 23.15 14.41 31.44
C ILE F 24 24.00 15.20 32.43
N ASP F 25 24.16 14.63 33.63
CA ASP F 25 24.96 15.18 34.72
C ASP F 25 24.71 16.71 34.92
N ASN F 26 23.43 17.02 35.18
CA ASN F 26 22.85 18.35 35.45
C ASN F 26 22.97 19.35 34.27
N LYS F 27 23.29 18.85 33.07
CA LYS F 27 23.41 19.73 31.92
C LYS F 27 22.42 19.34 30.82
N PRO F 28 21.48 20.24 30.41
CA PRO F 28 20.62 19.92 29.26
C PRO F 28 21.45 19.86 27.99
N TYR F 29 21.02 19.03 27.04
CA TYR F 29 21.69 18.91 25.73
C TYR F 29 20.65 18.68 24.63
N PHE F 30 21.05 18.81 23.40
CA PHE F 30 20.17 18.47 22.28
C PHE F 30 21.04 17.87 21.19
N CYS F 31 20.46 16.91 20.45
N CYS F 31 20.46 16.91 20.45
CA CYS F 31 21.12 16.17 19.38
CA CYS F 31 21.10 16.16 19.37
C CYS F 31 20.34 16.29 18.08
C CYS F 31 20.33 16.34 18.08
N ILE F 32 21.04 16.49 16.96
CA ILE F 32 20.43 16.60 15.64
C ILE F 32 21.05 15.57 14.73
N GLU F 33 20.29 15.11 13.73
CA GLU F 33 20.77 14.19 12.71
C GLU F 33 20.38 14.77 11.40
N GLY F 34 21.33 14.82 10.50
CA GLY F 34 21.11 15.29 9.14
C GLY F 34 21.58 14.28 8.12
N LYS F 35 20.88 14.21 6.97
CA LYS F 35 21.21 13.30 5.86
C LYS F 35 21.47 14.09 4.57
N SER F 40 24.81 10.14 2.99
CA SER F 40 25.51 9.89 4.25
C SER F 40 24.85 10.68 5.38
N SER F 41 24.95 10.17 6.63
CA SER F 41 24.32 10.84 7.78
C SER F 41 25.32 11.29 8.83
N ILE F 42 25.02 12.42 9.49
CA ILE F 42 25.82 13.02 10.56
C ILE F 42 24.96 13.35 11.76
N SER F 43 25.47 13.05 12.96
CA SER F 43 24.87 13.36 14.25
C SER F 43 25.78 14.32 15.01
N ALA F 44 25.21 15.38 15.63
CA ALA F 44 25.95 16.38 16.40
C ALA F 44 25.14 16.72 17.64
N CYS F 45 25.80 16.97 18.79
N CYS F 45 25.81 16.98 18.79
CA CYS F 45 25.16 17.28 20.07
CA CYS F 45 25.17 17.31 20.06
C CYS F 45 25.75 18.54 20.70
C CYS F 45 25.75 18.56 20.68
N SER F 46 24.91 19.35 21.35
CA SER F 46 25.31 20.57 22.03
C SER F 46 24.87 20.46 23.48
N MET F 47 25.75 20.74 24.44
CA MET F 47 25.43 20.68 25.88
C MET F 47 25.59 22.04 26.52
N LYS F 48 24.65 22.42 27.37
CA LYS F 48 24.69 23.70 28.09
C LYS F 48 25.77 23.66 29.16
N ASN F 49 26.55 24.76 29.25
CA ASN F 49 27.63 24.96 30.23
C ASN F 49 28.70 23.85 30.19
N SER F 50 28.83 23.13 29.07
CA SER F 50 29.85 22.11 28.90
C SER F 50 30.83 22.58 27.86
N SER F 51 31.91 23.21 28.37
CA SER F 51 33.07 23.77 27.66
C SER F 51 33.65 22.76 26.63
N VAL F 52 34.30 23.20 25.53
CA VAL F 52 34.58 24.57 25.11
C VAL F 52 33.38 25.21 24.41
N TRP F 53 32.42 24.39 23.94
CA TRP F 53 31.31 24.85 23.12
C TRP F 53 29.99 25.14 23.86
N GLY F 54 30.00 25.04 25.18
CA GLY F 54 28.83 25.24 26.03
C GLY F 54 28.15 26.60 25.95
N ALA F 55 28.92 27.66 25.64
CA ALA F 55 28.44 29.04 25.55
C ALA F 55 27.46 29.27 24.41
N SER F 56 27.53 28.43 23.35
CA SER F 56 26.69 28.54 22.15
C SER F 56 25.45 27.63 22.18
N PHE F 57 25.19 26.92 23.30
CA PHE F 57 24.05 26.01 23.45
C PHE F 57 22.71 26.66 23.04
N SER F 58 22.35 27.80 23.63
CA SER F 58 21.07 28.48 23.39
C SER F 58 20.92 28.98 21.97
N THR F 59 21.96 29.57 21.41
CA THR F 59 21.97 30.10 20.05
C THR F 59 21.84 28.94 19.06
N LEU F 60 22.62 27.85 19.27
CA LEU F 60 22.57 26.67 18.40
C LEU F 60 21.23 25.94 18.54
N TYR F 61 20.67 25.84 19.76
CA TYR F 61 19.39 25.16 19.94
C TYR F 61 18.33 25.86 19.12
N ASN F 62 18.26 27.17 19.24
CA ASN F 62 17.31 28.01 18.54
C ASN F 62 17.49 27.91 17.02
N GLN F 63 18.74 28.00 16.55
CA GLN F 63 19.05 27.91 15.13
C GLN F 63 18.74 26.51 14.55
N ALA F 64 19.16 25.44 15.25
CA ALA F 64 18.94 24.06 14.84
C ALA F 64 17.48 23.74 14.78
N LEU F 65 16.69 24.20 15.77
CA LEU F 65 15.25 23.96 15.78
C LEU F 65 14.59 24.68 14.62
N TYR F 66 15.02 25.92 14.34
CA TYR F 66 14.52 26.70 13.21
C TYR F 66 14.75 25.98 11.86
N PHE F 67 15.97 25.51 11.59
CA PHE F 67 16.26 24.83 10.34
C PHE F 67 15.55 23.47 10.24
N TYR F 68 15.31 22.78 11.39
CA TYR F 68 14.54 21.52 11.46
C TYR F 68 13.12 21.79 10.94
N THR F 69 12.57 22.92 11.42
CA THR F 69 11.24 23.49 11.16
C THR F 69 11.04 23.83 9.66
N THR F 70 12.05 24.37 8.99
CA THR F 70 12.01 24.80 7.57
C THR F 70 12.42 23.69 6.59
N GLY F 71 13.22 22.73 7.06
CA GLY F 71 13.75 21.61 6.30
C GLY F 71 14.70 22.01 5.20
N GLN F 72 15.20 23.25 5.23
CA GLN F 72 16.12 23.78 4.22
C GLN F 72 17.49 23.11 4.32
N PRO F 73 18.24 22.97 3.20
CA PRO F 73 19.60 22.38 3.31
C PRO F 73 20.55 23.32 4.04
N VAL F 74 21.32 22.76 4.99
CA VAL F 74 22.25 23.55 5.81
C VAL F 74 23.61 22.82 5.96
N ARG F 75 24.61 23.59 6.43
CA ARG F 75 25.93 23.07 6.77
C ARG F 75 26.00 22.88 8.28
N ILE F 76 26.39 21.68 8.71
CA ILE F 76 26.59 21.35 10.11
C ILE F 76 28.09 21.29 10.38
N TYR F 77 28.54 22.10 11.35
CA TYR F 77 29.92 22.17 11.85
C TYR F 77 29.97 21.34 13.11
N TYR F 78 30.93 20.43 13.20
CA TYR F 78 31.03 19.55 14.37
C TYR F 78 32.49 19.36 14.82
N GLU F 79 32.67 18.88 16.06
CA GLU F 79 33.97 18.50 16.60
C GLU F 79 33.84 17.08 17.16
N PRO F 80 34.52 16.07 16.56
CA PRO F 80 34.38 14.70 17.08
C PRO F 80 35.16 14.49 18.37
N GLY F 81 34.76 13.47 19.14
CA GLY F 81 35.40 13.05 20.38
C GLY F 81 35.26 13.98 21.58
N VAL F 82 34.26 14.86 21.55
CA VAL F 82 34.01 15.81 22.64
C VAL F 82 33.27 15.09 23.79
N TRP F 83 32.15 14.39 23.47
CA TRP F 83 31.39 13.66 24.49
C TRP F 83 32.05 12.30 24.68
N THR F 84 32.37 11.95 25.92
CA THR F 84 33.18 10.75 26.22
C THR F 84 32.46 9.63 27.01
N TYR F 85 31.28 9.90 27.63
CA TYR F 85 30.53 8.89 28.38
C TYR F 85 30.11 7.77 27.41
N PRO F 86 30.66 6.53 27.58
CA PRO F 86 30.43 5.45 26.61
C PRO F 86 28.95 5.15 26.28
N PRO F 87 28.00 4.99 27.24
CA PRO F 87 26.61 4.72 26.83
C PRO F 87 26.00 5.84 26.00
N PHE F 88 26.38 7.12 26.28
CA PHE F 88 25.91 8.30 25.54
C PHE F 88 26.44 8.24 24.11
N VAL F 89 27.75 8.05 23.94
CA VAL F 89 28.41 7.99 22.63
C VAL F 89 27.80 6.83 21.78
N LYS F 90 27.52 5.68 22.42
CA LYS F 90 26.94 4.50 21.80
C LYS F 90 25.51 4.76 21.29
N ALA F 91 24.65 5.33 22.15
CA ALA F 91 23.24 5.63 21.87
C ALA F 91 23.06 6.82 20.95
N LEU F 92 23.87 7.88 21.15
CA LEU F 92 23.80 9.10 20.34
C LEU F 92 25.11 9.22 19.58
N THR F 93 25.99 10.19 19.96
CA THR F 93 27.29 10.39 19.31
C THR F 93 28.31 11.01 20.31
N SER F 94 29.53 11.29 19.80
CA SER F 94 30.65 11.93 20.49
C SER F 94 30.88 13.36 19.92
N ASN F 95 30.27 13.61 18.74
CA ASN F 95 30.39 14.88 18.01
C ASN F 95 29.70 16.02 18.71
N ALA F 96 30.40 17.14 18.87
CA ALA F 96 29.82 18.34 19.42
C ALA F 96 29.36 19.23 18.26
N LEU F 97 28.13 19.81 18.32
CA LEU F 97 27.66 20.75 17.29
C LEU F 97 28.28 22.08 17.63
N VAL F 98 29.05 22.64 16.68
CA VAL F 98 29.83 23.85 16.91
C VAL F 98 29.44 25.01 15.97
N GLY F 99 28.53 24.79 15.04
CA GLY F 99 28.08 25.82 14.11
C GLY F 99 27.05 25.36 13.10
N LEU F 100 26.35 26.33 12.48
CA LEU F 100 25.33 26.08 11.47
C LEU F 100 25.34 27.17 10.39
N SER F 101 25.03 26.81 9.13
CA SER F 101 24.98 27.75 8.01
C SER F 101 23.92 27.43 7.01
N THR F 102 23.37 28.46 6.37
CA THR F 102 22.46 28.30 5.24
C THR F 102 23.31 27.88 4.00
N CYS F 103 22.72 27.18 3.02
CA CYS F 103 23.41 26.73 1.81
C CYS F 103 22.75 27.30 0.58
N THR F 104 23.58 27.52 -0.47
CA THR F 104 23.14 27.98 -1.78
C THR F 104 22.99 26.73 -2.68
N THR F 105 23.98 25.82 -2.62
CA THR F 105 24.02 24.53 -3.32
C THR F 105 24.32 23.43 -2.29
N SER F 106 24.45 22.17 -2.75
CA SER F 106 24.77 21.04 -1.87
C SER F 106 26.19 21.12 -1.31
N THR F 107 27.06 21.95 -1.93
CA THR F 107 28.47 22.12 -1.53
C THR F 107 28.79 23.57 -1.13
N GLU F 108 28.11 24.56 -1.74
CA GLU F 108 28.33 25.99 -1.45
C GLU F 108 27.39 26.47 -0.34
N CYS F 109 27.95 26.76 0.84
CA CYS F 109 27.22 27.24 2.01
C CYS F 109 27.91 28.49 2.55
N PHE F 110 27.18 29.29 3.33
CA PHE F 110 27.71 30.52 3.90
C PHE F 110 28.59 30.22 5.11
N GLY F 111 29.73 30.89 5.24
CA GLY F 111 30.61 30.71 6.38
C GLY F 111 31.96 30.09 6.09
N PRO F 112 32.75 29.80 7.15
CA PRO F 112 34.10 29.23 6.96
C PRO F 112 34.10 27.80 6.38
N ASP F 113 35.09 27.42 5.72
N LYS G 23 9.61 -25.03 10.71
CA LYS G 23 8.36 -25.29 9.98
C LYS G 23 7.28 -25.76 10.96
N PRO G 24 5.96 -25.55 10.71
CA PRO G 24 4.95 -25.96 11.73
C PRO G 24 4.59 -27.44 11.69
N TRP G 25 4.15 -27.97 12.85
CA TRP G 25 3.81 -29.39 13.04
C TRP G 25 2.80 -29.92 11.99
N TYR G 26 1.80 -29.11 11.63
CA TYR G 26 0.72 -29.55 10.75
C TYR G 26 1.15 -29.81 9.31
N PHE G 27 2.35 -29.35 8.91
CA PHE G 27 2.88 -29.58 7.57
C PHE G 27 3.15 -31.08 7.38
N ASP G 28 3.71 -31.78 8.38
CA ASP G 28 3.94 -33.22 8.25
C ASP G 28 2.64 -34.01 8.42
N ALA G 29 1.79 -33.59 9.37
CA ALA G 29 0.52 -34.24 9.69
C ALA G 29 -0.44 -34.33 8.48
N ILE G 30 -0.44 -33.31 7.58
CA ILE G 30 -1.29 -33.26 6.39
C ILE G 30 -0.47 -33.55 5.12
N GLY G 31 0.84 -33.67 5.26
CA GLY G 31 1.76 -33.98 4.18
C GLY G 31 2.00 -32.89 3.17
N LEU G 32 2.45 -31.72 3.63
CA LEU G 32 2.79 -30.61 2.74
C LEU G 32 4.25 -30.75 2.40
N THR G 33 4.59 -31.85 1.75
CA THR G 33 5.95 -32.21 1.40
C THR G 33 6.46 -31.35 0.25
N GLU G 34 7.79 -31.37 0.03
CA GLU G 34 8.49 -30.68 -1.04
C GLU G 34 7.99 -31.13 -2.38
N THR G 35 7.81 -32.47 -2.57
CA THR G 35 7.36 -33.08 -3.82
C THR G 35 5.89 -32.68 -4.13
N THR G 36 4.97 -32.76 -3.15
CA THR G 36 3.57 -32.36 -3.31
C THR G 36 3.46 -30.91 -3.79
N MET G 37 4.17 -30.02 -3.11
CA MET G 37 4.17 -28.58 -3.38
C MET G 37 4.85 -28.26 -4.68
N SER G 38 5.74 -29.13 -5.14
CA SER G 38 6.41 -28.94 -6.42
C SER G 38 5.46 -29.18 -7.62
N LEU G 39 4.27 -29.77 -7.40
CA LEU G 39 3.27 -30.11 -8.41
C LEU G 39 2.44 -28.91 -8.85
N THR G 40 2.30 -27.92 -7.97
CA THR G 40 1.52 -26.71 -8.16
C THR G 40 2.16 -25.84 -9.29
N ASP G 41 1.31 -25.10 -10.03
CA ASP G 41 1.68 -24.22 -11.12
C ASP G 41 1.91 -22.81 -10.60
N LYS G 42 3.14 -22.31 -10.77
CA LYS G 42 3.57 -20.98 -10.32
C LYS G 42 2.87 -19.86 -11.10
N ASN G 43 2.53 -20.12 -12.36
CA ASN G 43 1.99 -19.13 -13.29
C ASN G 43 0.58 -18.71 -13.02
N THR G 44 -0.21 -19.57 -12.38
CA THR G 44 -1.61 -19.31 -12.13
C THR G 44 -1.84 -18.22 -11.07
N PRO G 45 -2.48 -17.09 -11.41
CA PRO G 45 -2.87 -16.11 -10.37
C PRO G 45 -3.93 -16.70 -9.41
N VAL G 46 -3.55 -16.91 -8.18
CA VAL G 46 -4.42 -17.51 -7.16
C VAL G 46 -4.63 -16.50 -6.06
N VAL G 47 -5.89 -16.13 -5.78
CA VAL G 47 -6.22 -15.15 -4.75
C VAL G 47 -7.26 -15.72 -3.83
N VAL G 48 -6.95 -15.81 -2.54
CA VAL G 48 -7.94 -16.30 -1.58
C VAL G 48 -8.63 -15.11 -0.96
N SER G 49 -9.94 -15.21 -0.87
CA SER G 49 -10.82 -14.21 -0.25
C SER G 49 -10.86 -14.46 1.25
N VAL G 50 -10.29 -13.52 2.01
CA VAL G 50 -10.29 -13.67 3.46
C VAL G 50 -11.42 -12.75 3.99
N VAL G 51 -12.63 -13.30 4.19
CA VAL G 51 -13.82 -12.56 4.68
C VAL G 51 -13.74 -12.60 6.20
N ASP G 52 -13.30 -11.52 6.79
CA ASP G 52 -13.00 -11.51 8.22
C ASP G 52 -12.93 -10.06 8.76
N SER G 53 -12.04 -9.82 9.75
CA SER G 53 -11.90 -8.56 10.47
C SER G 53 -10.86 -7.60 9.87
N GLY G 54 -10.32 -7.93 8.72
CA GLY G 54 -9.34 -7.10 8.03
C GLY G 54 -7.96 -7.67 8.19
N VAL G 55 -7.13 -7.51 7.18
CA VAL G 55 -5.77 -8.04 7.13
C VAL G 55 -4.80 -6.89 7.11
N ALA G 56 -3.76 -7.01 7.96
CA ALA G 56 -2.59 -6.13 8.04
C ALA G 56 -1.50 -6.81 7.17
N PHE G 57 -1.22 -6.23 6.00
CA PHE G 57 -0.26 -6.81 5.06
C PHE G 57 1.14 -6.39 5.49
N ILE G 58 1.62 -7.10 6.50
CA ILE G 58 2.88 -6.84 7.18
C ILE G 58 3.70 -8.12 7.23
N GLY G 59 5.00 -7.99 7.48
CA GLY G 59 5.92 -9.12 7.63
C GLY G 59 5.84 -10.07 6.46
N GLY G 60 5.54 -11.34 6.73
CA GLY G 60 5.39 -12.36 5.70
C GLY G 60 4.21 -12.17 4.75
N LEU G 61 3.25 -11.27 5.10
CA LEU G 61 2.07 -10.89 4.32
C LEU G 61 2.30 -9.57 3.57
N SER G 62 3.48 -8.96 3.70
CA SER G 62 3.77 -7.66 3.08
C SER G 62 3.70 -7.68 1.56
N ASP G 63 3.95 -8.85 0.90
CA ASP G 63 3.85 -8.94 -0.55
C ASP G 63 2.56 -9.65 -1.02
N SER G 64 1.72 -10.07 -0.05
CA SER G 64 0.51 -10.86 -0.28
C SER G 64 -0.76 -10.10 -0.71
N GLU G 65 -0.77 -8.77 -0.73
CA GLU G 65 -2.00 -8.08 -1.09
C GLU G 65 -2.33 -8.10 -2.56
N PHE G 66 -3.62 -8.40 -2.84
CA PHE G 66 -4.26 -8.34 -4.15
C PHE G 66 -5.32 -7.21 -4.15
N ALA G 67 -6.12 -7.12 -3.07
CA ALA G 67 -7.20 -6.15 -2.90
C ALA G 67 -7.63 -6.13 -1.46
N LYS G 68 -8.16 -4.97 -1.01
CA LYS G 68 -8.71 -4.79 0.33
C LYS G 68 -10.05 -4.03 0.21
N PHE G 69 -11.04 -4.49 1.00
CA PHE G 69 -12.41 -3.96 1.03
C PHE G 69 -12.89 -3.72 2.46
N SER G 70 -13.92 -2.86 2.59
CA SER G 70 -14.57 -2.61 3.88
C SER G 70 -16.06 -2.72 3.72
N PHE G 71 -16.68 -3.53 4.60
CA PHE G 71 -18.14 -3.68 4.70
C PHE G 71 -18.49 -3.36 6.15
N THR G 72 -17.85 -2.29 6.64
CA THR G 72 -18.00 -1.81 8.00
C THR G 72 -18.30 -0.33 7.98
N GLN G 73 -19.08 0.12 8.99
CA GLN G 73 -19.56 1.47 9.16
C GLN G 73 -18.45 2.55 9.26
N ASP G 74 -17.24 2.18 9.72
CA ASP G 74 -16.06 3.07 9.83
C ASP G 74 -15.38 3.30 8.46
N GLY G 75 -15.60 2.38 7.52
CA GLY G 75 -15.09 2.44 6.16
C GLY G 75 -13.68 1.95 5.89
N SER G 76 -12.96 1.57 6.96
CA SER G 76 -11.57 1.14 6.92
C SER G 76 -11.41 -0.30 6.54
N PRO G 77 -10.51 -0.62 5.57
CA PRO G 77 -10.26 -2.03 5.23
C PRO G 77 -9.30 -2.73 6.23
N PHE G 78 -8.69 -1.99 7.14
CA PHE G 78 -7.69 -2.42 8.12
C PHE G 78 -8.36 -2.74 9.44
N PRO G 79 -7.84 -3.75 10.21
CA PRO G 79 -8.51 -4.12 11.48
C PRO G 79 -8.48 -3.02 12.54
N VAL G 80 -9.40 -3.08 13.51
CA VAL G 80 -9.50 -2.11 14.59
C VAL G 80 -9.22 -2.79 15.96
N LYS G 81 -8.76 -2.00 16.96
CA LYS G 81 -8.40 -2.51 18.30
C LYS G 81 -9.59 -2.58 19.27
N LYS G 82 -10.83 -2.84 18.76
CA LYS G 82 -12.04 -3.03 19.62
C LYS G 82 -11.75 -4.15 20.67
N SER G 83 -11.21 -5.28 20.20
CA SER G 83 -10.74 -6.41 21.00
C SER G 83 -9.48 -6.90 20.34
N GLU G 84 -8.53 -7.45 21.12
CA GLU G 84 -7.29 -8.00 20.57
C GLU G 84 -7.59 -9.14 19.60
N ALA G 85 -8.56 -9.99 19.93
CA ALA G 85 -9.01 -11.10 19.10
C ALA G 85 -9.44 -10.61 17.72
N LEU G 86 -10.20 -9.52 17.67
CA LEU G 86 -10.69 -8.98 16.39
C LEU G 86 -9.64 -8.20 15.62
N TYR G 87 -8.70 -7.62 16.34
CA TYR G 87 -7.63 -6.87 15.70
C TYR G 87 -6.74 -7.84 14.96
N ILE G 88 -6.46 -9.01 15.56
CA ILE G 88 -5.50 -9.97 15.01
C ILE G 88 -6.11 -11.02 14.10
N HIS G 89 -7.43 -11.26 14.17
CA HIS G 89 -8.07 -12.35 13.47
C HIS G 89 -7.79 -12.46 11.95
N GLY G 90 -8.06 -11.43 11.16
CA GLY G 90 -7.85 -11.50 9.70
C GLY G 90 -6.40 -11.72 9.31
N THR G 91 -5.45 -11.07 10.01
CA THR G 91 -4.03 -11.19 9.75
C THR G 91 -3.59 -12.60 10.06
N ALA G 92 -3.99 -13.15 11.22
CA ALA G 92 -3.72 -14.53 11.64
C ALA G 92 -4.11 -15.52 10.53
N MET G 93 -5.38 -15.45 10.05
CA MET G 93 -5.97 -16.30 9.02
C MET G 93 -5.21 -16.21 7.69
N ALA G 94 -4.95 -14.99 7.20
CA ALA G 94 -4.22 -14.77 5.95
C ALA G 94 -2.78 -15.28 6.04
N SER G 95 -2.14 -15.23 7.24
CA SER G 95 -0.77 -15.67 7.41
C SER G 95 -0.66 -17.22 7.29
N LEU G 96 -1.68 -17.96 7.75
CA LEU G 96 -1.75 -19.43 7.65
C LEU G 96 -1.92 -19.87 6.23
N ILE G 97 -2.55 -19.02 5.43
CA ILE G 97 -2.85 -19.31 4.04
C ILE G 97 -1.63 -19.05 3.17
N ALA G 98 -1.06 -17.85 3.23
CA ALA G 98 -0.10 -17.43 2.24
C ALA G 98 1.18 -16.72 2.74
N SER G 99 1.49 -16.69 4.05
CA SER G 99 2.72 -16.00 4.53
C SER G 99 3.99 -16.59 3.86
N ARG G 100 4.88 -15.71 3.40
CA ARG G 100 6.08 -16.04 2.64
C ARG G 100 7.36 -16.17 3.48
N TYR G 101 7.36 -15.62 4.71
CA TYR G 101 8.46 -15.71 5.68
C TYR G 101 7.90 -15.45 7.05
N GLY G 102 8.56 -16.01 8.05
CA GLY G 102 8.11 -15.93 9.43
C GLY G 102 7.16 -17.07 9.64
N ILE G 103 5.86 -16.82 9.46
CA ILE G 103 4.83 -17.85 9.50
C ILE G 103 4.88 -18.61 8.15
N TYR G 104 4.73 -19.95 8.22
CA TYR G 104 4.73 -20.78 7.03
C TYR G 104 3.31 -20.93 6.48
N GLY G 105 3.00 -20.15 5.42
CA GLY G 105 1.72 -20.23 4.74
C GLY G 105 1.61 -21.56 4.00
N VAL G 106 0.40 -22.15 3.92
CA VAL G 106 0.18 -23.44 3.25
C VAL G 106 0.55 -23.31 1.77
N TYR G 107 0.12 -22.19 1.15
CA TYR G 107 0.39 -21.88 -0.24
C TYR G 107 0.96 -20.48 -0.35
N PRO G 108 2.28 -20.28 -0.08
CA PRO G 108 2.84 -18.92 -0.11
C PRO G 108 2.71 -18.16 -1.43
N HIS G 109 2.47 -18.86 -2.56
CA HIS G 109 2.35 -18.17 -3.86
C HIS G 109 1.04 -17.46 -4.04
N ALA G 110 0.02 -17.80 -3.21
CA ALA G 110 -1.30 -17.18 -3.23
C ALA G 110 -1.26 -15.74 -2.77
N LEU G 111 -2.13 -14.92 -3.35
CA LEU G 111 -2.30 -13.56 -2.88
C LEU G 111 -3.58 -13.55 -2.05
N ILE G 112 -3.85 -12.48 -1.32
CA ILE G 112 -4.98 -12.40 -0.41
C ILE G 112 -5.81 -11.19 -0.77
N SER G 113 -7.14 -11.40 -0.84
CA SER G 113 -8.12 -10.34 -1.02
C SER G 113 -8.83 -10.17 0.32
N SER G 114 -8.57 -9.09 1.05
CA SER G 114 -9.18 -8.87 2.36
C SER G 114 -10.51 -8.15 2.23
N ARG G 115 -11.57 -8.75 2.84
CA ARG G 115 -12.94 -8.20 2.88
C ARG G 115 -13.35 -8.08 4.30
N ARG G 116 -13.16 -6.91 4.88
CA ARG G 116 -13.46 -6.66 6.29
C ARG G 116 -14.95 -6.49 6.52
N VAL G 117 -15.56 -7.44 7.26
CA VAL G 117 -16.99 -7.49 7.58
C VAL G 117 -17.28 -7.21 9.07
N ILE G 118 -16.27 -7.29 9.94
CA ILE G 118 -16.42 -7.13 11.40
C ILE G 118 -15.20 -6.43 12.03
N PRO G 119 -15.33 -5.86 13.25
CA PRO G 119 -16.55 -5.50 13.96
C PRO G 119 -17.12 -4.21 13.33
N ASP G 120 -18.27 -3.73 13.84
CA ASP G 120 -18.89 -2.50 13.35
C ASP G 120 -19.24 -2.65 11.88
N GLY G 121 -19.67 -3.85 11.54
CA GLY G 121 -20.11 -4.19 10.19
C GLY G 121 -21.35 -3.47 9.77
N VAL G 122 -21.53 -3.25 8.47
CA VAL G 122 -22.76 -2.67 7.95
C VAL G 122 -23.88 -3.74 8.09
N GLN G 123 -25.15 -3.40 7.76
CA GLN G 123 -26.20 -4.41 7.83
C GLN G 123 -25.88 -5.54 6.84
N ASP G 124 -25.85 -6.79 7.38
CA ASP G 124 -25.56 -8.05 6.68
C ASP G 124 -24.21 -7.91 5.99
N SER G 125 -23.21 -7.45 6.74
CA SER G 125 -21.87 -7.24 6.22
C SER G 125 -21.34 -8.49 5.56
N TRP G 126 -21.53 -9.70 6.16
CA TRP G 126 -21.09 -10.98 5.58
C TRP G 126 -21.69 -11.22 4.19
N ILE G 127 -22.99 -10.96 4.02
CA ILE G 127 -23.74 -11.10 2.76
C ILE G 127 -23.18 -10.15 1.71
N ARG G 128 -23.03 -8.85 2.06
CA ARG G 128 -22.54 -7.81 1.15
C ARG G 128 -21.15 -8.14 0.58
N ALA G 129 -20.28 -8.75 1.40
CA ALA G 129 -18.93 -9.18 1.00
C ALA G 129 -18.99 -10.33 0.02
N ILE G 130 -19.88 -11.30 0.27
CA ILE G 130 -20.01 -12.44 -0.63
C ILE G 130 -20.65 -11.98 -1.93
N GLU G 131 -21.61 -11.03 -1.86
CA GLU G 131 -22.26 -10.46 -3.05
C GLU G 131 -21.26 -9.67 -3.91
N SER G 132 -20.26 -9.03 -3.28
CA SER G 132 -19.19 -8.29 -3.97
C SER G 132 -18.25 -9.26 -4.68
N ILE G 133 -17.91 -10.41 -4.02
CA ILE G 133 -17.10 -11.49 -4.60
C ILE G 133 -17.79 -11.99 -5.85
N MET G 134 -19.10 -12.27 -5.74
CA MET G 134 -19.96 -12.83 -6.79
C MET G 134 -20.26 -11.84 -7.93
N SER G 135 -19.79 -10.57 -7.82
CA SER G 135 -20.01 -9.59 -8.90
C SER G 135 -18.93 -9.76 -9.98
N ASN G 136 -17.96 -10.68 -9.76
CA ASN G 136 -16.90 -11.11 -10.67
C ASN G 136 -16.24 -9.92 -11.43
N VAL G 137 -15.64 -8.98 -10.69
CA VAL G 137 -14.92 -7.82 -11.24
C VAL G 137 -13.56 -8.29 -11.79
N PHE G 138 -12.93 -9.26 -11.08
CA PHE G 138 -11.63 -9.85 -11.40
C PHE G 138 -11.83 -10.95 -12.43
N LEU G 139 -11.13 -10.84 -13.56
CA LEU G 139 -11.31 -11.77 -14.67
C LEU G 139 -10.64 -13.16 -14.52
N ALA G 140 -9.46 -13.26 -13.89
CA ALA G 140 -8.75 -14.54 -13.78
C ALA G 140 -9.58 -15.58 -13.01
N PRO G 141 -9.67 -16.83 -13.53
CA PRO G 141 -10.47 -17.87 -12.83
C PRO G 141 -10.10 -18.13 -11.35
N GLY G 142 -8.81 -18.01 -11.00
CA GLY G 142 -8.33 -18.25 -9.62
C GLY G 142 -8.35 -17.07 -8.65
N GLU G 143 -8.97 -15.96 -9.05
CA GLU G 143 -9.07 -14.78 -8.20
C GLU G 143 -10.39 -14.85 -7.46
N GLU G 144 -10.33 -15.17 -6.13
CA GLU G 144 -11.45 -15.30 -5.20
C GLU G 144 -12.36 -16.48 -5.55
N LYS G 145 -11.74 -17.58 -6.05
CA LYS G 145 -12.39 -18.83 -6.33
C LYS G 145 -12.60 -19.54 -5.01
N ILE G 146 -11.67 -19.31 -4.06
CA ILE G 146 -11.67 -19.87 -2.70
C ILE G 146 -11.93 -18.72 -1.74
N ILE G 147 -13.02 -18.86 -0.96
CA ILE G 147 -13.45 -17.84 0.00
C ILE G 147 -13.33 -18.43 1.37
N ASN G 148 -12.42 -17.90 2.17
CA ASN G 148 -12.19 -18.36 3.53
C ASN G 148 -13.06 -17.57 4.53
N ILE G 149 -13.94 -18.25 5.26
CA ILE G 149 -14.80 -17.61 6.27
C ILE G 149 -14.48 -18.30 7.61
N SER G 150 -13.42 -17.82 8.29
CA SER G 150 -12.98 -18.36 9.57
C SER G 150 -13.85 -17.77 10.66
N GLY G 151 -15.13 -18.03 10.55
CA GLY G 151 -16.14 -17.54 11.46
C GLY G 151 -17.47 -17.46 10.77
N GLY G 152 -18.13 -16.34 10.97
CA GLY G 152 -19.43 -16.11 10.35
C GLY G 152 -20.44 -15.53 11.30
N GLN G 153 -21.71 -15.74 10.95
CA GLN G 153 -22.87 -15.18 11.62
C GLN G 153 -23.72 -16.15 12.43
N LYS G 154 -23.94 -15.82 13.71
CA LYS G 154 -24.87 -16.46 14.65
C LYS G 154 -26.14 -15.58 14.69
N GLY G 155 -27.23 -16.11 15.20
CA GLY G 155 -28.48 -15.35 15.34
C GLY G 155 -29.25 -15.17 14.06
N VAL G 156 -29.04 -16.09 13.09
CA VAL G 156 -29.72 -16.06 11.80
C VAL G 156 -31.13 -16.61 11.99
N ALA G 157 -32.14 -15.77 11.73
CA ALA G 157 -33.54 -16.13 11.90
C ALA G 157 -34.22 -16.32 10.57
N SER G 158 -33.93 -15.46 9.60
CA SER G 158 -34.54 -15.56 8.26
C SER G 158 -33.92 -16.72 7.50
N ALA G 159 -32.55 -16.74 7.41
CA ALA G 159 -31.69 -17.70 6.69
C ALA G 159 -31.95 -17.67 5.19
N SER G 160 -33.09 -17.10 4.79
CA SER G 160 -33.57 -16.89 3.42
C SER G 160 -32.46 -16.21 2.55
N VAL G 161 -31.76 -15.23 3.12
CA VAL G 161 -30.71 -14.45 2.46
C VAL G 161 -29.52 -15.33 2.11
N TRP G 162 -29.02 -16.07 3.11
CA TRP G 162 -27.91 -16.99 2.99
C TRP G 162 -28.19 -18.10 2.02
N THR G 163 -29.34 -18.80 2.17
CA THR G 163 -29.72 -19.92 1.31
C THR G 163 -29.90 -19.48 -0.16
N GLU G 164 -30.46 -18.28 -0.43
CA GLU G 164 -30.65 -17.81 -1.80
C GLU G 164 -29.32 -17.51 -2.48
N LEU G 165 -28.34 -17.05 -1.69
CA LEU G 165 -27.01 -16.69 -2.17
C LEU G 165 -26.13 -17.95 -2.34
N LEU G 166 -26.18 -18.86 -1.38
CA LEU G 166 -25.41 -20.09 -1.43
C LEU G 166 -25.91 -21.07 -2.50
N SER G 167 -27.24 -21.07 -2.80
CA SER G 167 -27.81 -21.95 -3.84
C SER G 167 -27.40 -21.46 -5.23
N ARG G 168 -27.36 -20.12 -5.44
CA ARG G 168 -26.94 -19.44 -6.67
C ARG G 168 -25.47 -19.74 -6.94
N MET G 169 -24.65 -19.74 -5.87
CA MET G 169 -23.23 -20.03 -5.96
C MET G 169 -22.99 -21.50 -6.37
N GLY G 170 -23.80 -22.41 -5.85
CA GLY G 170 -23.72 -23.82 -6.21
C GLY G 170 -24.14 -24.06 -7.64
N ARG G 171 -25.16 -23.31 -8.13
CA ARG G 171 -25.65 -23.44 -9.50
C ARG G 171 -24.62 -22.87 -10.45
N ASN G 172 -23.92 -21.78 -10.06
CA ASN G 172 -22.87 -21.15 -10.87
C ASN G 172 -21.62 -22.01 -10.89
N ASN G 173 -21.44 -22.91 -9.90
CA ASN G 173 -20.40 -23.93 -9.76
C ASN G 173 -18.94 -23.40 -9.98
N ASP G 174 -18.63 -22.17 -9.60
CA ASP G 174 -17.25 -21.77 -9.84
C ASP G 174 -16.45 -21.49 -8.54
N ARG G 175 -17.12 -21.04 -7.44
CA ARG G 175 -16.48 -20.70 -6.15
C ARG G 175 -16.86 -21.64 -5.03
N LEU G 176 -15.97 -21.73 -4.04
CA LEU G 176 -16.09 -22.53 -2.83
C LEU G 176 -15.96 -21.68 -1.61
N ILE G 177 -16.85 -21.90 -0.63
CA ILE G 177 -16.76 -21.20 0.64
C ILE G 177 -16.20 -22.20 1.65
N VAL G 178 -15.06 -21.86 2.27
CA VAL G 178 -14.48 -22.69 3.29
C VAL G 178 -14.91 -22.04 4.59
N ALA G 179 -15.80 -22.72 5.32
CA ALA G 179 -16.47 -22.15 6.50
C ALA G 179 -16.15 -22.88 7.79
N ALA G 180 -15.80 -22.11 8.82
CA ALA G 180 -15.59 -22.61 10.20
C ALA G 180 -16.94 -22.93 10.77
N VAL G 181 -17.05 -24.10 11.44
CA VAL G 181 -18.29 -24.59 12.09
C VAL G 181 -18.44 -23.95 13.50
N GLY G 182 -17.38 -23.29 13.96
CA GLY G 182 -17.39 -22.61 15.24
C GLY G 182 -16.82 -23.36 16.42
N ASN G 183 -16.39 -22.57 17.44
CA ASN G 183 -15.78 -22.97 18.72
C ASN G 183 -16.79 -23.01 19.85
N ASP G 184 -16.37 -23.56 21.04
CA ASP G 184 -17.06 -23.78 22.34
C ASP G 184 -17.32 -25.29 22.64
N GLY G 185 -17.16 -26.14 21.60
CA GLY G 185 -17.30 -27.59 21.69
C GLY G 185 -18.69 -28.21 21.67
N ALA G 186 -19.72 -27.44 21.28
CA ALA G 186 -21.11 -27.90 21.24
C ALA G 186 -21.38 -28.86 20.08
N ASP G 187 -22.39 -29.73 20.25
CA ASP G 187 -22.84 -30.63 19.18
C ASP G 187 -23.80 -29.78 18.34
N ILE G 188 -23.44 -29.51 17.06
CA ILE G 188 -24.24 -28.69 16.15
C ILE G 188 -25.69 -29.26 15.98
N ARG G 189 -25.85 -30.61 16.02
CA ARG G 189 -27.15 -31.27 15.90
C ARG G 189 -28.08 -30.87 17.05
N LYS G 190 -27.53 -30.66 18.25
CA LYS G 190 -28.28 -30.32 19.45
C LYS G 190 -28.41 -28.80 19.65
N LEU G 191 -27.73 -27.99 18.81
CA LEU G 191 -27.81 -26.53 18.92
C LEU G 191 -29.11 -25.97 18.35
N SER G 192 -29.54 -24.83 18.88
CA SER G 192 -30.69 -24.08 18.39
C SER G 192 -30.26 -23.38 17.13
N ALA G 193 -31.16 -23.26 16.13
CA ALA G 193 -30.92 -22.57 14.86
C ALA G 193 -30.17 -21.23 15.08
N GLN G 194 -30.60 -20.45 16.07
CA GLN G 194 -30.04 -19.15 16.46
C GLN G 194 -28.57 -19.24 16.96
N GLN G 195 -28.13 -20.40 17.48
CA GLN G 195 -26.78 -20.55 18.03
C GLN G 195 -25.77 -21.05 17.01
N ARG G 196 -26.25 -21.51 15.83
CA ARG G 196 -25.47 -22.04 14.71
C ARG G 196 -24.91 -20.92 13.85
N ILE G 197 -23.63 -21.08 13.44
CA ILE G 197 -22.83 -20.16 12.63
C ILE G 197 -23.12 -20.40 11.13
N TRP G 198 -23.30 -19.29 10.41
CA TRP G 198 -23.54 -19.27 8.96
C TRP G 198 -22.27 -18.73 8.31
N PRO G 199 -21.85 -19.21 7.11
CA PRO G 199 -22.60 -20.09 6.18
C PRO G 199 -22.52 -21.59 6.47
N ALA G 200 -21.67 -22.04 7.42
CA ALA G 200 -21.51 -23.46 7.80
C ALA G 200 -22.84 -24.14 8.12
N ALA G 201 -23.79 -23.43 8.73
CA ALA G 201 -25.07 -24.01 9.13
C ALA G 201 -25.95 -24.30 7.94
N TYR G 202 -25.58 -23.83 6.72
CA TYR G 202 -26.35 -24.13 5.50
C TYR G 202 -26.61 -25.64 5.44
N HIS G 203 -27.89 -26.01 5.42
CA HIS G 203 -28.23 -27.43 5.39
C HIS G 203 -29.07 -27.70 4.12
N PRO G 204 -28.39 -27.86 2.95
CA PRO G 204 -29.13 -28.08 1.70
C PRO G 204 -30.09 -29.24 1.85
N VAL G 205 -31.26 -29.10 1.21
CA VAL G 205 -32.43 -29.94 1.26
C VAL G 205 -32.51 -31.03 0.15
N SER G 206 -32.69 -30.58 -1.10
CA SER G 206 -32.85 -31.46 -2.27
C SER G 206 -31.55 -32.16 -2.63
N SER G 207 -31.63 -33.11 -3.58
CA SER G 207 -30.50 -33.84 -4.14
C SER G 207 -29.63 -32.89 -4.97
N VAL G 208 -30.31 -31.97 -5.72
CA VAL G 208 -29.71 -30.94 -6.56
C VAL G 208 -28.84 -30.01 -5.69
N ASN G 209 -29.44 -29.36 -4.65
CA ASN G 209 -28.75 -28.43 -3.74
C ASN G 209 -27.68 -29.11 -2.84
N LYS G 210 -27.78 -30.43 -2.61
CA LYS G 210 -26.80 -31.16 -1.80
C LYS G 210 -25.51 -31.40 -2.61
N LYS G 211 -25.64 -31.73 -3.92
CA LYS G 211 -24.55 -31.98 -4.86
C LYS G 211 -23.87 -30.67 -5.27
N GLN G 212 -24.67 -29.60 -5.48
CA GLN G 212 -24.21 -28.26 -5.87
C GLN G 212 -23.60 -27.46 -4.68
N ASP G 213 -23.84 -27.88 -3.42
CA ASP G 213 -23.40 -27.22 -2.20
C ASP G 213 -21.97 -26.64 -2.32
N PRO G 214 -21.80 -25.29 -2.26
CA PRO G 214 -20.45 -24.70 -2.40
C PRO G 214 -19.71 -24.53 -1.06
N VAL G 215 -20.32 -24.97 0.06
CA VAL G 215 -19.72 -24.81 1.37
C VAL G 215 -18.96 -26.08 1.79
N ILE G 216 -17.74 -25.88 2.34
CA ILE G 216 -16.90 -26.91 2.96
C ILE G 216 -16.82 -26.54 4.47
N ARG G 217 -17.56 -27.28 5.31
CA ARG G 217 -17.67 -27.09 6.77
C ARG G 217 -16.49 -27.76 7.49
N VAL G 218 -15.63 -26.93 8.13
CA VAL G 218 -14.37 -27.39 8.73
C VAL G 218 -14.38 -27.35 10.27
N ALA G 219 -14.03 -28.51 10.92
CA ALA G 219 -13.86 -28.71 12.37
C ALA G 219 -12.35 -28.79 12.70
N ALA G 220 -11.98 -28.54 13.97
CA ALA G 220 -10.57 -28.50 14.39
C ALA G 220 -10.09 -29.82 15.07
N LEU G 221 -8.88 -30.27 14.70
CA LEU G 221 -8.25 -31.45 15.29
C LEU G 221 -7.18 -31.05 16.31
N ALA G 222 -6.93 -31.93 17.28
CA ALA G 222 -5.87 -31.70 18.26
C ALA G 222 -4.54 -32.14 17.62
N GLN G 223 -3.39 -31.63 18.10
CA GLN G 223 -2.07 -31.94 17.56
C GLN G 223 -1.85 -33.45 17.46
N TYR G 224 -1.31 -33.88 16.32
CA TYR G 224 -1.03 -35.27 16.01
C TYR G 224 0.12 -35.35 15.02
N ARG G 225 0.64 -36.59 14.81
CA ARG G 225 1.67 -36.96 13.85
C ARG G 225 0.97 -37.76 12.72
N LYS G 226 1.37 -37.60 11.41
CA LYS G 226 0.75 -38.37 10.34
C LYS G 226 0.77 -39.89 10.67
N GLY G 227 -0.39 -40.55 10.60
CA GLY G 227 -0.50 -41.99 10.86
C GLY G 227 -1.18 -42.30 12.17
N GLU G 228 -1.10 -41.34 13.10
CA GLU G 228 -1.72 -41.38 14.42
C GLU G 228 -3.20 -41.00 14.23
N THR G 229 -4.13 -41.63 14.98
CA THR G 229 -5.57 -41.39 14.92
C THR G 229 -5.88 -40.00 15.56
N PRO G 230 -6.25 -38.96 14.75
CA PRO G 230 -6.52 -37.65 15.35
C PRO G 230 -7.86 -37.62 16.07
N VAL G 231 -8.05 -36.60 16.91
CA VAL G 231 -9.27 -36.38 17.68
C VAL G 231 -9.62 -34.91 17.54
N LEU G 232 -10.89 -34.55 17.80
CA LEU G 232 -11.28 -33.16 17.70
C LEU G 232 -10.67 -32.37 18.82
N HIS G 233 -10.39 -31.10 18.57
CA HIS G 233 -9.87 -30.23 19.62
C HIS G 233 -11.03 -29.92 20.56
N GLY G 234 -10.78 -30.10 21.85
CA GLY G 234 -11.75 -29.82 22.90
C GLY G 234 -11.56 -28.51 23.64
N GLY G 235 -12.45 -28.26 24.60
CA GLY G 235 -12.46 -27.04 25.41
C GLY G 235 -13.74 -26.25 25.24
N GLY G 236 -14.15 -25.57 26.29
CA GLY G 236 -15.37 -24.78 26.29
C GLY G 236 -15.21 -23.42 25.67
N ILE G 237 -13.97 -23.04 25.33
CA ILE G 237 -13.72 -21.74 24.69
C ILE G 237 -13.29 -21.97 23.23
N THR G 238 -12.19 -22.74 23.02
CA THR G 238 -11.63 -23.00 21.69
C THR G 238 -12.02 -24.37 21.13
N GLY G 239 -12.72 -25.18 21.92
CA GLY G 239 -13.18 -26.50 21.50
C GLY G 239 -14.06 -26.49 20.27
N SER G 240 -13.71 -27.33 19.28
CA SER G 240 -14.45 -27.47 18.04
C SER G 240 -15.87 -27.96 18.23
N ARG G 241 -16.82 -27.33 17.51
CA ARG G 241 -18.19 -27.82 17.40
C ARG G 241 -18.13 -29.03 16.51
N PHE G 242 -19.13 -29.91 16.57
CA PHE G 242 -19.09 -31.12 15.75
C PHE G 242 -20.49 -31.64 15.45
N GLY G 243 -20.51 -32.74 14.70
CA GLY G 243 -21.72 -33.47 14.35
C GLY G 243 -21.75 -33.93 12.91
N ASN G 244 -22.07 -35.23 12.73
CA ASN G 244 -22.23 -35.86 11.42
C ASN G 244 -23.36 -35.13 10.66
N ASN G 245 -23.13 -34.86 9.35
CA ASN G 245 -24.03 -34.15 8.42
C ASN G 245 -24.03 -32.62 8.63
N TRP G 246 -23.16 -32.08 9.52
CA TRP G 246 -22.99 -30.64 9.82
C TRP G 246 -21.50 -30.23 9.67
N VAL G 247 -20.60 -31.24 9.59
CA VAL G 247 -19.15 -31.06 9.41
C VAL G 247 -18.70 -31.97 8.25
N ASP G 248 -18.09 -31.38 7.19
CA ASP G 248 -17.63 -32.09 5.99
C ASP G 248 -16.22 -32.69 6.17
N ILE G 249 -15.30 -31.94 6.79
CA ILE G 249 -13.91 -32.35 6.96
C ILE G 249 -13.36 -31.78 8.29
N ALA G 250 -12.33 -32.44 8.83
CA ALA G 250 -11.61 -31.98 10.03
C ALA G 250 -10.16 -31.71 9.63
N ALA G 251 -9.60 -30.61 10.13
CA ALA G 251 -8.23 -30.22 9.79
C ALA G 251 -7.52 -29.70 11.03
N PRO G 252 -6.15 -29.64 11.05
CA PRO G 252 -5.43 -29.14 12.25
C PRO G 252 -5.94 -27.81 12.82
N GLY G 253 -6.18 -27.80 14.12
CA GLY G 253 -6.68 -26.59 14.79
C GLY G 253 -6.29 -26.50 16.24
N GLN G 254 -5.00 -26.81 16.55
CA GLN G 254 -4.44 -26.73 17.89
C GLN G 254 -2.98 -26.39 17.81
N ASN G 255 -2.47 -25.55 18.75
CA ASN G 255 -1.07 -25.11 18.87
C ASN G 255 -0.57 -24.61 17.49
N ILE G 256 -1.30 -23.62 16.92
CA ILE G 256 -1.08 -23.00 15.61
C ILE G 256 -0.50 -21.61 15.79
N THR G 257 0.70 -21.41 15.25
CA THR G 257 1.44 -20.15 15.27
C THR G 257 0.96 -19.34 14.06
N PHE G 258 0.55 -18.09 14.30
CA PHE G 258 0.04 -17.19 13.26
C PHE G 258 0.65 -15.79 13.43
N LEU G 259 0.46 -14.90 12.44
CA LEU G 259 0.99 -13.53 12.48
C LEU G 259 0.00 -12.57 13.10
N ARG G 260 0.54 -11.54 13.79
CA ARG G 260 -0.24 -10.48 14.42
C ARG G 260 0.07 -9.15 13.69
N PRO G 261 -0.84 -8.14 13.64
CA PRO G 261 -0.52 -6.87 12.94
C PRO G 261 0.75 -6.15 13.42
N ASP G 262 1.14 -6.33 14.70
CA ASP G 262 2.33 -5.71 15.31
C ASP G 262 3.61 -6.42 14.83
N ALA G 263 3.47 -7.45 13.96
CA ALA G 263 4.52 -8.29 13.36
C ALA G 263 5.01 -9.39 14.31
N LYS G 264 4.48 -9.47 15.53
CA LYS G 264 4.89 -10.55 16.40
C LYS G 264 4.01 -11.76 16.05
N THR G 265 4.30 -12.91 16.64
CA THR G 265 3.50 -14.11 16.40
C THR G 265 2.69 -14.45 17.66
N GLY G 266 1.64 -15.21 17.44
CA GLY G 266 0.73 -15.71 18.45
C GLY G 266 0.51 -17.18 18.21
N THR G 267 -0.11 -17.85 19.17
CA THR G 267 -0.43 -19.27 19.12
C THR G 267 -1.92 -19.42 19.46
N GLY G 268 -2.61 -20.23 18.69
CA GLY G 268 -4.04 -20.43 18.91
C GLY G 268 -4.54 -21.76 18.42
N SER G 269 -5.76 -22.07 18.82
CA SER G 269 -6.51 -23.28 18.53
C SER G 269 -7.91 -22.89 18.06
N GLY G 270 -8.60 -23.82 17.43
CA GLY G 270 -9.96 -23.57 16.99
C GLY G 270 -10.21 -23.79 15.51
N THR G 271 -11.51 -23.77 15.15
CA THR G 271 -11.99 -24.01 13.79
C THR G 271 -11.55 -22.91 12.79
N SER G 272 -11.17 -21.70 13.27
CA SER G 272 -10.71 -20.59 12.42
C SER G 272 -9.42 -20.96 11.71
N GLU G 273 -8.44 -21.47 12.50
CA GLU G 273 -7.13 -21.98 12.09
C GLU G 273 -7.30 -23.10 11.10
N ALA G 274 -8.11 -24.12 11.46
CA ALA G 274 -8.42 -25.31 10.65
C ALA G 274 -8.97 -24.94 9.28
N THR G 275 -9.89 -23.95 9.21
CA THR G 275 -10.51 -23.39 7.97
C THR G 275 -9.42 -22.75 7.09
N ALA G 276 -8.54 -21.93 7.69
CA ALA G 276 -7.46 -21.26 6.96
C ALA G 276 -6.50 -22.28 6.32
N ILE G 277 -6.23 -23.41 7.04
CA ILE G 277 -5.35 -24.46 6.51
C ILE G 277 -6.02 -25.15 5.29
N VAL G 278 -7.34 -25.49 5.37
CA VAL G 278 -8.11 -26.07 4.25
C VAL G 278 -8.08 -25.08 3.05
N SER G 279 -8.38 -23.81 3.29
CA SER G 279 -8.36 -22.77 2.26
C SER G 279 -7.01 -22.75 1.48
N GLY G 280 -5.88 -22.85 2.20
CA GLY G 280 -4.54 -22.90 1.63
C GLY G 280 -4.32 -24.13 0.77
N VAL G 281 -4.80 -25.28 1.24
CA VAL G 281 -4.70 -26.55 0.50
C VAL G 281 -5.46 -26.38 -0.83
N LEU G 282 -6.74 -25.93 -0.78
CA LEU G 282 -7.58 -25.67 -1.98
C LEU G 282 -6.96 -24.67 -2.93
N ALA G 283 -6.28 -23.63 -2.40
CA ALA G 283 -5.58 -22.61 -3.20
C ALA G 283 -4.45 -23.27 -4.02
N ALA G 284 -3.66 -24.15 -3.36
CA ALA G 284 -2.59 -24.92 -3.98
C ALA G 284 -3.16 -25.80 -5.08
N MET G 285 -4.36 -26.38 -4.89
CA MET G 285 -5.02 -27.24 -5.87
C MET G 285 -5.47 -26.39 -7.04
N THR G 286 -6.15 -25.28 -6.76
CA THR G 286 -6.63 -24.31 -7.75
C THR G 286 -5.52 -23.97 -8.76
N SER G 287 -4.26 -23.79 -8.31
CA SER G 287 -3.16 -23.40 -9.17
C SER G 287 -2.94 -24.38 -10.36
N CYS G 288 -3.27 -25.65 -10.17
CA CYS G 288 -3.11 -26.69 -11.19
C CYS G 288 -4.15 -26.60 -12.32
N ASN G 289 -5.31 -26.00 -12.07
CA ASN G 289 -6.39 -25.75 -13.04
C ASN G 289 -7.50 -24.94 -12.38
N PRO G 290 -7.42 -23.59 -12.42
CA PRO G 290 -8.49 -22.77 -11.82
C PRO G 290 -9.78 -22.76 -12.66
N ARG G 291 -9.78 -23.44 -13.80
CA ARG G 291 -10.96 -23.52 -14.66
C ARG G 291 -11.88 -24.62 -14.19
N ALA G 292 -11.33 -25.56 -13.39
CA ALA G 292 -12.06 -26.69 -12.78
C ALA G 292 -13.21 -26.16 -11.93
N THR G 293 -14.36 -26.81 -11.96
CA THR G 293 -15.52 -26.39 -11.19
C THR G 293 -15.30 -26.57 -9.67
N ALA G 294 -16.17 -25.93 -8.87
CA ALA G 294 -16.20 -26.03 -7.41
C ALA G 294 -16.45 -27.48 -7.00
N THR G 295 -17.32 -28.16 -7.72
CA THR G 295 -17.67 -29.58 -7.55
C THR G 295 -16.43 -30.47 -7.77
N GLU G 296 -15.63 -30.20 -8.82
CA GLU G 296 -14.41 -30.96 -9.08
C GLU G 296 -13.42 -30.85 -7.92
N LEU G 297 -13.17 -29.63 -7.39
CA LEU G 297 -12.23 -29.41 -6.29
C LEU G 297 -12.73 -29.93 -4.96
N LYS G 298 -14.05 -29.76 -4.66
CA LYS G 298 -14.64 -30.23 -3.40
C LYS G 298 -14.63 -31.75 -3.35
N ARG G 299 -14.99 -32.42 -4.48
CA ARG G 299 -14.99 -33.86 -4.56
C ARG G 299 -13.58 -34.40 -4.43
N THR G 300 -12.55 -33.69 -4.91
CA THR G 300 -11.17 -34.20 -4.83
C THR G 300 -10.68 -34.11 -3.39
N LEU G 301 -10.85 -32.95 -2.75
CA LEU G 301 -10.45 -32.67 -1.35
C LEU G 301 -11.04 -33.68 -0.36
N LEU G 302 -12.37 -33.95 -0.47
CA LEU G 302 -13.11 -34.83 0.42
C LEU G 302 -12.84 -36.30 0.13
N GLU G 303 -12.76 -36.70 -1.17
CA GLU G 303 -12.47 -38.10 -1.56
C GLU G 303 -11.04 -38.50 -1.19
N SER G 304 -10.11 -37.54 -1.20
CA SER G 304 -8.71 -37.75 -0.85
C SER G 304 -8.50 -37.70 0.67
N ALA G 305 -9.55 -37.31 1.43
CA ALA G 305 -9.47 -37.24 2.87
C ALA G 305 -9.41 -38.62 3.48
N ASP G 306 -8.59 -38.74 4.54
CA ASP G 306 -8.46 -39.96 5.34
C ASP G 306 -9.76 -40.11 6.12
N LYS G 307 -10.31 -41.34 6.17
CA LYS G 307 -11.57 -41.61 6.86
C LYS G 307 -11.30 -42.49 8.06
N TYR G 308 -11.57 -41.95 9.28
CA TYR G 308 -11.36 -42.64 10.57
C TYR G 308 -12.68 -43.11 11.20
N PRO G 309 -12.73 -44.39 11.72
CA PRO G 309 -13.95 -44.90 12.35
C PRO G 309 -14.36 -44.13 13.60
N SER G 310 -13.36 -43.68 14.39
CA SER G 310 -13.51 -42.93 15.64
C SER G 310 -14.07 -41.50 15.44
N LEU G 311 -14.01 -40.95 14.22
CA LEU G 311 -14.48 -39.56 14.01
C LEU G 311 -15.77 -39.50 13.17
N VAL G 312 -16.45 -40.63 12.97
CA VAL G 312 -17.66 -40.71 12.14
C VAL G 312 -18.84 -39.91 12.79
N ASP G 313 -19.06 -40.01 14.11
CA ASP G 313 -20.13 -39.26 14.80
C ASP G 313 -19.89 -37.73 14.78
N LYS G 314 -18.63 -37.32 14.74
CA LYS G 314 -18.21 -35.92 14.80
C LYS G 314 -18.14 -35.25 13.40
N VAL G 315 -17.57 -35.94 12.39
CA VAL G 315 -17.39 -35.45 11.01
C VAL G 315 -18.08 -36.41 10.02
N THR G 316 -18.75 -35.88 8.97
CA THR G 316 -19.40 -36.69 7.92
C THR G 316 -18.32 -37.61 7.32
N GLU G 317 -18.53 -38.94 7.46
CA GLU G 317 -17.64 -40.02 7.01
C GLU G 317 -16.24 -39.98 7.71
N GLY G 318 -16.15 -39.23 8.81
CA GLY G 318 -14.96 -39.11 9.65
C GLY G 318 -13.70 -38.70 8.94
N ARG G 319 -13.83 -37.69 8.04
CA ARG G 319 -12.82 -37.15 7.14
C ARG G 319 -11.79 -36.26 7.83
N VAL G 320 -10.50 -36.46 7.48
CA VAL G 320 -9.35 -35.70 7.96
C VAL G 320 -8.52 -35.26 6.74
N LEU G 321 -8.21 -33.97 6.70
CA LEU G 321 -7.48 -33.33 5.62
C LEU G 321 -6.17 -34.04 5.29
N ASN G 322 -6.05 -34.53 4.05
CA ASN G 322 -4.83 -35.11 3.50
C ASN G 322 -4.43 -34.18 2.39
N ALA G 323 -3.50 -33.24 2.67
CA ALA G 323 -3.06 -32.25 1.66
C ALA G 323 -2.23 -32.94 0.58
N GLU G 324 -1.40 -33.93 0.97
CA GLU G 324 -0.59 -34.69 0.01
C GLU G 324 -1.50 -35.39 -1.00
N LYS G 325 -2.53 -36.12 -0.53
CA LYS G 325 -3.45 -36.83 -1.43
C LYS G 325 -4.32 -35.85 -2.24
N ALA G 326 -4.89 -34.79 -1.61
CA ALA G 326 -5.73 -33.78 -2.29
C ALA G 326 -5.01 -33.06 -3.43
N ILE G 327 -3.83 -32.47 -3.14
CA ILE G 327 -3.04 -31.71 -4.12
C ILE G 327 -2.46 -32.64 -5.17
N SER G 328 -1.87 -33.79 -4.77
CA SER G 328 -1.28 -34.68 -5.79
C SER G 328 -2.35 -35.28 -6.70
N MET G 329 -3.50 -35.74 -6.14
CA MET G 329 -4.62 -36.27 -6.94
C MET G 329 -5.06 -35.22 -7.98
N PHE G 330 -5.30 -34.00 -7.53
CA PHE G 330 -5.79 -32.90 -8.37
C PHE G 330 -4.79 -32.47 -9.44
N CYS G 331 -3.50 -32.40 -9.11
CA CYS G 331 -2.48 -31.94 -10.06
C CYS G 331 -2.15 -32.99 -11.10
N LYS G 332 -2.32 -34.29 -10.76
CA LYS G 332 -2.09 -35.43 -11.65
C LYS G 332 -3.20 -35.53 -12.68
N LYS G 333 -4.48 -35.42 -12.23
CA LYS G 333 -5.68 -35.44 -13.08
C LYS G 333 -5.56 -34.35 -14.18
N ASN G 334 -4.95 -33.20 -13.86
CA ASN G 334 -4.79 -32.10 -14.83
C ASN G 334 -3.45 -32.11 -15.58
N TYR G 335 -2.55 -33.07 -15.26
CA TYR G 335 -1.24 -33.14 -15.90
C TYR G 335 -1.35 -33.22 -17.42
N ILE G 336 -2.07 -34.19 -17.97
CA ILE G 336 -2.16 -34.30 -19.43
C ILE G 336 -2.96 -33.12 -20.03
N PRO G 337 -4.19 -32.74 -19.60
CA PRO G 337 -4.87 -31.62 -20.29
C PRO G 337 -4.14 -30.27 -20.19
N VAL G 338 -3.52 -29.95 -19.05
CA VAL G 338 -2.87 -28.67 -18.79
C VAL G 338 -1.34 -28.66 -19.10
N ARG G 339 -0.58 -29.69 -18.70
CA ARG G 339 0.89 -29.68 -18.89
C ARG G 339 1.33 -30.29 -20.16
N GLN G 340 0.56 -31.24 -20.70
CA GLN G 340 0.94 -31.99 -21.92
C GLN G 340 -0.19 -32.09 -22.92
N GLY G 341 -0.67 -30.94 -23.37
CA GLY G 341 -1.69 -30.88 -24.40
C GLY G 341 -1.27 -31.56 -25.69
N ARG G 342 -0.07 -31.20 -26.22
CA ARG G 342 0.52 -31.70 -27.49
C ARG G 342 0.32 -33.21 -27.73
N TRP H 2 15.02 -56.13 -28.31
CA TRP H 2 13.97 -55.84 -27.34
C TRP H 2 14.55 -55.30 -26.02
N THR H 3 13.80 -54.39 -25.35
CA THR H 3 14.09 -53.79 -24.05
C THR H 3 14.45 -54.89 -23.01
N GLY H 4 13.76 -56.03 -23.07
CA GLY H 4 13.97 -57.18 -22.20
C GLY H 4 15.04 -58.17 -22.61
N ASP H 5 15.93 -57.81 -23.57
CA ASP H 5 17.05 -58.69 -23.96
C ASP H 5 18.08 -58.70 -22.83
N ALA H 6 18.78 -59.83 -22.65
CA ALA H 6 19.80 -60.00 -21.59
C ALA H 6 20.94 -58.96 -21.68
N ARG H 7 21.38 -58.62 -22.91
CA ARG H 7 22.46 -57.66 -23.23
C ARG H 7 22.26 -56.28 -22.52
N ASP H 8 21.01 -55.75 -22.51
CA ASP H 8 20.64 -54.48 -21.88
C ASP H 8 20.60 -54.62 -20.34
N GLY H 9 20.99 -53.55 -19.63
CA GLY H 9 21.01 -53.52 -18.18
C GLY H 9 19.83 -52.80 -17.56
N MET H 10 19.66 -52.93 -16.25
CA MET H 10 18.59 -52.28 -15.48
C MET H 10 19.07 -51.65 -14.19
N PHE H 11 18.32 -50.66 -13.71
CA PHE H 11 18.52 -50.03 -12.42
C PHE H 11 17.12 -49.82 -11.87
N SER H 12 16.77 -50.55 -10.80
CA SER H 12 15.45 -50.53 -10.17
C SER H 12 15.39 -49.59 -8.95
N GLY H 13 14.18 -49.09 -8.66
CA GLY H 13 13.88 -48.20 -7.54
C GLY H 13 14.63 -46.89 -7.58
N VAL H 14 14.72 -46.30 -8.76
CA VAL H 14 15.44 -45.08 -9.06
C VAL H 14 14.47 -43.88 -9.15
N VAL H 15 14.89 -42.72 -8.63
CA VAL H 15 14.12 -41.50 -8.75
C VAL H 15 14.80 -40.65 -9.83
N ILE H 16 14.09 -40.38 -10.95
CA ILE H 16 14.63 -39.49 -11.99
C ILE H 16 14.75 -38.13 -11.32
N THR H 17 15.98 -37.63 -11.11
CA THR H 17 16.20 -36.36 -10.42
C THR H 17 16.76 -35.32 -11.34
N GLN H 18 17.41 -35.75 -12.43
CA GLN H 18 17.94 -34.80 -13.40
C GLN H 18 17.38 -35.07 -14.79
N PHE H 19 17.27 -34.03 -15.60
CA PHE H 19 16.74 -34.11 -16.96
C PHE H 19 17.50 -33.11 -17.80
N HIS H 20 18.02 -33.57 -18.95
CA HIS H 20 18.73 -32.75 -19.91
C HIS H 20 18.19 -33.06 -21.30
N THR H 21 18.00 -32.00 -22.11
CA THR H 21 17.56 -32.12 -23.50
C THR H 21 18.46 -31.26 -24.37
N GLY H 22 18.81 -31.79 -25.53
CA GLY H 22 19.63 -31.08 -26.51
C GLY H 22 19.49 -31.67 -27.89
N GLN H 23 20.48 -31.39 -28.75
CA GLN H 23 20.55 -31.91 -30.12
C GLN H 23 21.99 -32.23 -30.48
N ILE H 24 22.19 -33.31 -31.24
CA ILE H 24 23.50 -33.71 -31.75
C ILE H 24 23.31 -34.32 -33.13
N ASP H 25 24.08 -33.82 -34.11
CA ASP H 25 24.08 -34.29 -35.50
C ASP H 25 22.64 -34.45 -36.02
N ASN H 26 21.87 -33.34 -35.97
CA ASN H 26 20.49 -33.16 -36.43
C ASN H 26 19.46 -34.08 -35.71
N LYS H 27 19.82 -34.65 -34.56
CA LYS H 27 18.89 -35.49 -33.83
C LYS H 27 18.65 -34.97 -32.41
N PRO H 28 17.38 -34.62 -32.03
CA PRO H 28 17.12 -34.23 -30.63
C PRO H 28 17.31 -35.44 -29.71
N TYR H 29 17.74 -35.19 -28.47
CA TYR H 29 17.94 -36.25 -27.48
C TYR H 29 17.55 -35.75 -26.11
N PHE H 30 17.26 -36.67 -25.20
CA PHE H 30 17.00 -36.31 -23.83
C PHE H 30 17.80 -37.27 -22.95
N CYS H 31 18.48 -36.71 -21.96
CA CYS H 31 19.29 -37.43 -20.98
C CYS H 31 18.62 -37.33 -19.61
N ILE H 32 18.53 -38.46 -18.87
CA ILE H 32 17.99 -38.52 -17.51
C ILE H 32 19.04 -39.12 -16.58
N GLU H 33 19.01 -38.70 -15.34
CA GLU H 33 19.88 -39.25 -14.33
C GLU H 33 19.02 -39.66 -13.16
N GLY H 34 19.32 -40.82 -12.63
CA GLY H 34 18.59 -41.32 -11.49
C GLY H 34 19.50 -41.89 -10.44
N LYS H 35 19.07 -41.79 -9.17
CA LYS H 35 19.79 -42.29 -8.00
C LYS H 35 18.93 -43.32 -7.25
N SER H 41 24.36 -43.98 -8.93
CA SER H 41 23.65 -43.19 -9.94
C SER H 41 23.84 -43.75 -11.36
N ILE H 42 22.80 -43.59 -12.19
CA ILE H 42 22.78 -44.05 -13.59
C ILE H 42 22.30 -42.91 -14.50
N SER H 43 22.96 -42.77 -15.66
CA SER H 43 22.62 -41.81 -16.72
C SER H 43 22.29 -42.59 -17.98
N ALA H 44 21.31 -42.09 -18.77
CA ALA H 44 20.88 -42.70 -20.04
C ALA H 44 20.24 -41.66 -20.96
N CYS H 45 20.55 -41.76 -22.28
CA CYS H 45 20.08 -40.87 -23.34
C CYS H 45 19.21 -41.59 -24.35
N SER H 46 18.11 -40.97 -24.78
CA SER H 46 17.28 -41.47 -25.87
C SER H 46 17.33 -40.44 -27.00
N MET H 47 17.84 -40.85 -28.18
CA MET H 47 17.94 -39.97 -29.34
C MET H 47 16.85 -40.28 -30.35
N LYS H 48 16.19 -39.25 -30.89
CA LYS H 48 15.17 -39.39 -31.92
C LYS H 48 15.80 -39.85 -33.24
N ASN H 49 15.14 -40.82 -33.90
CA ASN H 49 15.54 -41.38 -35.20
C ASN H 49 16.98 -41.94 -35.21
N SER H 50 17.57 -42.25 -34.04
CA SER H 50 18.92 -42.82 -33.96
C SER H 50 18.81 -44.26 -33.54
N SER H 51 18.81 -45.15 -34.55
CA SER H 51 18.73 -46.62 -34.49
C SER H 51 19.71 -47.19 -33.44
N VAL H 52 19.43 -48.35 -32.81
CA VAL H 52 18.27 -49.24 -32.95
C VAL H 52 17.08 -48.77 -32.14
N TRP H 53 17.33 -47.90 -31.14
CA TRP H 53 16.35 -47.46 -30.16
C TRP H 53 15.66 -46.11 -30.43
N GLY H 54 15.91 -45.53 -31.61
CA GLY H 54 15.36 -44.25 -32.03
C GLY H 54 13.85 -44.14 -32.09
N ALA H 55 13.14 -45.28 -32.35
CA ALA H 55 11.68 -45.37 -32.49
C ALA H 55 10.95 -45.15 -31.17
N SER H 56 11.62 -45.35 -30.03
CA SER H 56 11.01 -45.21 -28.72
C SER H 56 11.25 -43.82 -28.07
N PHE H 57 11.93 -42.89 -28.76
CA PHE H 57 12.24 -41.54 -28.23
C PHE H 57 11.02 -40.81 -27.67
N SER H 58 9.96 -40.65 -28.47
CA SER H 58 8.77 -39.90 -28.09
C SER H 58 8.03 -40.53 -26.93
N THR H 59 7.82 -41.85 -26.96
CA THR H 59 7.16 -42.60 -25.90
C THR H 59 7.94 -42.45 -24.58
N LEU H 60 9.28 -42.68 -24.64
CA LEU H 60 10.19 -42.58 -23.50
C LEU H 60 10.24 -41.19 -22.92
N TYR H 61 10.34 -40.15 -23.79
CA TYR H 61 10.36 -38.74 -23.36
C TYR H 61 9.14 -38.40 -22.55
N ASN H 62 7.98 -38.73 -23.09
CA ASN H 62 6.67 -38.49 -22.50
C ASN H 62 6.55 -39.15 -21.14
N GLN H 63 6.96 -40.44 -21.06
CA GLN H 63 6.92 -41.25 -19.84
C GLN H 63 7.90 -40.72 -18.78
N ALA H 64 9.19 -40.52 -19.16
CA ALA H 64 10.27 -39.98 -18.32
C ALA H 64 9.95 -38.58 -17.78
N LEU H 65 9.18 -37.76 -18.54
CA LEU H 65 8.81 -36.45 -18.02
C LEU H 65 7.76 -36.58 -16.89
N TYR H 66 6.70 -37.39 -17.10
CA TYR H 66 5.67 -37.56 -16.07
C TYR H 66 6.27 -38.16 -14.78
N PHE H 67 7.20 -39.14 -14.87
CA PHE H 67 7.77 -39.73 -13.66
C PHE H 67 8.66 -38.73 -12.97
N TYR H 68 9.45 -37.91 -13.71
CA TYR H 68 10.27 -36.84 -13.12
C TYR H 68 9.38 -35.88 -12.27
N THR H 69 8.16 -35.64 -12.75
CA THR H 69 7.18 -34.79 -12.08
C THR H 69 6.73 -35.42 -10.75
N THR H 70 6.30 -36.70 -10.76
CA THR H 70 5.79 -37.35 -9.53
C THR H 70 6.92 -37.65 -8.52
N GLY H 71 8.11 -38.00 -9.02
CA GLY H 71 9.24 -38.36 -8.16
C GLY H 71 9.12 -39.77 -7.59
N GLN H 72 8.19 -40.56 -8.16
CA GLN H 72 8.00 -41.96 -7.79
C GLN H 72 9.26 -42.82 -8.24
N PRO H 73 9.56 -43.90 -7.51
CA PRO H 73 10.68 -44.77 -7.91
C PRO H 73 10.35 -45.56 -9.19
N VAL H 74 11.31 -45.66 -10.08
CA VAL H 74 11.11 -46.32 -11.37
C VAL H 74 12.33 -47.19 -11.77
N ARG H 75 12.11 -48.07 -12.76
CA ARG H 75 13.16 -48.89 -13.36
C ARG H 75 13.60 -48.26 -14.68
N ILE H 76 14.91 -48.05 -14.82
CA ILE H 76 15.51 -47.52 -16.03
C ILE H 76 16.21 -48.66 -16.76
N TYR H 77 15.80 -48.91 -18.01
CA TYR H 77 16.40 -49.90 -18.91
C TYR H 77 17.38 -49.17 -19.80
N TYR H 78 18.62 -49.67 -19.89
CA TYR H 78 19.63 -49.00 -20.69
C TYR H 78 20.48 -49.99 -21.48
N GLU H 79 21.18 -49.48 -22.50
CA GLU H 79 22.14 -50.25 -23.26
C GLU H 79 23.46 -49.45 -23.28
N PRO H 80 24.54 -49.95 -22.63
CA PRO H 80 25.81 -49.21 -22.67
C PRO H 80 26.51 -49.30 -24.02
N GLY H 81 27.37 -48.31 -24.29
CA GLY H 81 28.19 -48.22 -25.49
C GLY H 81 27.49 -47.89 -26.79
N VAL H 82 26.27 -47.31 -26.71
CA VAL H 82 25.50 -46.96 -27.90
C VAL H 82 26.02 -45.61 -28.44
N TRP H 83 26.15 -44.58 -27.60
CA TRP H 83 26.64 -43.27 -28.03
C TRP H 83 28.16 -43.32 -27.98
N THR H 84 28.82 -42.96 -29.08
CA THR H 84 30.26 -43.16 -29.22
C THR H 84 31.10 -41.86 -29.37
N TYR H 85 30.46 -40.70 -29.65
CA TYR H 85 31.16 -39.41 -29.79
C TYR H 85 31.85 -39.09 -28.44
N PRO H 86 33.22 -39.08 -28.42
CA PRO H 86 33.95 -38.94 -27.13
C PRO H 86 33.57 -37.73 -26.28
N PRO H 87 33.45 -36.46 -26.78
CA PRO H 87 33.06 -35.36 -25.89
C PRO H 87 31.68 -35.55 -25.27
N PHE H 88 30.72 -36.17 -26.02
CA PHE H 88 29.36 -36.45 -25.55
C PHE H 88 29.40 -37.48 -24.44
N VAL H 89 30.08 -38.62 -24.66
CA VAL H 89 30.21 -39.71 -23.68
C VAL H 89 30.88 -39.18 -22.38
N LYS H 90 31.91 -38.31 -22.53
CA LYS H 90 32.67 -37.70 -21.43
C LYS H 90 31.78 -36.81 -20.56
N ALA H 91 31.02 -35.89 -21.21
CA ALA H 91 30.14 -34.92 -20.56
C ALA H 91 28.85 -35.55 -20.03
N LEU H 92 28.29 -36.53 -20.76
CA LEU H 92 27.03 -37.16 -20.40
C LEU H 92 27.23 -38.66 -20.29
N THR H 93 26.60 -39.45 -21.14
CA THR H 93 26.70 -40.91 -21.06
C THR H 93 26.84 -41.61 -22.50
N SER H 94 27.28 -42.89 -22.50
CA SER H 94 27.28 -43.75 -23.69
C SER H 94 26.00 -44.62 -23.67
N ASN H 95 25.34 -44.70 -22.50
CA ASN H 95 24.14 -45.49 -22.27
C ASN H 95 22.94 -44.94 -22.99
N ALA H 96 22.26 -45.81 -23.74
CA ALA H 96 21.01 -45.44 -24.42
C ALA H 96 19.83 -45.83 -23.54
N LEU H 97 18.88 -44.88 -23.35
CA LEU H 97 17.64 -45.15 -22.60
C LEU H 97 16.73 -45.89 -23.57
N VAL H 98 16.39 -47.14 -23.18
CA VAL H 98 15.67 -48.10 -24.03
C VAL H 98 14.28 -48.51 -23.42
N GLY H 99 14.04 -48.17 -22.15
CA GLY H 99 12.79 -48.49 -21.49
C GLY H 99 12.59 -47.90 -20.10
N LEU H 100 11.33 -47.91 -19.64
CA LEU H 100 10.95 -47.42 -18.32
C LEU H 100 9.85 -48.28 -17.73
N SER H 101 9.93 -48.49 -16.41
CA SER H 101 8.97 -49.31 -15.69
C SER H 101 8.65 -48.73 -14.26
N THR H 102 7.35 -48.70 -13.87
CA THR H 102 6.91 -48.30 -12.52
C THR H 102 7.38 -49.40 -11.52
N CYS H 103 7.59 -49.06 -10.24
CA CYS H 103 8.06 -50.01 -9.23
C CYS H 103 7.07 -50.14 -8.09
N THR H 104 7.05 -51.33 -7.45
CA THR H 104 6.24 -51.61 -6.26
C THR H 104 7.16 -51.43 -5.05
N THR H 105 8.40 -51.99 -5.12
CA THR H 105 9.46 -51.87 -4.11
C THR H 105 10.75 -51.37 -4.78
N SER H 106 11.86 -51.26 -4.03
CA SER H 106 13.14 -50.82 -4.59
C SER H 106 13.75 -51.83 -5.56
N THR H 107 13.26 -53.10 -5.53
CA THR H 107 13.76 -54.19 -6.37
C THR H 107 12.65 -54.77 -7.28
N GLU H 108 11.38 -54.77 -6.81
CA GLU H 108 10.24 -55.30 -7.57
C GLU H 108 9.58 -54.20 -8.41
N CYS H 109 9.75 -54.30 -9.75
CA CYS H 109 9.20 -53.35 -10.71
C CYS H 109 8.45 -54.13 -11.80
N PHE H 110 7.52 -53.46 -12.48
CA PHE H 110 6.72 -54.04 -13.56
C PHE H 110 7.55 -54.19 -14.86
N GLY H 111 7.40 -55.31 -15.55
CA GLY H 111 8.10 -55.53 -16.81
C GLY H 111 9.18 -56.59 -16.80
N PRO H 112 9.95 -56.72 -17.91
CA PRO H 112 10.98 -57.76 -17.98
C PRO H 112 12.18 -57.52 -17.03
N ASP H 113 12.81 -58.52 -16.63
N GLU I 1 7.06 -12.57 -43.64
CA GLU I 1 6.17 -12.19 -42.53
C GLU I 1 6.77 -12.61 -41.19
N TRP I 2 6.47 -11.84 -40.13
CA TRP I 2 6.95 -12.09 -38.78
C TRP I 2 5.94 -11.53 -37.79
N THR I 3 5.78 -12.20 -36.63
CA THR I 3 4.93 -11.81 -35.50
C THR I 3 5.20 -10.34 -35.12
N GLY I 4 6.48 -9.96 -35.11
CA GLY I 4 6.93 -8.62 -34.78
C GLY I 4 6.90 -7.58 -35.89
N ASP I 5 6.22 -7.84 -37.03
CA ASP I 5 6.05 -6.85 -38.10
C ASP I 5 5.17 -5.70 -37.62
N ALA I 6 5.42 -4.47 -38.10
CA ALA I 6 4.64 -3.27 -37.74
C ALA I 6 3.15 -3.41 -38.11
N ARG I 7 2.85 -4.03 -39.29
CA ARG I 7 1.52 -4.32 -39.86
C ARG I 7 0.55 -4.95 -38.83
N ASP I 8 1.05 -5.93 -38.02
CA ASP I 8 0.32 -6.66 -36.98
C ASP I 8 0.12 -5.80 -35.74
N GLY I 9 -0.97 -6.04 -35.02
CA GLY I 9 -1.27 -5.34 -33.78
C GLY I 9 -1.05 -6.15 -32.53
N MET I 10 -1.08 -5.50 -31.35
CA MET I 10 -0.92 -6.12 -30.03
C MET I 10 -1.96 -5.65 -29.04
N PHE I 11 -2.18 -6.44 -28.00
CA PHE I 11 -3.01 -6.14 -26.84
C PHE I 11 -2.28 -6.76 -25.66
N SER I 12 -1.73 -5.92 -24.76
CA SER I 12 -0.94 -6.36 -23.59
C SER I 12 -1.76 -6.42 -22.31
N GLY I 13 -1.33 -7.28 -21.38
CA GLY I 13 -1.96 -7.48 -20.07
C GLY I 13 -3.40 -7.96 -20.13
N VAL I 14 -3.66 -8.87 -21.05
CA VAL I 14 -4.95 -9.45 -21.35
C VAL I 14 -5.10 -10.83 -20.69
N VAL I 15 -6.28 -11.16 -20.25
CA VAL I 15 -6.60 -12.48 -19.72
C VAL I 15 -7.39 -13.23 -20.83
N ILE I 16 -7.04 -14.49 -21.16
CA ILE I 16 -7.83 -15.25 -22.17
C ILE I 16 -9.08 -15.80 -21.44
N THR I 17 -10.23 -15.20 -21.79
CA THR I 17 -11.48 -15.46 -21.09
C THR I 17 -12.41 -16.41 -21.81
N GLN I 18 -12.29 -16.54 -23.15
CA GLN I 18 -13.15 -17.41 -23.96
C GLN I 18 -12.35 -18.22 -24.94
N PHE I 19 -12.80 -19.49 -25.17
CA PHE I 19 -12.19 -20.46 -26.07
C PHE I 19 -13.28 -21.19 -26.97
N HIS I 20 -13.08 -21.19 -28.32
CA HIS I 20 -13.96 -21.87 -29.28
C HIS I 20 -13.12 -22.65 -30.29
N THR I 21 -13.56 -23.86 -30.67
CA THR I 21 -12.91 -24.67 -31.68
C THR I 21 -13.97 -25.19 -32.66
N GLY I 22 -13.61 -25.20 -33.93
CA GLY I 22 -14.47 -25.69 -35.01
C GLY I 22 -13.67 -26.08 -36.23
N GLN I 23 -14.35 -26.14 -37.37
CA GLN I 23 -13.78 -26.46 -38.68
C GLN I 23 -14.47 -25.66 -39.74
N ILE I 24 -13.71 -25.18 -40.71
CA ILE I 24 -14.24 -24.46 -41.86
C ILE I 24 -13.45 -24.87 -43.10
N ASP I 25 -14.17 -25.33 -44.14
CA ASP I 25 -13.62 -25.73 -45.42
C ASP I 25 -12.38 -26.65 -45.24
N ASN I 26 -12.60 -27.77 -44.51
CA ASN I 26 -11.64 -28.86 -44.21
C ASN I 26 -10.42 -28.40 -43.36
N LYS I 27 -10.50 -27.22 -42.75
CA LYS I 27 -9.41 -26.76 -41.90
C LYS I 27 -9.89 -26.53 -40.43
N PRO I 28 -9.32 -27.25 -39.43
CA PRO I 28 -9.69 -26.96 -38.03
C PRO I 28 -9.18 -25.57 -37.65
N TYR I 29 -9.89 -24.91 -36.71
CA TYR I 29 -9.50 -23.61 -36.19
C TYR I 29 -9.88 -23.50 -34.72
N PHE I 30 -9.33 -22.51 -34.05
CA PHE I 30 -9.77 -22.19 -32.72
C PHE I 30 -9.82 -20.67 -32.65
N CYS I 31 -10.67 -20.14 -31.77
N CYS I 31 -10.66 -20.16 -31.76
CA CYS I 31 -10.87 -18.72 -31.53
CA CYS I 31 -10.83 -18.74 -31.52
C CYS I 31 -10.72 -18.43 -30.04
C CYS I 31 -10.69 -18.45 -30.04
N ILE I 32 -10.10 -17.28 -29.71
CA ILE I 32 -9.91 -16.83 -28.33
C ILE I 32 -10.40 -15.41 -28.23
N GLU I 33 -10.84 -15.08 -27.05
CA GLU I 33 -11.18 -13.72 -26.68
C GLU I 33 -10.39 -13.42 -25.47
N GLY I 34 -9.79 -12.23 -25.45
CA GLY I 34 -9.06 -11.70 -24.31
C GLY I 34 -9.59 -10.35 -23.88
N LYS I 35 -9.64 -10.09 -22.56
CA LYS I 35 -10.10 -8.82 -21.98
C LYS I 35 -9.00 -8.18 -21.12
N GLN I 36 -8.77 -6.86 -21.27
CA GLN I 36 -7.75 -6.10 -20.52
C GLN I 36 -8.31 -5.66 -19.17
N SER I 41 -11.73 -5.47 -25.10
CA SER I 41 -11.66 -6.85 -25.53
C SER I 41 -11.15 -7.03 -26.98
N ILE I 42 -10.46 -8.16 -27.23
CA ILE I 42 -9.91 -8.52 -28.52
C ILE I 42 -10.24 -9.99 -28.83
N SER I 43 -10.63 -10.26 -30.09
CA SER I 43 -10.86 -11.62 -30.61
C SER I 43 -9.83 -11.93 -31.67
N ALA I 44 -9.30 -13.17 -31.66
CA ALA I 44 -8.30 -13.65 -32.61
C ALA I 44 -8.57 -15.13 -32.90
N CYS I 45 -8.42 -15.53 -34.17
N CYS I 45 -8.43 -15.54 -34.17
CA CYS I 45 -8.72 -16.88 -34.66
CA CYS I 45 -8.68 -16.93 -34.60
C CYS I 45 -7.52 -17.48 -35.39
C CYS I 45 -7.49 -17.48 -35.35
N SER I 46 -7.14 -18.75 -35.06
CA SER I 46 -6.04 -19.44 -35.76
C SER I 46 -6.57 -20.67 -36.50
N MET I 47 -6.23 -20.79 -37.80
CA MET I 47 -6.63 -21.92 -38.66
C MET I 47 -5.44 -22.74 -39.10
N LYS I 48 -5.59 -24.07 -39.05
CA LYS I 48 -4.56 -25.00 -39.50
C LYS I 48 -4.44 -24.95 -41.02
N ASN I 49 -3.19 -24.96 -41.54
CA ASN I 49 -2.89 -24.98 -42.99
C ASN I 49 -3.50 -23.79 -43.76
N SER I 50 -3.84 -22.71 -43.09
CA SER I 50 -4.35 -21.54 -43.76
C SER I 50 -3.33 -20.42 -43.60
N SER I 51 -2.50 -20.28 -44.66
CA SER I 51 -1.41 -19.32 -44.83
C SER I 51 -1.87 -17.88 -44.54
N VAL I 52 -0.96 -16.96 -44.16
CA VAL I 52 0.48 -17.11 -43.96
C VAL I 52 0.78 -17.67 -42.58
N TRP I 53 -0.20 -17.62 -41.66
CA TRP I 53 0.01 -17.99 -40.26
C TRP I 53 -0.41 -19.42 -39.87
N GLY I 54 -0.81 -20.23 -40.83
CA GLY I 54 -1.25 -21.60 -40.63
C GLY I 54 -0.23 -22.55 -40.02
N ALA I 55 1.08 -22.27 -40.21
CA ALA I 55 2.19 -23.09 -39.69
C ALA I 55 2.27 -23.06 -38.16
N SER I 56 1.76 -22.00 -37.53
CA SER I 56 1.81 -21.80 -36.08
C SER I 56 0.52 -22.25 -35.35
N PHE I 57 -0.47 -22.84 -36.06
CA PHE I 57 -1.72 -23.32 -35.47
C PHE I 57 -1.51 -24.20 -34.21
N SER I 58 -0.71 -25.28 -34.32
CA SER I 58 -0.48 -26.23 -33.23
C SER I 58 0.20 -25.60 -32.01
N THR I 59 1.25 -24.78 -32.23
CA THR I 59 1.99 -24.10 -31.17
C THR I 59 1.06 -23.12 -30.45
N LEU I 60 0.33 -22.30 -31.25
CA LEU I 60 -0.59 -21.31 -30.69
C LEU I 60 -1.78 -21.97 -29.96
N TYR I 61 -2.34 -23.09 -30.49
CA TYR I 61 -3.44 -23.76 -29.85
C TYR I 61 -3.03 -24.20 -28.43
N ASN I 62 -1.89 -24.90 -28.35
CA ASN I 62 -1.33 -25.40 -27.13
C ASN I 62 -1.04 -24.25 -26.14
N GLN I 63 -0.41 -23.17 -26.61
CA GLN I 63 -0.07 -22.01 -25.79
C GLN I 63 -1.31 -21.25 -25.33
N ALA I 64 -2.27 -21.00 -26.25
CA ALA I 64 -3.52 -20.30 -25.94
C ALA I 64 -4.38 -21.06 -24.93
N LEU I 65 -4.48 -22.43 -25.06
CA LEU I 65 -5.27 -23.21 -24.11
C LEU I 65 -4.56 -23.25 -22.77
N TYR I 66 -3.21 -23.12 -22.75
CA TYR I 66 -2.45 -23.06 -21.51
C TYR I 66 -2.74 -21.73 -20.79
N PHE I 67 -2.67 -20.60 -21.53
CA PHE I 67 -2.96 -19.28 -20.92
C PHE I 67 -4.46 -19.11 -20.56
N TYR I 68 -5.37 -19.79 -21.29
CA TYR I 68 -6.79 -19.78 -20.94
C TYR I 68 -6.91 -20.42 -19.58
N THR I 69 -6.16 -21.54 -19.35
CA THR I 69 -6.21 -22.32 -18.11
C THR I 69 -5.78 -21.49 -16.90
N THR I 70 -4.56 -20.95 -16.91
CA THR I 70 -3.96 -20.18 -15.80
C THR I 70 -4.68 -18.87 -15.59
N GLY I 71 -5.06 -18.24 -16.69
CA GLY I 71 -5.74 -16.95 -16.58
C GLY I 71 -4.78 -15.80 -16.31
N GLN I 72 -3.47 -16.07 -16.42
CA GLN I 72 -2.41 -15.09 -16.28
C GLN I 72 -2.51 -14.02 -17.38
N PRO I 73 -2.07 -12.77 -17.09
CA PRO I 73 -2.08 -11.73 -18.14
C PRO I 73 -1.07 -12.03 -19.23
N VAL I 74 -1.50 -11.87 -20.48
CA VAL I 74 -0.66 -12.17 -21.64
C VAL I 74 -0.82 -11.10 -22.71
N ARG I 75 0.14 -11.09 -23.67
CA ARG I 75 0.10 -10.25 -24.85
C ARG I 75 -0.40 -11.09 -26.02
N ILE I 76 -1.41 -10.58 -26.69
CA ILE I 76 -1.97 -11.21 -27.88
C ILE I 76 -1.49 -10.42 -29.10
N TYR I 77 -0.81 -11.10 -30.03
CA TYR I 77 -0.37 -10.58 -31.31
C TYR I 77 -1.39 -11.02 -32.34
N TYR I 78 -1.89 -10.08 -33.14
CA TYR I 78 -2.89 -10.43 -34.13
C TYR I 78 -2.66 -9.70 -35.46
N GLU I 79 -3.33 -10.16 -36.51
CA GLU I 79 -3.32 -9.50 -37.80
C GLU I 79 -4.77 -9.37 -38.26
N PRO I 80 -5.30 -8.13 -38.37
CA PRO I 80 -6.70 -7.98 -38.83
C PRO I 80 -6.84 -8.24 -40.33
N GLY I 81 -8.06 -8.61 -40.76
CA GLY I 81 -8.41 -8.82 -42.16
C GLY I 81 -7.90 -10.07 -42.83
N VAL I 82 -7.48 -11.08 -42.03
CA VAL I 82 -6.95 -12.34 -42.55
C VAL I 82 -8.11 -13.25 -42.96
N TRP I 83 -9.09 -13.46 -42.07
CA TRP I 83 -10.26 -14.30 -42.40
C TRP I 83 -11.25 -13.43 -43.13
N THR I 84 -11.74 -13.91 -44.26
CA THR I 84 -12.56 -13.11 -45.17
C THR I 84 -14.01 -13.61 -45.36
N TYR I 85 -14.34 -14.88 -44.98
CA TYR I 85 -15.69 -15.42 -45.13
C TYR I 85 -16.65 -14.57 -44.27
N PRO I 86 -17.58 -13.81 -44.91
CA PRO I 86 -18.42 -12.86 -44.16
C PRO I 86 -19.20 -13.45 -42.96
N PRO I 87 -19.92 -14.60 -43.05
CA PRO I 87 -20.62 -15.10 -41.85
C PRO I 87 -19.67 -15.43 -40.70
N PHE I 88 -18.45 -15.92 -41.00
CA PHE I 88 -17.42 -16.26 -40.01
C PHE I 88 -16.94 -14.99 -39.34
N VAL I 89 -16.56 -13.96 -40.13
CA VAL I 89 -16.06 -12.68 -39.61
C VAL I 89 -17.13 -12.01 -38.73
N LYS I 90 -18.41 -12.10 -39.15
CA LYS I 90 -19.56 -11.54 -38.44
C LYS I 90 -19.75 -12.22 -37.06
N ALA I 91 -19.75 -13.57 -37.03
CA ALA I 91 -19.95 -14.37 -35.82
C ALA I 91 -18.72 -14.43 -34.91
N LEU I 92 -17.52 -14.63 -35.50
CA LEU I 92 -16.27 -14.73 -34.75
C LEU I 92 -15.45 -13.47 -35.00
N THR I 93 -14.42 -13.52 -35.88
CA THR I 93 -13.60 -12.35 -36.19
C THR I 93 -12.77 -12.57 -37.51
N SER I 94 -12.10 -11.49 -37.98
CA SER I 94 -11.23 -11.48 -39.15
C SER I 94 -9.76 -11.55 -38.73
N ASN I 95 -9.49 -11.26 -37.45
CA ASN I 95 -8.15 -11.25 -36.84
C ASN I 95 -7.55 -12.64 -36.75
N ALA I 96 -6.30 -12.75 -37.24
CA ALA I 96 -5.54 -13.98 -37.13
C ALA I 96 -4.66 -13.86 -35.92
N LEU I 97 -4.61 -14.95 -35.13
CA LEU I 97 -3.74 -15.03 -33.96
C LEU I 97 -2.34 -15.32 -34.51
N VAL I 98 -1.33 -14.46 -34.22
CA VAL I 98 -0.01 -14.56 -34.82
C VAL I 98 1.09 -14.66 -33.80
N GLY I 99 0.76 -14.62 -32.51
CA GLY I 99 1.73 -14.77 -31.43
C GLY I 99 1.16 -14.56 -30.04
N LEU I 100 1.90 -15.03 -29.02
CA LEU I 100 1.51 -14.92 -27.60
C LEU I 100 2.73 -14.69 -26.72
N SER I 101 2.59 -13.90 -25.66
CA SER I 101 3.67 -13.65 -24.72
C SER I 101 3.21 -13.56 -23.31
N THR I 102 4.10 -13.87 -22.38
CA THR I 102 3.85 -13.69 -20.97
C THR I 102 4.08 -12.21 -20.68
N CYS I 103 3.45 -11.67 -19.62
CA CYS I 103 3.61 -10.29 -19.19
C CYS I 103 4.16 -10.17 -17.79
N THR I 104 4.93 -9.11 -17.54
CA THR I 104 5.49 -8.79 -16.22
C THR I 104 4.51 -7.79 -15.55
N THR I 105 4.03 -6.80 -16.34
CA THR I 105 3.05 -5.77 -15.92
C THR I 105 1.93 -5.73 -16.98
N SER I 106 0.95 -4.81 -16.84
CA SER I 106 -0.14 -4.70 -17.81
C SER I 106 0.34 -4.16 -19.17
N THR I 107 1.54 -3.57 -19.21
CA THR I 107 2.11 -2.96 -20.42
C THR I 107 3.45 -3.60 -20.82
N GLU I 108 4.23 -4.11 -19.83
CA GLU I 108 5.53 -4.75 -20.07
C GLU I 108 5.36 -6.27 -20.24
N CYS I 109 5.54 -6.75 -21.47
CA CYS I 109 5.44 -8.16 -21.82
C CYS I 109 6.70 -8.58 -22.58
N PHE I 110 6.97 -9.89 -22.62
CA PHE I 110 8.14 -10.44 -23.29
C PHE I 110 7.92 -10.48 -24.80
N GLY I 111 8.92 -10.10 -25.59
CA GLY I 111 8.82 -10.17 -27.05
C GLY I 111 8.83 -8.86 -27.79
N PRO I 112 8.63 -8.91 -29.13
CA PRO I 112 8.65 -7.68 -29.96
C PRO I 112 7.46 -6.73 -29.69
N ASP I 113 7.58 -5.51 -29.98
N VAL J 14 -11.45 -51.36 -12.86
CA VAL J 14 -10.01 -51.61 -12.82
C VAL J 14 -9.22 -50.28 -12.66
N VAL J 15 -8.32 -50.24 -11.66
CA VAL J 15 -7.44 -49.08 -11.50
C VAL J 15 -6.12 -49.47 -12.21
N ILE J 16 -5.70 -48.72 -13.24
CA ILE J 16 -4.44 -49.00 -13.93
C ILE J 16 -3.31 -48.53 -12.99
N THR J 17 -2.69 -49.51 -12.25
CA THR J 17 -1.70 -49.34 -11.17
C THR J 17 -0.22 -49.37 -11.59
N GLN J 18 0.07 -49.97 -12.76
CA GLN J 18 1.43 -50.14 -13.26
C GLN J 18 1.49 -49.77 -14.72
N PHE J 19 2.66 -49.29 -15.12
CA PHE J 19 2.95 -48.85 -16.48
C PHE J 19 4.39 -49.25 -16.86
N HIS J 20 4.59 -49.72 -18.11
CA HIS J 20 5.90 -50.09 -18.64
C HIS J 20 5.98 -49.69 -20.08
N THR J 21 7.13 -49.18 -20.50
CA THR J 21 7.38 -48.83 -21.91
C THR J 21 8.77 -49.35 -22.30
N GLY J 22 8.89 -49.86 -23.51
CA GLY J 22 10.13 -50.35 -24.11
C GLY J 22 10.08 -50.20 -25.61
N GLN J 23 10.86 -51.03 -26.35
CA GLN J 23 10.90 -51.10 -27.82
C GLN J 23 11.19 -52.51 -28.33
N ILE J 24 10.24 -53.07 -29.09
CA ILE J 24 10.25 -54.42 -29.66
C ILE J 24 10.37 -54.41 -31.23
N ASP J 25 11.60 -54.68 -31.74
CA ASP J 25 11.97 -54.79 -33.17
C ASP J 25 11.57 -53.51 -33.96
N ASN J 26 12.16 -52.36 -33.54
CA ASN J 26 12.01 -51.01 -34.13
C ASN J 26 10.57 -50.46 -34.02
N LYS J 27 9.79 -50.92 -33.02
CA LYS J 27 8.42 -50.47 -32.71
C LYS J 27 8.25 -50.15 -31.18
N PRO J 28 7.92 -48.87 -30.77
CA PRO J 28 7.69 -48.61 -29.34
C PRO J 28 6.39 -49.26 -28.83
N TYR J 29 6.39 -49.77 -27.58
CA TYR J 29 5.24 -50.41 -26.95
C TYR J 29 5.06 -49.93 -25.49
N PHE J 30 3.79 -49.77 -25.01
CA PHE J 30 3.50 -49.43 -23.59
C PHE J 30 2.65 -50.56 -22.96
N CYS J 31 2.95 -50.96 -21.71
CA CYS J 31 2.19 -52.00 -20.99
C CYS J 31 1.54 -51.38 -19.82
N ILE J 32 0.32 -51.86 -19.50
CA ILE J 32 -0.45 -51.46 -18.32
C ILE J 32 -0.89 -52.74 -17.55
N GLU J 33 -0.89 -52.74 -16.19
CA GLU J 33 -1.34 -53.91 -15.40
C GLU J 33 -2.58 -53.55 -14.58
N SER J 43 -3.39 -57.49 -17.65
CA SER J 43 -2.25 -56.90 -18.36
C SER J 43 -2.50 -56.83 -19.87
N ALA J 44 -2.15 -55.69 -20.50
CA ALA J 44 -2.34 -55.46 -21.93
C ALA J 44 -1.27 -54.49 -22.48
N CYS J 45 -0.72 -54.82 -23.68
CA CYS J 45 0.30 -54.03 -24.39
C CYS J 45 -0.20 -53.49 -25.72
N SER J 46 0.25 -52.25 -26.10
CA SER J 46 -0.04 -51.70 -27.42
C SER J 46 1.27 -51.25 -28.09
N MET J 47 1.47 -51.60 -29.37
CA MET J 47 2.66 -51.24 -30.18
C MET J 47 2.25 -50.32 -31.30
N LYS J 48 3.12 -49.33 -31.62
CA LYS J 48 2.89 -48.43 -32.75
C LYS J 48 3.17 -49.17 -34.07
N ASN J 49 2.29 -48.95 -35.06
CA ASN J 49 2.33 -49.50 -36.42
C ASN J 49 2.33 -51.06 -36.43
N SER J 50 1.93 -51.70 -35.31
CA SER J 50 1.79 -53.15 -35.23
C SER J 50 0.30 -53.41 -35.14
N SER J 51 -0.32 -53.33 -36.31
CA SER J 51 -1.75 -53.42 -36.38
C SER J 51 -2.19 -54.90 -36.15
N VAL J 52 -3.50 -55.24 -36.07
CA VAL J 52 -4.69 -54.48 -36.44
C VAL J 52 -4.90 -53.27 -35.57
N TRP J 53 -4.32 -53.27 -34.36
CA TRP J 53 -4.56 -52.22 -33.35
C TRP J 53 -3.47 -51.12 -33.28
N GLY J 54 -2.50 -51.16 -34.21
CA GLY J 54 -1.39 -50.22 -34.32
C GLY J 54 -1.78 -48.77 -34.56
N ALA J 55 -2.92 -48.54 -35.25
CA ALA J 55 -3.44 -47.20 -35.60
C ALA J 55 -3.85 -46.35 -34.39
N SER J 56 -4.47 -46.96 -33.39
CA SER J 56 -4.96 -46.20 -32.24
C SER J 56 -3.96 -46.17 -31.10
N PHE J 57 -2.70 -46.66 -31.34
CA PHE J 57 -1.63 -46.70 -30.32
C PHE J 57 -1.47 -45.35 -29.61
N SER J 58 -1.40 -44.25 -30.39
CA SER J 58 -1.23 -42.85 -29.97
C SER J 58 -2.36 -42.40 -29.05
N THR J 59 -3.63 -42.73 -29.40
CA THR J 59 -4.83 -42.38 -28.62
C THR J 59 -4.84 -43.15 -27.27
N LEU J 60 -4.59 -44.47 -27.32
CA LEU J 60 -4.49 -45.35 -26.17
C LEU J 60 -3.31 -44.93 -25.29
N TYR J 61 -2.17 -44.48 -25.86
CA TYR J 61 -1.04 -44.08 -25.03
C TYR J 61 -1.42 -42.90 -24.18
N ASN J 62 -2.07 -41.92 -24.80
CA ASN J 62 -2.53 -40.72 -24.12
C ASN J 62 -3.62 -41.04 -23.10
N GLN J 63 -4.45 -42.05 -23.37
CA GLN J 63 -5.57 -42.46 -22.53
C GLN J 63 -5.16 -43.34 -21.34
N ALA J 64 -4.26 -44.34 -21.56
CA ALA J 64 -3.73 -45.23 -20.50
C ALA J 64 -3.00 -44.39 -19.47
N LEU J 65 -2.30 -43.34 -19.95
CA LEU J 65 -1.57 -42.42 -19.10
C LEU J 65 -2.55 -41.53 -18.34
N TYR J 66 -3.65 -41.10 -18.99
CA TYR J 66 -4.63 -40.22 -18.36
C TYR J 66 -5.25 -40.89 -17.13
N PHE J 67 -5.79 -42.09 -17.28
CA PHE J 67 -6.43 -42.84 -16.19
C PHE J 67 -5.40 -43.29 -15.15
N TYR J 68 -4.12 -43.56 -15.57
CA TYR J 68 -3.02 -43.84 -14.64
C TYR J 68 -2.76 -42.60 -13.74
N THR J 69 -2.81 -41.39 -14.35
CA THR J 69 -2.61 -40.14 -13.61
C THR J 69 -3.78 -39.86 -12.63
N THR J 70 -5.06 -40.07 -13.08
CA THR J 70 -6.22 -39.83 -12.21
C THR J 70 -6.40 -40.92 -11.12
N GLY J 71 -6.03 -42.16 -11.45
CA GLY J 71 -6.17 -43.30 -10.55
C GLY J 71 -7.60 -43.82 -10.49
N GLN J 72 -8.49 -43.26 -11.34
CA GLN J 72 -9.89 -43.63 -11.39
C GLN J 72 -10.07 -45.04 -11.96
N PRO J 73 -11.08 -45.79 -11.47
CA PRO J 73 -11.35 -47.12 -12.05
C PRO J 73 -11.80 -46.94 -13.51
N VAL J 74 -11.40 -47.90 -14.35
CA VAL J 74 -11.66 -47.87 -15.78
C VAL J 74 -11.91 -49.29 -16.33
N ARG J 75 -12.43 -49.35 -17.55
CA ARG J 75 -12.63 -50.59 -18.26
C ARG J 75 -11.50 -50.76 -19.29
N ILE J 76 -10.82 -51.89 -19.24
CA ILE J 76 -9.75 -52.25 -20.16
C ILE J 76 -10.31 -53.27 -21.14
N TYR J 77 -10.23 -52.94 -22.44
CA TYR J 77 -10.60 -53.84 -23.55
C TYR J 77 -9.32 -54.47 -24.07
N TYR J 78 -9.26 -55.79 -24.19
CA TYR J 78 -8.04 -56.46 -24.65
C TYR J 78 -8.30 -57.61 -25.64
N GLU J 79 -7.25 -57.99 -26.40
CA GLU J 79 -7.32 -59.11 -27.34
C GLU J 79 -6.15 -60.06 -27.03
N PRO J 80 -6.43 -61.29 -26.55
CA PRO J 80 -5.31 -62.22 -26.26
C PRO J 80 -4.71 -62.80 -27.55
N GLY J 81 -3.47 -63.26 -27.43
CA GLY J 81 -2.73 -63.91 -28.52
C GLY J 81 -2.25 -63.05 -29.67
N VAL J 82 -2.19 -61.72 -29.45
CA VAL J 82 -1.73 -60.78 -30.47
C VAL J 82 -0.18 -60.79 -30.52
N TRP J 83 0.48 -60.60 -29.35
CA TRP J 83 1.95 -60.63 -29.29
C TRP J 83 2.39 -62.09 -29.20
N THR J 84 3.31 -62.49 -30.09
CA THR J 84 3.69 -63.89 -30.23
C THR J 84 5.16 -64.21 -29.86
N TYR J 85 6.05 -63.18 -29.75
CA TYR J 85 7.47 -63.39 -29.38
C TYR J 85 7.52 -64.01 -27.97
N PRO J 86 7.96 -65.29 -27.84
CA PRO J 86 7.89 -65.99 -26.54
C PRO J 86 8.54 -65.25 -25.35
N PRO J 87 9.80 -64.71 -25.40
CA PRO J 87 10.35 -64.01 -24.23
C PRO J 87 9.52 -62.80 -23.82
N PHE J 88 8.92 -62.07 -24.79
CA PHE J 88 8.06 -60.91 -24.56
C PHE J 88 6.77 -61.33 -23.86
N VAL J 89 6.06 -62.35 -24.39
CA VAL J 89 4.82 -62.91 -23.82
C VAL J 89 5.07 -63.43 -22.37
N LYS J 90 6.24 -64.07 -22.15
CA LYS J 90 6.63 -64.62 -20.85
C LYS J 90 6.84 -63.50 -19.80
N ALA J 91 7.60 -62.46 -20.16
CA ALA J 91 7.93 -61.33 -19.29
C ALA J 91 6.76 -60.35 -19.13
N LEU J 92 5.90 -60.22 -20.16
CA LEU J 92 4.79 -59.28 -20.11
C LEU J 92 3.44 -59.99 -20.36
N THR J 93 2.89 -59.87 -21.58
CA THR J 93 1.61 -60.44 -21.99
C THR J 93 1.50 -60.58 -23.53
N SER J 94 0.62 -61.50 -23.97
CA SER J 94 0.28 -61.68 -25.38
C SER J 94 -0.93 -60.75 -25.71
N ASN J 95 -1.60 -60.22 -24.67
CA ASN J 95 -2.77 -59.38 -24.77
C ASN J 95 -2.46 -58.02 -25.34
N ALA J 96 -3.24 -57.65 -26.37
CA ALA J 96 -3.17 -56.32 -26.97
C ALA J 96 -4.21 -55.42 -26.32
N LEU J 97 -3.85 -54.16 -25.98
CA LEU J 97 -4.79 -53.17 -25.48
C LEU J 97 -5.56 -52.69 -26.70
N VAL J 98 -6.92 -52.78 -26.67
CA VAL J 98 -7.76 -52.43 -27.82
C VAL J 98 -8.82 -51.35 -27.51
N GLY J 99 -8.89 -50.90 -26.26
CA GLY J 99 -9.83 -49.86 -25.86
C GLY J 99 -9.79 -49.52 -24.38
N LEU J 100 -10.38 -48.36 -24.01
CA LEU J 100 -10.43 -47.84 -22.65
C LEU J 100 -11.72 -47.08 -22.40
N SER J 101 -12.24 -47.18 -21.15
CA SER J 101 -13.52 -46.61 -20.71
C SER J 101 -13.58 -46.12 -19.23
N THR J 102 -14.31 -45.01 -18.96
CA THR J 102 -14.57 -44.53 -17.59
C THR J 102 -15.65 -45.43 -16.95
N CYS J 103 -15.66 -45.60 -15.60
CA CYS J 103 -16.66 -46.43 -14.93
C CYS J 103 -17.48 -45.63 -13.93
N THR J 104 -18.77 -45.99 -13.78
CA THR J 104 -19.70 -45.38 -12.83
C THR J 104 -19.69 -46.24 -11.56
N THR J 105 -19.75 -47.59 -11.73
CA THR J 105 -19.70 -48.60 -10.66
C THR J 105 -18.62 -49.63 -11.02
N SER J 106 -18.51 -50.69 -10.19
CA SER J 106 -17.55 -51.77 -10.36
C SER J 106 -17.85 -52.59 -11.64
N THR J 107 -19.11 -52.55 -12.12
CA THR J 107 -19.56 -53.30 -13.30
C THR J 107 -20.09 -52.40 -14.42
N GLU J 108 -20.65 -51.22 -14.07
CA GLU J 108 -21.22 -50.26 -15.03
C GLU J 108 -20.16 -49.25 -15.49
N CYS J 109 -19.76 -49.36 -16.76
CA CYS J 109 -18.76 -48.49 -17.38
C CYS J 109 -19.33 -47.98 -18.71
N PHE J 110 -18.79 -46.88 -19.24
CA PHE J 110 -19.24 -46.29 -20.50
C PHE J 110 -18.67 -47.05 -21.71
N GLY J 111 -19.47 -47.27 -22.74
CA GLY J 111 -19.04 -47.99 -23.95
C GLY J 111 -19.64 -49.38 -24.13
N PRO J 112 -19.16 -50.13 -25.14
CA PRO J 112 -19.74 -51.45 -25.41
C PRO J 112 -19.43 -52.53 -24.33
N ASP J 113 -20.25 -53.47 -24.11
N SER K 12 -25.92 -25.80 -25.52
CA SER K 12 -25.27 -24.81 -24.66
C SER K 12 -25.29 -25.26 -23.17
N GLY K 13 -24.12 -25.18 -22.52
CA GLY K 13 -23.90 -25.50 -21.12
C GLY K 13 -24.01 -26.96 -20.71
N VAL K 14 -23.15 -27.82 -21.28
CA VAL K 14 -23.14 -29.26 -20.99
C VAL K 14 -21.82 -29.64 -20.26
N VAL K 15 -21.84 -30.78 -19.52
CA VAL K 15 -20.68 -31.30 -18.76
C VAL K 15 -20.31 -32.69 -19.31
N ILE K 16 -19.09 -32.85 -19.80
CA ILE K 16 -18.64 -34.14 -20.33
C ILE K 16 -18.33 -35.08 -19.13
N THR K 17 -19.28 -36.00 -18.80
CA THR K 17 -19.26 -36.93 -17.67
C THR K 17 -18.68 -38.32 -17.96
N GLN K 18 -18.66 -38.75 -19.25
CA GLN K 18 -18.13 -40.06 -19.67
C GLN K 18 -17.21 -39.92 -20.89
N PHE K 19 -16.24 -40.83 -20.99
CA PHE K 19 -15.25 -40.86 -22.07
C PHE K 19 -14.91 -42.30 -22.44
N HIS K 20 -14.81 -42.60 -23.74
CA HIS K 20 -14.42 -43.92 -24.28
C HIS K 20 -13.55 -43.72 -25.53
N THR K 21 -12.49 -44.53 -25.66
CA THR K 21 -11.60 -44.50 -26.81
C THR K 21 -11.44 -45.93 -27.36
N GLY K 22 -11.43 -46.04 -28.69
CA GLY K 22 -11.24 -47.31 -29.37
C GLY K 22 -10.77 -47.12 -30.79
N GLN K 23 -10.96 -48.16 -31.62
CA GLN K 23 -10.62 -48.17 -33.03
C GLN K 23 -11.67 -48.95 -33.82
N ILE K 24 -12.00 -48.46 -35.02
CA ILE K 24 -12.92 -49.14 -35.93
C ILE K 24 -12.42 -48.93 -37.37
N ASP K 25 -12.28 -50.02 -38.12
CA ASP K 25 -11.86 -49.99 -39.52
C ASP K 25 -10.58 -49.12 -39.72
N ASN K 26 -9.52 -49.42 -38.93
CA ASN K 26 -8.19 -48.77 -38.91
C ASN K 26 -8.23 -47.27 -38.51
N LYS K 27 -9.34 -46.81 -37.95
CA LYS K 27 -9.44 -45.42 -37.56
C LYS K 27 -9.68 -45.28 -36.04
N PRO K 28 -8.76 -44.62 -35.28
CA PRO K 28 -9.04 -44.38 -33.86
C PRO K 28 -10.24 -43.43 -33.72
N TYR K 29 -11.00 -43.57 -32.63
CA TYR K 29 -12.15 -42.70 -32.33
C TYR K 29 -12.26 -42.48 -30.80
N PHE K 30 -13.09 -41.50 -30.39
CA PHE K 30 -13.36 -41.18 -28.98
C PHE K 30 -14.85 -40.81 -28.81
N CYS K 31 -15.46 -41.26 -27.70
N CYS K 31 -15.50 -41.31 -27.73
CA CYS K 31 -16.86 -41.03 -27.39
CA CYS K 31 -16.90 -41.01 -27.48
C CYS K 31 -17.01 -40.23 -26.10
C CYS K 31 -17.07 -40.27 -26.15
N ILE K 32 -17.64 -39.05 -26.19
CA ILE K 32 -17.88 -38.21 -25.01
C ILE K 32 -19.36 -38.25 -24.69
N GLU K 33 -19.69 -38.10 -23.40
CA GLU K 33 -21.06 -38.09 -22.95
C GLU K 33 -21.24 -36.96 -22.01
N GLY K 34 -22.22 -36.09 -22.30
CA GLY K 34 -22.53 -34.94 -21.48
C GLY K 34 -23.97 -34.86 -21.04
N LYS K 35 -24.22 -34.24 -19.86
CA LYS K 35 -25.58 -34.02 -19.36
C LYS K 35 -25.84 -32.50 -19.24
N GLN K 36 -27.00 -32.03 -19.79
CA GLN K 36 -27.43 -30.61 -19.79
C GLN K 36 -27.84 -30.17 -18.38
N GLY K 39 -31.97 -30.51 -18.66
CA GLY K 39 -31.79 -31.88 -18.17
C GLY K 39 -31.96 -32.95 -19.23
N SER K 40 -30.99 -33.05 -20.15
CA SER K 40 -30.97 -34.06 -21.23
C SER K 40 -29.54 -34.56 -21.44
N SER K 41 -29.35 -35.79 -22.00
CA SER K 41 -27.99 -36.31 -22.22
C SER K 41 -27.65 -36.48 -23.72
N ILE K 42 -26.39 -36.16 -24.06
CA ILE K 42 -25.87 -36.20 -25.43
C ILE K 42 -24.57 -36.99 -25.48
N SER K 43 -24.47 -37.91 -26.49
CA SER K 43 -23.29 -38.70 -26.81
C SER K 43 -22.84 -38.35 -28.22
N ALA K 44 -21.52 -38.16 -28.40
CA ALA K 44 -20.93 -37.82 -29.68
C ALA K 44 -19.56 -38.44 -29.79
N CYS K 45 -19.20 -38.84 -31.01
N CYS K 45 -19.20 -38.83 -31.02
CA CYS K 45 -17.93 -39.47 -31.35
CA CYS K 45 -17.97 -39.53 -31.40
C CYS K 45 -17.19 -38.60 -32.36
C CYS K 45 -17.24 -38.77 -32.52
N SER K 46 -15.90 -38.85 -32.54
CA SER K 46 -15.08 -38.19 -33.56
C SER K 46 -14.02 -39.18 -33.97
N MET K 47 -14.04 -39.58 -35.23
CA MET K 47 -13.11 -40.55 -35.78
C MET K 47 -12.06 -39.85 -36.60
N LYS K 48 -10.81 -40.31 -36.46
CA LYS K 48 -9.66 -39.79 -37.19
C LYS K 48 -9.77 -40.13 -38.65
N ASN K 49 -9.50 -39.11 -39.52
CA ASN K 49 -9.49 -39.19 -41.00
C ASN K 49 -10.84 -39.67 -41.55
N SER K 50 -11.92 -39.38 -40.83
CA SER K 50 -13.28 -39.75 -41.19
C SER K 50 -14.04 -38.51 -41.62
N SER K 51 -14.01 -38.23 -42.93
CA SER K 51 -14.68 -37.11 -43.60
C SER K 51 -16.17 -37.04 -43.18
N VAL K 52 -16.80 -35.87 -43.14
CA VAL K 52 -16.31 -34.53 -43.49
C VAL K 52 -15.55 -33.87 -42.32
N TRP K 53 -15.76 -34.39 -41.11
CA TRP K 53 -15.22 -33.81 -39.87
C TRP K 53 -13.95 -34.46 -39.32
N GLY K 54 -13.33 -35.35 -40.09
CA GLY K 54 -12.13 -36.09 -39.71
C GLY K 54 -10.86 -35.30 -39.49
N ALA K 55 -10.82 -34.02 -39.93
CA ALA K 55 -9.67 -33.13 -39.77
C ALA K 55 -9.60 -32.58 -38.36
N SER K 56 -10.74 -32.53 -37.66
CA SER K 56 -10.84 -31.95 -36.33
C SER K 56 -10.74 -32.99 -35.17
N PHE K 57 -10.51 -34.29 -35.50
CA PHE K 57 -10.35 -35.35 -34.49
C PHE K 57 -9.38 -34.96 -33.34
N SER K 58 -8.12 -34.60 -33.67
CA SER K 58 -7.07 -34.28 -32.71
C SER K 58 -7.39 -33.08 -31.85
N THR K 59 -7.91 -31.99 -32.45
CA THR K 59 -8.25 -30.76 -31.75
C THR K 59 -9.40 -31.03 -30.79
N LEU K 60 -10.44 -31.72 -31.27
CA LEU K 60 -11.61 -32.03 -30.47
C LEU K 60 -11.28 -33.03 -29.34
N TYR K 61 -10.42 -34.05 -29.61
CA TYR K 61 -10.01 -35.00 -28.57
C TYR K 61 -9.35 -34.26 -27.41
N ASN K 62 -8.39 -33.39 -27.73
CA ASN K 62 -7.67 -32.59 -26.76
C ASN K 62 -8.63 -31.67 -25.98
N GLN K 63 -9.53 -30.99 -26.69
CA GLN K 63 -10.49 -30.06 -26.11
C GLN K 63 -11.51 -30.77 -25.26
N ALA K 64 -12.10 -31.88 -25.73
CA ALA K 64 -13.12 -32.68 -25.00
C ALA K 64 -12.54 -33.34 -23.73
N LEU K 65 -11.28 -33.82 -23.77
CA LEU K 65 -10.60 -34.41 -22.62
C LEU K 65 -10.21 -33.27 -21.59
N TYR K 66 -10.05 -31.98 -22.05
CA TYR K 66 -9.76 -30.81 -21.20
C TYR K 66 -11.04 -30.45 -20.49
N PHE K 67 -12.16 -30.39 -21.24
CA PHE K 67 -13.47 -30.07 -20.69
C PHE K 67 -14.03 -31.23 -19.84
N TYR K 68 -13.57 -32.49 -20.09
CA TYR K 68 -13.98 -33.61 -19.23
C TYR K 68 -13.28 -33.48 -17.87
N THR K 69 -12.10 -32.88 -17.88
CA THR K 69 -11.26 -32.71 -16.69
C THR K 69 -11.70 -31.49 -15.84
N THR K 70 -11.94 -30.30 -16.46
CA THR K 70 -12.36 -29.10 -15.69
C THR K 70 -13.83 -29.21 -15.19
N GLY K 71 -14.69 -29.81 -16.03
CA GLY K 71 -16.11 -29.97 -15.73
C GLY K 71 -16.94 -28.74 -16.06
N GLN K 72 -16.34 -27.75 -16.71
CA GLN K 72 -17.05 -26.50 -17.03
C GLN K 72 -18.16 -26.69 -18.11
N PRO K 73 -19.27 -25.88 -18.02
CA PRO K 73 -20.34 -25.99 -19.02
C PRO K 73 -19.83 -25.56 -20.37
N VAL K 74 -20.08 -26.39 -21.38
CA VAL K 74 -19.60 -26.16 -22.74
C VAL K 74 -20.72 -26.32 -23.75
N ARG K 75 -20.55 -25.70 -24.93
CA ARG K 75 -21.48 -25.84 -26.04
C ARG K 75 -20.98 -27.02 -26.88
N ILE K 76 -21.81 -28.08 -27.01
CA ILE K 76 -21.44 -29.24 -27.82
C ILE K 76 -22.12 -29.10 -29.17
N TYR K 77 -21.32 -29.03 -30.25
CA TYR K 77 -21.81 -28.99 -31.63
C TYR K 77 -21.71 -30.41 -32.17
N TYR K 78 -22.82 -30.97 -32.72
CA TYR K 78 -22.78 -32.34 -33.24
C TYR K 78 -23.53 -32.47 -34.55
N GLU K 79 -23.29 -33.60 -35.28
CA GLU K 79 -24.01 -33.93 -36.48
C GLU K 79 -24.53 -35.36 -36.36
N PRO K 80 -25.87 -35.56 -36.30
CA PRO K 80 -26.41 -36.94 -36.22
C PRO K 80 -26.33 -37.67 -37.55
N GLY K 81 -26.34 -39.00 -37.47
CA GLY K 81 -26.34 -39.89 -38.63
C GLY K 81 -25.05 -40.01 -39.42
N VAL K 82 -23.92 -39.63 -38.83
CA VAL K 82 -22.61 -39.71 -39.49
C VAL K 82 -22.11 -41.18 -39.42
N TRP K 83 -22.09 -41.79 -38.23
CA TRP K 83 -21.66 -43.19 -38.05
C TRP K 83 -22.85 -44.09 -38.34
N THR K 84 -22.66 -45.07 -39.22
CA THR K 84 -23.77 -45.90 -39.71
C THR K 84 -23.72 -47.41 -39.35
N TYR K 85 -22.55 -47.91 -38.88
CA TYR K 85 -22.38 -49.33 -38.49
C TYR K 85 -23.33 -49.63 -37.30
N PRO K 86 -24.37 -50.49 -37.54
CA PRO K 86 -25.41 -50.72 -36.51
C PRO K 86 -24.91 -51.13 -35.12
N PRO K 87 -23.97 -52.11 -34.92
CA PRO K 87 -23.51 -52.42 -33.54
C PRO K 87 -22.83 -51.24 -32.85
N PHE K 88 -22.13 -50.38 -33.62
CA PHE K 88 -21.46 -49.19 -33.09
C PHE K 88 -22.51 -48.17 -32.61
N VAL K 89 -23.51 -47.84 -33.46
CA VAL K 89 -24.58 -46.88 -33.13
C VAL K 89 -25.40 -47.40 -31.88
N LYS K 90 -25.62 -48.75 -31.79
CA LYS K 90 -26.33 -49.41 -30.69
C LYS K 90 -25.58 -49.23 -29.35
N ALA K 91 -24.26 -49.50 -29.34
CA ALA K 91 -23.41 -49.43 -28.16
C ALA K 91 -23.06 -48.00 -27.77
N LEU K 92 -22.90 -47.13 -28.79
CA LEU K 92 -22.52 -45.73 -28.58
C LEU K 92 -23.58 -44.76 -29.20
N THR K 93 -23.28 -44.18 -30.38
CA THR K 93 -24.18 -43.26 -31.09
C THR K 93 -23.78 -43.15 -32.57
N SER K 94 -24.55 -42.35 -33.32
CA SER K 94 -24.35 -42.03 -34.74
C SER K 94 -23.83 -40.58 -34.89
N ASN K 95 -23.92 -39.80 -33.80
CA ASN K 95 -23.52 -38.39 -33.71
C ASN K 95 -22.02 -38.19 -33.80
N ALA K 96 -21.63 -37.19 -34.60
CA ALA K 96 -20.24 -36.80 -34.80
C ALA K 96 -19.99 -35.43 -34.19
N LEU K 97 -18.97 -35.33 -33.32
CA LEU K 97 -18.57 -34.06 -32.65
C LEU K 97 -17.94 -33.14 -33.71
N VAL K 98 -18.54 -31.93 -33.88
CA VAL K 98 -18.14 -30.98 -34.93
C VAL K 98 -17.65 -29.63 -34.36
N GLY K 99 -17.68 -29.49 -33.03
CA GLY K 99 -17.22 -28.29 -32.35
C GLY K 99 -17.46 -28.26 -30.86
N LEU K 100 -16.76 -27.33 -30.16
CA LEU K 100 -16.84 -27.09 -28.70
C LEU K 100 -16.60 -25.61 -28.38
N SER K 101 -17.26 -25.08 -27.32
CA SER K 101 -17.08 -23.67 -26.90
C SER K 101 -17.19 -23.46 -25.38
N THR K 102 -16.76 -22.27 -24.87
CA THR K 102 -16.86 -21.90 -23.46
C THR K 102 -18.10 -21.05 -23.22
N CYS K 103 -18.80 -21.33 -22.13
CA CYS K 103 -20.05 -20.66 -21.78
C CYS K 103 -19.87 -19.70 -20.60
N THR K 104 -20.35 -18.44 -20.75
CA THR K 104 -20.38 -17.40 -19.71
C THR K 104 -21.58 -17.73 -18.78
N THR K 105 -22.74 -18.11 -19.37
CA THR K 105 -23.96 -18.54 -18.69
C THR K 105 -24.40 -19.87 -19.30
N SER K 106 -25.53 -20.45 -18.87
CA SER K 106 -26.02 -21.72 -19.40
C SER K 106 -26.49 -21.59 -20.88
N THR K 107 -26.76 -20.35 -21.33
CA THR K 107 -27.25 -20.04 -22.67
C THR K 107 -26.28 -19.16 -23.48
N GLU K 108 -25.53 -18.26 -22.80
CA GLU K 108 -24.56 -17.36 -23.44
C GLU K 108 -23.20 -18.05 -23.50
N CYS K 109 -22.89 -18.64 -24.66
CA CYS K 109 -21.61 -19.31 -24.88
C CYS K 109 -20.85 -18.54 -25.94
N PHE K 110 -19.60 -18.95 -26.18
CA PHE K 110 -18.72 -18.33 -27.17
C PHE K 110 -18.77 -19.08 -28.52
N GLY K 111 -18.85 -18.35 -29.62
CA GLY K 111 -18.92 -18.98 -30.94
C GLY K 111 -20.25 -18.90 -31.65
N PRO K 112 -20.43 -19.58 -32.81
CA PRO K 112 -21.69 -19.45 -33.55
C PRO K 112 -22.91 -20.13 -32.88
N ASP K 113 -24.05 -19.70 -33.14
N TRP L 2 26.82 -30.00 -31.84
CA TRP L 2 26.31 -30.55 -30.58
C TRP L 2 26.05 -29.43 -29.56
N THR L 3 25.03 -29.62 -28.69
CA THR L 3 24.65 -28.73 -27.59
C THR L 3 25.92 -28.39 -26.75
N GLY L 4 26.72 -29.40 -26.46
CA GLY L 4 27.96 -29.28 -25.68
C GLY L 4 29.22 -28.81 -26.39
N ASP L 5 29.13 -28.27 -27.63
CA ASP L 5 30.30 -27.72 -28.34
C ASP L 5 30.81 -26.49 -27.59
N ALA L 6 32.15 -26.25 -27.60
CA ALA L 6 32.77 -25.12 -26.91
C ALA L 6 32.24 -23.75 -27.39
N ARG L 7 32.01 -23.62 -28.73
CA ARG L 7 31.49 -22.44 -29.43
C ARG L 7 30.20 -21.87 -28.81
N ASP L 8 29.26 -22.76 -28.40
CA ASP L 8 27.98 -22.44 -27.76
C ASP L 8 28.19 -21.99 -26.31
N GLY L 9 27.34 -21.06 -25.87
CA GLY L 9 27.37 -20.52 -24.53
C GLY L 9 26.33 -21.12 -23.60
N MET L 10 26.51 -20.88 -22.30
CA MET L 10 25.60 -21.36 -21.25
C MET L 10 25.30 -20.29 -20.23
N PHE L 11 24.20 -20.49 -19.52
CA PHE L 11 23.79 -19.70 -18.38
C PHE L 11 23.20 -20.70 -17.40
N SER L 12 23.89 -20.92 -16.26
CA SER L 12 23.51 -21.88 -15.20
C SER L 12 22.67 -21.21 -14.08
N GLY L 13 21.83 -22.02 -13.42
CA GLY L 13 20.94 -21.64 -12.31
C GLY L 13 19.94 -20.52 -12.59
N VAL L 14 19.32 -20.52 -13.79
CA VAL L 14 18.32 -19.53 -14.23
C VAL L 14 16.89 -20.12 -14.19
N VAL L 15 15.93 -19.26 -13.83
CA VAL L 15 14.51 -19.59 -13.79
C VAL L 15 13.94 -19.08 -15.08
N ILE L 16 13.12 -19.92 -15.79
CA ILE L 16 12.44 -19.49 -17.02
C ILE L 16 11.29 -18.59 -16.54
N THR L 17 11.45 -17.27 -16.74
CA THR L 17 10.49 -16.28 -16.23
C THR L 17 9.58 -15.73 -17.31
N GLN L 18 10.01 -15.78 -18.60
CA GLN L 18 9.20 -15.25 -19.69
C GLN L 18 9.12 -16.25 -20.86
N PHE L 19 8.01 -16.19 -21.62
CA PHE L 19 7.73 -17.05 -22.75
C PHE L 19 7.05 -16.27 -23.86
N HIS L 20 7.49 -16.46 -25.11
CA HIS L 20 6.93 -15.85 -26.31
C HIS L 20 6.92 -16.86 -27.44
N THR L 21 5.83 -16.89 -28.20
CA THR L 21 5.68 -17.77 -29.36
C THR L 21 5.15 -16.94 -30.51
N GLY L 22 5.65 -17.19 -31.69
CA GLY L 22 5.22 -16.51 -32.89
C GLY L 22 5.56 -17.30 -34.14
N GLN L 23 5.61 -16.62 -35.28
CA GLN L 23 5.96 -17.19 -36.57
C GLN L 23 6.77 -16.20 -37.37
N ILE L 24 7.76 -16.69 -38.11
CA ILE L 24 8.59 -15.92 -39.01
C ILE L 24 8.88 -16.75 -40.25
N ASP L 25 8.57 -16.18 -41.42
CA ASP L 25 8.78 -16.79 -42.73
C ASP L 25 8.35 -18.28 -42.76
N ASN L 26 7.07 -18.49 -42.43
CA ASN L 26 6.33 -19.75 -42.41
C ASN L 26 6.88 -20.78 -41.39
N LYS L 27 7.69 -20.34 -40.42
CA LYS L 27 8.22 -21.22 -39.40
C LYS L 27 7.79 -20.77 -38.00
N PRO L 28 7.06 -21.60 -37.22
CA PRO L 28 6.77 -21.23 -35.82
C PRO L 28 8.05 -21.21 -34.99
N TYR L 29 8.10 -20.37 -33.97
CA TYR L 29 9.25 -20.28 -33.06
C TYR L 29 8.77 -19.96 -31.67
N PHE L 30 9.65 -20.08 -30.68
CA PHE L 30 9.38 -19.68 -29.30
C PHE L 30 10.67 -19.14 -28.69
N CYS L 31 10.55 -18.14 -27.79
N CYS L 31 10.55 -18.16 -27.78
CA CYS L 31 11.65 -17.51 -27.06
CA CYS L 31 11.70 -17.57 -27.09
C CYS L 31 11.39 -17.62 -25.58
C CYS L 31 11.42 -17.59 -25.60
N ILE L 32 12.45 -17.94 -24.80
CA ILE L 32 12.37 -18.08 -23.34
C ILE L 32 13.45 -17.20 -22.69
N GLU L 33 13.04 -16.29 -21.80
CA GLU L 33 13.97 -15.43 -21.06
C GLU L 33 14.17 -16.04 -19.67
N GLY L 34 15.44 -16.16 -19.29
CA GLY L 34 15.85 -16.70 -18.00
C GLY L 34 16.74 -15.78 -17.19
N LYS L 35 16.44 -15.60 -15.89
CA LYS L 35 17.24 -14.76 -14.98
C LYS L 35 17.88 -15.62 -13.94
N SER L 41 20.41 -11.56 -17.20
CA SER L 41 19.34 -12.21 -17.97
C SER L 41 19.81 -12.69 -19.35
N ILE L 42 19.22 -13.80 -19.82
CA ILE L 42 19.52 -14.42 -21.12
C ILE L 42 18.21 -14.73 -21.88
N SER L 43 18.21 -14.48 -23.20
CA SER L 43 17.11 -14.78 -24.11
C SER L 43 17.61 -15.84 -25.12
N ALA L 44 16.81 -16.93 -25.34
CA ALA L 44 17.16 -17.99 -26.28
C ALA L 44 15.90 -18.49 -27.06
N CYS L 45 15.92 -18.34 -28.41
N CYS L 45 15.92 -18.34 -28.41
CA CYS L 45 14.84 -18.72 -29.33
CA CYS L 45 14.83 -18.66 -29.34
C CYS L 45 15.08 -20.10 -29.94
C CYS L 45 15.08 -19.99 -30.11
N SER L 46 14.00 -20.77 -30.36
CA SER L 46 14.05 -22.04 -31.08
C SER L 46 13.01 -22.05 -32.19
N MET L 47 13.43 -22.24 -33.45
CA MET L 47 12.54 -22.22 -34.62
C MET L 47 12.34 -23.59 -35.24
N LYS L 48 11.09 -23.92 -35.62
CA LYS L 48 10.77 -25.19 -36.27
C LYS L 48 11.32 -25.22 -37.68
N ASN L 49 11.94 -26.34 -38.08
CA ASN L 49 12.50 -26.58 -39.42
C ASN L 49 13.55 -25.52 -39.84
N SER L 50 14.14 -24.80 -38.87
CA SER L 50 15.19 -23.83 -39.18
C SER L 50 16.50 -24.35 -38.64
N SER L 51 17.24 -25.04 -39.53
CA SER L 51 18.57 -25.66 -39.34
C SER L 51 19.54 -24.66 -38.67
N VAL L 52 20.57 -25.10 -37.92
CA VAL L 52 20.98 -26.47 -37.62
C VAL L 52 20.16 -27.08 -36.49
N TRP L 53 19.50 -26.22 -35.67
CA TRP L 53 18.83 -26.63 -34.45
C TRP L 53 17.32 -26.83 -34.56
N GLY L 54 16.78 -26.75 -35.78
CA GLY L 54 15.35 -26.91 -36.04
C GLY L 54 14.71 -28.26 -35.79
N ALA L 55 15.52 -29.30 -35.57
CA ALA L 55 15.06 -30.66 -35.28
C ALA L 55 14.61 -30.80 -33.83
N SER L 56 15.15 -29.95 -32.94
CA SER L 56 14.86 -29.97 -31.50
C SER L 56 13.73 -29.01 -31.08
N PHE L 57 13.07 -28.31 -32.02
CA PHE L 57 12.00 -27.37 -31.72
C PHE L 57 10.91 -27.95 -30.81
N SER L 58 10.29 -29.10 -31.20
CA SER L 58 9.19 -29.71 -30.45
C SER L 58 9.60 -30.16 -29.06
N THR L 59 10.78 -30.79 -28.93
CA THR L 59 11.31 -31.28 -27.67
C THR L 59 11.59 -30.11 -26.76
N LEU L 60 12.28 -29.07 -27.27
CA LEU L 60 12.62 -27.89 -26.48
C LEU L 60 11.38 -27.09 -26.09
N TYR L 61 10.38 -26.95 -27.00
CA TYR L 61 9.15 -26.24 -26.69
C TYR L 61 8.46 -26.89 -25.51
N ASN L 62 8.31 -28.20 -25.57
CA ASN L 62 7.68 -28.98 -24.51
C ASN L 62 8.46 -28.86 -23.18
N GLN L 63 9.80 -28.99 -23.22
CA GLN L 63 10.69 -28.90 -22.07
C GLN L 63 10.69 -27.51 -21.47
N ALA L 64 10.90 -26.47 -22.30
CA ALA L 64 10.88 -25.06 -21.90
C ALA L 64 9.51 -24.67 -21.29
N LEU L 65 8.37 -25.19 -21.83
CA LEU L 65 7.05 -24.82 -21.28
C LEU L 65 6.83 -25.52 -19.94
N TYR L 66 7.39 -26.72 -19.76
CA TYR L 66 7.35 -27.52 -18.52
C TYR L 66 8.11 -26.78 -17.42
N PHE L 67 9.36 -26.40 -17.70
CA PHE L 67 10.23 -25.72 -16.75
C PHE L 67 9.68 -24.35 -16.36
N TYR L 68 9.02 -23.64 -17.34
CA TYR L 68 8.36 -22.35 -17.08
C TYR L 68 7.24 -22.54 -16.05
N THR L 69 6.50 -23.66 -16.14
CA THR L 69 5.39 -24.01 -15.24
C THR L 69 5.91 -24.28 -13.81
N THR L 70 6.96 -25.10 -13.65
CA THR L 70 7.51 -25.47 -12.34
C THR L 70 8.26 -24.29 -11.72
N GLY L 71 8.96 -23.51 -12.53
CA GLY L 71 9.76 -22.38 -12.05
C GLY L 71 11.10 -22.82 -11.47
N GLN L 72 11.44 -24.11 -11.58
CA GLN L 72 12.69 -24.66 -11.07
C GLN L 72 13.90 -24.07 -11.81
N PRO L 73 15.06 -23.95 -11.10
CA PRO L 73 16.27 -23.44 -11.79
C PRO L 73 16.78 -24.44 -12.81
N VAL L 74 17.14 -23.94 -14.00
CA VAL L 74 17.64 -24.74 -15.14
C VAL L 74 18.82 -24.02 -15.86
N ARG L 75 19.56 -24.80 -16.65
CA ARG L 75 20.67 -24.28 -17.44
C ARG L 75 20.19 -24.12 -18.89
N ILE L 76 20.45 -22.93 -19.47
CA ILE L 76 20.08 -22.62 -20.85
C ILE L 76 21.34 -22.66 -21.72
N TYR L 77 21.30 -23.51 -22.76
CA TYR L 77 22.34 -23.66 -23.77
C TYR L 77 21.94 -22.87 -24.98
N TYR L 78 22.82 -22.00 -25.47
CA TYR L 78 22.48 -21.17 -26.62
C TYR L 78 23.66 -21.06 -27.61
N GLU L 79 23.37 -20.63 -28.85
CA GLU L 79 24.38 -20.35 -29.86
C GLU L 79 24.12 -18.96 -30.41
N PRO L 80 25.00 -17.97 -30.15
CA PRO L 80 24.74 -16.61 -30.68
C PRO L 80 24.97 -16.51 -32.20
N GLY L 81 24.32 -15.51 -32.79
CA GLY L 81 24.40 -15.18 -34.21
C GLY L 81 23.73 -16.12 -35.18
N VAL L 82 22.79 -16.96 -34.69
CA VAL L 82 22.05 -17.92 -35.52
C VAL L 82 20.92 -17.19 -36.26
N TRP L 83 20.09 -16.42 -35.55
CA TRP L 83 19.01 -15.66 -36.15
C TRP L 83 19.61 -14.34 -36.66
N THR L 84 19.37 -14.01 -37.92
CA THR L 84 20.04 -12.88 -38.56
C THR L 84 19.11 -11.71 -38.96
N TYR L 85 17.78 -11.91 -39.02
CA TYR L 85 16.83 -10.86 -39.39
C TYR L 85 16.94 -9.70 -38.36
N PRO L 86 17.42 -8.51 -38.81
CA PRO L 86 17.70 -7.41 -37.86
C PRO L 86 16.53 -7.00 -36.94
N PRO L 87 15.26 -6.80 -37.40
CA PRO L 87 14.20 -6.43 -36.45
C PRO L 87 13.94 -7.52 -35.40
N PHE L 88 14.10 -8.81 -35.76
CA PHE L 88 13.94 -9.95 -34.85
C PHE L 88 15.03 -9.93 -33.79
N VAL L 89 16.30 -9.81 -34.21
CA VAL L 89 17.46 -9.77 -33.32
C VAL L 89 17.34 -8.58 -32.34
N LYS L 90 16.84 -7.42 -32.84
CA LYS L 90 16.65 -6.19 -32.07
C LYS L 90 15.60 -6.38 -30.97
N ALA L 91 14.41 -6.91 -31.36
CA ALA L 91 13.25 -7.13 -30.48
C ALA L 91 13.44 -8.31 -29.54
N LEU L 92 14.13 -9.36 -29.99
CA LEU L 92 14.33 -10.55 -29.18
C LEU L 92 15.79 -10.86 -28.94
N THR L 93 16.35 -11.78 -29.72
CA THR L 93 17.75 -12.20 -29.64
C THR L 93 18.16 -12.83 -31.00
N SER L 94 19.47 -13.12 -31.16
CA SER L 94 20.12 -13.80 -32.29
C SER L 94 20.52 -15.20 -31.83
N ASN L 95 20.56 -15.39 -30.50
CA ASN L 95 20.91 -16.65 -29.86
C ASN L 95 19.85 -17.68 -30.09
N ALA L 96 20.28 -18.91 -30.40
CA ALA L 96 19.40 -20.05 -30.60
C ALA L 96 19.38 -20.93 -29.34
N LEU L 97 18.18 -21.39 -28.87
CA LEU L 97 18.09 -22.32 -27.74
C LEU L 97 18.47 -23.69 -28.26
N VAL L 98 19.59 -24.20 -27.77
CA VAL L 98 20.12 -25.45 -28.27
C VAL L 98 20.08 -26.58 -27.21
N GLY L 99 19.63 -26.26 -26.00
CA GLY L 99 19.54 -27.24 -24.92
C GLY L 99 19.02 -26.69 -23.60
N LEU L 100 18.60 -27.60 -22.71
CA LEU L 100 18.09 -27.28 -21.36
C LEU L 100 18.51 -28.32 -20.32
N SER L 101 18.79 -27.89 -19.07
CA SER L 101 19.25 -28.79 -18.02
C SER L 101 18.68 -28.50 -16.66
N THR L 102 18.38 -29.53 -15.87
CA THR L 102 17.98 -29.37 -14.48
C THR L 102 19.28 -28.96 -13.67
N CYS L 103 19.16 -28.01 -12.69
CA CYS L 103 20.26 -27.47 -11.85
C CYS L 103 20.09 -27.92 -10.40
N THR L 104 21.19 -28.40 -9.75
CA THR L 104 21.17 -28.79 -8.34
C THR L 104 21.47 -27.52 -7.51
N THR L 105 22.47 -26.72 -7.96
CA THR L 105 22.86 -25.43 -7.36
C THR L 105 22.87 -24.38 -8.47
N SER L 106 23.26 -23.14 -8.16
CA SER L 106 23.31 -22.06 -9.15
C SER L 106 24.42 -22.27 -10.21
N THR L 107 25.39 -23.17 -9.93
CA THR L 107 26.52 -23.46 -10.81
C THR L 107 26.56 -24.94 -11.25
N GLU L 108 26.09 -25.87 -10.37
CA GLU L 108 26.07 -27.30 -10.65
C GLU L 108 24.73 -27.70 -11.31
N CYS L 109 24.75 -27.90 -12.66
CA CYS L 109 23.61 -28.32 -13.50
C CYS L 109 24.00 -29.58 -14.28
N PHE L 110 23.06 -30.53 -14.46
CA PHE L 110 23.26 -31.78 -15.20
C PHE L 110 23.56 -31.50 -16.69
N GLY L 111 24.51 -32.23 -17.28
CA GLY L 111 24.85 -32.09 -18.69
C GLY L 111 26.23 -31.54 -18.99
N PRO L 112 26.53 -31.29 -20.29
CA PRO L 112 27.87 -30.78 -20.66
C PRO L 112 28.15 -29.34 -20.18
N ASP L 113 29.34 -29.00 -20.01
C1 GOL M . -14.21 16.33 15.40
O1 GOL M . -13.59 15.82 16.58
C2 GOL M . -14.83 17.68 15.66
O2 GOL M . -15.90 17.86 14.74
C3 GOL M . -13.81 18.77 15.46
O3 GOL M . -14.41 20.02 15.07
S SO4 N . -10.04 -23.81 26.03
O1 SO4 N . -10.52 -23.36 27.34
O2 SO4 N . -9.21 -22.73 25.49
O3 SO4 N . -9.26 -25.07 26.12
O4 SO4 N . -11.21 -24.01 25.16
#